data_2QEK
# 
_entry.id   2QEK 
# 
_audit_conform.dict_name       mmcif_pdbx.dic 
_audit_conform.dict_version    5.377 
_audit_conform.dict_location   http://mmcif.pdb.org/dictionaries/ascii/mmcif_pdbx.dic 
# 
loop_
_database_2.database_id 
_database_2.database_code 
_database_2.pdbx_database_accession 
_database_2.pdbx_DOI 
PDB   2QEK         pdb_00002qek 10.2210/pdb2qek/pdb 
NDB   UR0199       ?            ?                   
RCSB  RCSB043499   ?            ?                   
WWPDB D_1000043499 ?            ?                   
# 
loop_
_pdbx_database_related.db_name 
_pdbx_database_related.db_id 
_pdbx_database_related.details 
_pdbx_database_related.content_type 
PDB 462D 'HIV-1 subtype A DIS RNA extended duplex form' unspecified 
PDB 1Y99 'HIV-1 subtype A DIS RNA extended duplex form' unspecified 
PDB 1XP7 'HIV-1 subtype F DIS RNA kissing complex form' unspecified 
PDB 1ZCI 'HIV-1 subtype F DIS RNA kissing complex form' unspecified 
# 
_pdbx_database_status.entry_id                        2QEK 
_pdbx_database_status.status_code                     REL 
_pdbx_database_status.status_code_sf                  REL 
_pdbx_database_status.deposit_site                    RCSB 
_pdbx_database_status.process_site                    RCSB 
_pdbx_database_status.recvd_initial_deposition_date   2007-06-26 
_pdbx_database_status.SG_entry                        N 
_pdbx_database_status.status_code_mr                  ? 
_pdbx_database_status.pdb_format_compatible           Y 
_pdbx_database_status.status_code_cs                  ? 
_pdbx_database_status.status_code_nmr_data            ? 
_pdbx_database_status.methods_development_category    ? 
# 
loop_
_audit_author.name 
_audit_author.pdbx_ordinal 
'Freisz, S.'  1 
'Ennifar, E.' 2 
'Dumas, P.'   3 
# 
_citation.id                        primary 
_citation.title                     
'Binding of aminoglycoside antibiotics to the duplex form of the HIV-1 genomic RNA dimerization initiation site.' 
_citation.journal_abbrev            Angew.Chem.Int.Ed.Engl. 
_citation.journal_volume            47 
_citation.page_first                4110 
_citation.page_last                 4113 
_citation.year                      2008 
_citation.journal_id_ASTM           ACIEAY 
_citation.country                   GE 
_citation.journal_id_ISSN           0570-0833 
_citation.journal_id_CSD            0179 
_citation.book_publisher            ? 
_citation.pdbx_database_id_PubMed   18435520 
_citation.pdbx_database_id_DOI      10.1002/anie.200800726 
# 
loop_
_citation_author.citation_id 
_citation_author.name 
_citation_author.ordinal 
_citation_author.identifier_ORCID 
primary 'Freisz, S.'  1 ? 
primary 'Lang, K.'    2 ? 
primary 'Micura, R.'  3 ? 
primary 'Dumas, P.'   4 ? 
primary 'Ennifar, E.' 5 ? 
# 
_cell.entry_id           2QEK 
_cell.length_a           43.773 
_cell.length_b           37.355 
_cell.length_c           44.965 
_cell.angle_alpha        90.00 
_cell.angle_beta         111.24 
_cell.angle_gamma        90.00 
_cell.Z_PDB              4 
_cell.pdbx_unique_axis   ? 
_cell.length_a_esd       ? 
_cell.length_b_esd       ? 
_cell.length_c_esd       ? 
_cell.angle_alpha_esd    ? 
_cell.angle_beta_esd     ? 
_cell.angle_gamma_esd    ? 
# 
_symmetry.entry_id                         2QEK 
_symmetry.space_group_name_H-M             'P 1 21 1' 
_symmetry.pdbx_full_space_group_name_H-M   ? 
_symmetry.Int_Tables_number                4 
_symmetry.cell_setting                     ? 
_symmetry.space_group_name_Hall            ? 
# 
loop_
_entity.id 
_entity.type 
_entity.src_method 
_entity.pdbx_description 
_entity.formula_weight 
_entity.pdbx_number_of_molecules 
_entity.pdbx_ec 
_entity.pdbx_mutation 
_entity.pdbx_fragment 
_entity.details 
1 polymer     syn 'HIV-1 subtype F DIS genomic RNA' 7386.472 2  ? ? ? ? 
2 non-polymer syn 'POTASSIUM ION'                   39.098   3  ? ? ? ? 
3 non-polymer syn 'MAGNESIUM ION'                   24.305   1  ? ? ? ? 
4 water       nat water                             18.015   73 ? ? ? ? 
# 
_entity_poly.entity_id                      1 
_entity_poly.type                           polyribonucleotide 
_entity_poly.nstd_linkage                   no 
_entity_poly.nstd_monomer                   no 
_entity_poly.pdbx_seq_one_letter_code       CUUGCUGAAGUGCACACAGCAAG 
_entity_poly.pdbx_seq_one_letter_code_can   CUUGCUGAAGUGCACACAGCAAG 
_entity_poly.pdbx_strand_id                 A,B 
_entity_poly.pdbx_target_identifier         ? 
# 
loop_
_entity_poly_seq.entity_id 
_entity_poly_seq.num 
_entity_poly_seq.mon_id 
_entity_poly_seq.hetero 
1 1  C n 
1 2  U n 
1 3  U n 
1 4  G n 
1 5  C n 
1 6  U n 
1 7  G n 
1 8  A n 
1 9  A n 
1 10 G n 
1 11 U n 
1 12 G n 
1 13 C n 
1 14 A n 
1 15 C n 
1 16 A n 
1 17 C n 
1 18 A n 
1 19 G n 
1 20 C n 
1 21 A n 
1 22 A n 
1 23 G n 
# 
_pdbx_entity_src_syn.entity_id              1 
_pdbx_entity_src_syn.pdbx_src_id            1 
_pdbx_entity_src_syn.pdbx_alt_source_flag   sample 
_pdbx_entity_src_syn.pdbx_beg_seq_num       ? 
_pdbx_entity_src_syn.pdbx_end_seq_num       ? 
_pdbx_entity_src_syn.organism_scientific    ? 
_pdbx_entity_src_syn.organism_common_name   ? 
_pdbx_entity_src_syn.ncbi_taxonomy_id       ? 
_pdbx_entity_src_syn.details                'This sequence occurs naturally in HIV-1 subtype F' 
# 
_struct_ref.id                         1 
_struct_ref.entity_id                  1 
_struct_ref.db_name                    PDB 
_struct_ref.db_code                    2QEK 
_struct_ref.pdbx_db_accession          2QEK 
_struct_ref.pdbx_db_isoform            ? 
_struct_ref.pdbx_seq_one_letter_code   ? 
_struct_ref.pdbx_align_begin           ? 
# 
loop_
_struct_ref_seq.align_id 
_struct_ref_seq.ref_id 
_struct_ref_seq.pdbx_PDB_id_code 
_struct_ref_seq.pdbx_strand_id 
_struct_ref_seq.seq_align_beg 
_struct_ref_seq.pdbx_seq_align_beg_ins_code 
_struct_ref_seq.seq_align_end 
_struct_ref_seq.pdbx_seq_align_end_ins_code 
_struct_ref_seq.pdbx_db_accession 
_struct_ref_seq.db_align_beg 
_struct_ref_seq.pdbx_db_align_beg_ins_code 
_struct_ref_seq.db_align_end 
_struct_ref_seq.pdbx_db_align_end_ins_code 
_struct_ref_seq.pdbx_auth_seq_align_beg 
_struct_ref_seq.pdbx_auth_seq_align_end 
1 1 2QEK A 1 ? 23 ? 2QEK 1 ? 23 ? 1 23 
2 1 2QEK B 1 ? 23 ? 2QEK 1 ? 23 ? 1 23 
# 
loop_
_chem_comp.id 
_chem_comp.type 
_chem_comp.mon_nstd_flag 
_chem_comp.name 
_chem_comp.pdbx_synonyms 
_chem_comp.formula 
_chem_comp.formula_weight 
A   'RNA linking' y "ADENOSINE-5'-MONOPHOSPHATE" ? 'C10 H14 N5 O7 P' 347.221 
C   'RNA linking' y "CYTIDINE-5'-MONOPHOSPHATE"  ? 'C9 H14 N3 O8 P'  323.197 
G   'RNA linking' y "GUANOSINE-5'-MONOPHOSPHATE" ? 'C10 H14 N5 O8 P' 363.221 
HOH non-polymer   . WATER                        ? 'H2 O'            18.015  
K   non-polymer   . 'POTASSIUM ION'              ? 'K 1'             39.098  
MG  non-polymer   . 'MAGNESIUM ION'              ? 'Mg 2'            24.305  
U   'RNA linking' y "URIDINE-5'-MONOPHOSPHATE"   ? 'C9 H13 N2 O9 P'  324.181 
# 
_exptl.entry_id          2QEK 
_exptl.method            'X-RAY DIFFRACTION' 
_exptl.crystals_number   1 
# 
_exptl_crystal.id                    1 
_exptl_crystal.density_meas          ? 
_exptl_crystal.density_Matthews      2.32 
_exptl_crystal.density_percent_sol   46.97 
_exptl_crystal.description           ? 
_exptl_crystal.F_000                 ? 
_exptl_crystal.preparation           ? 
# 
_exptl_crystal_grow.crystal_id      1 
_exptl_crystal_grow.method          'VAPOR DIFFUSION, SITTING DROP' 
_exptl_crystal_grow.temp            310 
_exptl_crystal_grow.pH              6.2 
_exptl_crystal_grow.pdbx_details    'MPD, MgCl2, KCl, Na cacodylate, pH 6.2, VAPOR DIFFUSION, SITTING DROP, temperature 310K' 
_exptl_crystal_grow.temp_details    ? 
_exptl_crystal_grow.pdbx_pH_range   . 
# 
loop_
_exptl_crystal_grow_comp.crystal_id 
_exptl_crystal_grow_comp.id 
_exptl_crystal_grow_comp.sol_id 
_exptl_crystal_grow_comp.name 
_exptl_crystal_grow_comp.conc 
_exptl_crystal_grow_comp.volume 
_exptl_crystal_grow_comp.details 
1 1 1 'Na cacodylate' ? ? ? 
1 2 1 MPD             ? ? ? 
1 3 1 MgCl2           ? ? ? 
1 4 1 KCl             ? ? ? 
1 5 2 MPD             ? ? ? 
1 6 2 MgCl2           ? ? ? 
1 7 2 KCl             ? ? ? 
# 
_diffrn.id                     1 
_diffrn.ambient_temp           90 
_diffrn.ambient_temp_details   ? 
_diffrn.crystal_id             1 
# 
_diffrn_detector.diffrn_id              1 
_diffrn_detector.detector               CCD 
_diffrn_detector.type                   'ADSC QUANTUM 315' 
_diffrn_detector.pdbx_collection_date   2007-04-23 
_diffrn_detector.details                crystal 
# 
_diffrn_radiation.diffrn_id                        1 
_diffrn_radiation.wavelength_id                    1 
_diffrn_radiation.pdbx_monochromatic_or_laue_m_l   M 
_diffrn_radiation.monochromator                    crystal 
_diffrn_radiation.pdbx_diffrn_protocol             'SINGLE WAVELENGTH' 
_diffrn_radiation.pdbx_scattering_type             x-ray 
# 
_diffrn_radiation_wavelength.id           1 
_diffrn_radiation_wavelength.wavelength   0.976 
_diffrn_radiation_wavelength.wt           1.0 
# 
_diffrn_source.diffrn_id                   1 
_diffrn_source.source                      SYNCHROTRON 
_diffrn_source.type                        'ESRF BEAMLINE ID23-1' 
_diffrn_source.pdbx_synchrotron_site       ESRF 
_diffrn_source.pdbx_synchrotron_beamline   ID23-1 
_diffrn_source.pdbx_wavelength             ? 
_diffrn_source.pdbx_wavelength_list        0.976 
# 
_reflns.entry_id                     2QEK 
_reflns.observed_criterion_sigma_I   0 
_reflns.observed_criterion_sigma_F   0 
_reflns.d_resolution_low             30.0 
_reflns.d_resolution_high            1.80 
_reflns.number_obs                   24275 
_reflns.number_all                   24846 
_reflns.percent_possible_obs         0.977 
_reflns.pdbx_Rmerge_I_obs            ? 
_reflns.pdbx_Rsym_value              0.063 
_reflns.pdbx_netI_over_sigmaI        19.3 
_reflns.B_iso_Wilson_estimate        28.0 
_reflns.pdbx_redundancy              6 
_reflns.R_free_details               ? 
_reflns.pdbx_chi_squared             ? 
_reflns.pdbx_scaling_rejects         ? 
_reflns.pdbx_diffrn_id               1 
_reflns.pdbx_ordinal                 1 
# 
_reflns_shell.d_res_high             1.80 
_reflns_shell.d_res_low              1.86 
_reflns_shell.percent_possible_all   0.998 
_reflns_shell.Rmerge_I_obs           ? 
_reflns_shell.pdbx_Rsym_value        0.35 
_reflns_shell.meanI_over_sigI_obs    6.6 
_reflns_shell.pdbx_redundancy        5 
_reflns_shell.percent_possible_obs   ? 
_reflns_shell.number_unique_all      2472 
_reflns_shell.number_measured_all    ? 
_reflns_shell.number_measured_obs    ? 
_reflns_shell.number_unique_obs      ? 
_reflns_shell.pdbx_chi_squared       ? 
_reflns_shell.pdbx_diffrn_id         ? 
_reflns_shell.pdbx_ordinal           1 
# 
_refine.entry_id                                 2QEK 
_refine.ls_number_reflns_obs                     11842 
_refine.ls_number_reflns_all                     12733 
_refine.pdbx_ls_sigma_I                          ? 
_refine.pdbx_ls_sigma_F                          3.0 
_refine.pdbx_data_cutoff_high_absF               558620.75 
_refine.pdbx_data_cutoff_low_absF                0.000000 
_refine.pdbx_data_cutoff_high_rms_absF           ? 
_refine.ls_d_res_low                             21.69 
_refine.ls_d_res_high                            1.80 
_refine.ls_percent_reflns_obs                    93.0 
_refine.ls_R_factor_obs                          0.2511 
_refine.ls_R_factor_all                          0.2511 
_refine.ls_R_factor_R_work                       0.251 
_refine.ls_R_factor_R_free                       0.265 
_refine.ls_R_factor_R_free_error                 0.009 
_refine.ls_R_factor_R_free_error_details         ? 
_refine.ls_percent_reflns_R_free                 7.9 
_refine.ls_number_reflns_R_free                  941 
_refine.ls_number_parameters                     ? 
_refine.ls_number_restraints                     ? 
_refine.occupancy_min                            ? 
_refine.occupancy_max                            ? 
_refine.correlation_coeff_Fo_to_Fc               ? 
_refine.correlation_coeff_Fo_to_Fc_free          ? 
_refine.B_iso_mean                               39.3 
_refine.aniso_B[1][1]                            0.17 
_refine.aniso_B[2][2]                            -1.20 
_refine.aniso_B[3][3]                            1.03 
_refine.aniso_B[1][2]                            0.00 
_refine.aniso_B[1][3]                            -2.44 
_refine.aniso_B[2][3]                            0.00 
_refine.solvent_model_details                    'FLAT MODEL' 
_refine.solvent_model_param_ksol                 0.372645 
_refine.solvent_model_param_bsol                 56.0178 
_refine.pdbx_solvent_vdw_probe_radii             ? 
_refine.pdbx_solvent_ion_probe_radii             ? 
_refine.pdbx_solvent_shrinkage_radii             ? 
_refine.pdbx_ls_cross_valid_method               THROUGHOUT 
_refine.details                                  ? 
_refine.pdbx_starting_model                      1Y99 
_refine.pdbx_method_to_determine_struct          'MOLECULAR REPLACEMENT' 
_refine.pdbx_isotropic_thermal_model             RESTRAINED 
_refine.pdbx_stereochemistry_target_values       ? 
_refine.pdbx_stereochem_target_val_spec_case     ? 
_refine.pdbx_R_Free_selection_details            RANDOM 
_refine.pdbx_overall_ESU_R                       ? 
_refine.pdbx_overall_ESU_R_Free                  ? 
_refine.overall_SU_ML                            ? 
_refine.overall_SU_B                             ? 
_refine.ls_redundancy_reflns_obs                 ? 
_refine.overall_SU_R_Cruickshank_DPI             ? 
_refine.overall_SU_R_free                        ? 
_refine.ls_wR_factor_R_free                      ? 
_refine.ls_wR_factor_R_work                      ? 
_refine.overall_FOM_free_R_set                   ? 
_refine.overall_FOM_work_R_set                   ? 
_refine.pdbx_overall_phase_error                 ? 
_refine.pdbx_refine_id                           'X-RAY DIFFRACTION' 
_refine.pdbx_diffrn_id                           1 
_refine.pdbx_TLS_residual_ADP_flag               ? 
_refine.pdbx_overall_SU_R_free_Cruickshank_DPI   ? 
_refine.pdbx_overall_SU_R_Blow_DPI               ? 
_refine.pdbx_overall_SU_R_free_Blow_DPI          ? 
# 
_refine_analyze.entry_id                        2QEK 
_refine_analyze.Luzzati_coordinate_error_obs    0.29 
_refine_analyze.Luzzati_sigma_a_obs             0.17 
_refine_analyze.Luzzati_d_res_low_obs           5.00 
_refine_analyze.Luzzati_coordinate_error_free   0.32 
_refine_analyze.Luzzati_sigma_a_free            0.23 
_refine_analyze.Luzzati_d_res_low_free          ? 
_refine_analyze.number_disordered_residues      ? 
_refine_analyze.occupancy_sum_hydrogen          ? 
_refine_analyze.occupancy_sum_non_hydrogen      ? 
_refine_analyze.pdbx_refine_id                  'X-RAY DIFFRACTION' 
# 
_refine_hist.pdbx_refine_id                   'X-RAY DIFFRACTION' 
_refine_hist.cycle_id                         LAST 
_refine_hist.pdbx_number_atoms_protein        0 
_refine_hist.pdbx_number_atoms_nucleic_acid   978 
_refine_hist.pdbx_number_atoms_ligand         4 
_refine_hist.number_atoms_solvent             73 
_refine_hist.number_atoms_total               1055 
_refine_hist.d_res_high                       1.80 
_refine_hist.d_res_low                        21.69 
# 
loop_
_refine_ls_restr.type 
_refine_ls_restr.dev_ideal 
_refine_ls_restr.dev_ideal_target 
_refine_ls_restr.weight 
_refine_ls_restr.number 
_refine_ls_restr.pdbx_refine_id 
_refine_ls_restr.pdbx_restraint_function 
c_bond_d           0.005 ? ? ? 'X-RAY DIFFRACTION' ? 
c_angle_deg        1.0   ? ? ? 'X-RAY DIFFRACTION' ? 
c_dihedral_angle_d 8.1   ? ? ? 'X-RAY DIFFRACTION' ? 
c_improper_angle_d 1.34  ? ? ? 'X-RAY DIFFRACTION' ? 
# 
_refine_ls_shell.pdbx_total_number_of_bins_used   6 
_refine_ls_shell.d_res_high                       1.80 
_refine_ls_shell.d_res_low                        1.91 
_refine_ls_shell.number_reflns_R_work             1629 
_refine_ls_shell.R_factor_R_work                  0.272 
_refine_ls_shell.percent_reflns_obs               84.9 
_refine_ls_shell.R_factor_R_free                  0.306 
_refine_ls_shell.R_factor_R_free_error            0.025 
_refine_ls_shell.percent_reflns_R_free            8.4 
_refine_ls_shell.number_reflns_R_free             149 
_refine_ls_shell.number_reflns_all                ? 
_refine_ls_shell.R_factor_all                     ? 
_refine_ls_shell.number_reflns_obs                ? 
_refine_ls_shell.redundancy_reflns_obs            ? 
_refine_ls_shell.pdbx_refine_id                   'X-RAY DIFFRACTION' 
# 
loop_
_pdbx_xplor_file.serial_no 
_pdbx_xplor_file.param_file 
_pdbx_xplor_file.topol_file 
_pdbx_xplor_file.pdbx_refine_id 
1 luc.param       dna-rna.top   'X-RAY DIFFRACTION' 
2 water_rep.param water_rep.top 'X-RAY DIFFRACTION' 
3 ion.param       ion.top       'X-RAY DIFFRACTION' 
# 
_struct.entry_id                  2QEK 
_struct.title                     'HIV-1 subtype F DIS RNA extended duplex form' 
_struct.pdbx_model_details        ? 
_struct.pdbx_CASP_flag            N 
_struct.pdbx_model_type_details   ? 
# 
_struct_keywords.entry_id        2QEK 
_struct_keywords.pdbx_keywords   RNA 
_struct_keywords.text            'HIV RNA Bulged-adenine, RNA' 
# 
loop_
_struct_asym.id 
_struct_asym.pdbx_blank_PDB_chainid_flag 
_struct_asym.pdbx_modified 
_struct_asym.entity_id 
_struct_asym.details 
A N N 1 ? 
B N N 1 ? 
C N N 2 ? 
D N N 2 ? 
E N N 3 ? 
F N N 2 ? 
G N N 4 ? 
H N N 4 ? 
# 
loop_
_struct_conn.id 
_struct_conn.conn_type_id 
_struct_conn.pdbx_leaving_atom_flag 
_struct_conn.pdbx_PDB_id 
_struct_conn.ptnr1_label_asym_id 
_struct_conn.ptnr1_label_comp_id 
_struct_conn.ptnr1_label_seq_id 
_struct_conn.ptnr1_label_atom_id 
_struct_conn.pdbx_ptnr1_label_alt_id 
_struct_conn.pdbx_ptnr1_PDB_ins_code 
_struct_conn.pdbx_ptnr1_standard_comp_id 
_struct_conn.ptnr1_symmetry 
_struct_conn.ptnr2_label_asym_id 
_struct_conn.ptnr2_label_comp_id 
_struct_conn.ptnr2_label_seq_id 
_struct_conn.ptnr2_label_atom_id 
_struct_conn.pdbx_ptnr2_label_alt_id 
_struct_conn.pdbx_ptnr2_PDB_ins_code 
_struct_conn.ptnr1_auth_asym_id 
_struct_conn.ptnr1_auth_comp_id 
_struct_conn.ptnr1_auth_seq_id 
_struct_conn.ptnr2_auth_asym_id 
_struct_conn.ptnr2_auth_comp_id 
_struct_conn.ptnr2_auth_seq_id 
_struct_conn.ptnr2_symmetry 
_struct_conn.pdbx_ptnr3_label_atom_id 
_struct_conn.pdbx_ptnr3_label_seq_id 
_struct_conn.pdbx_ptnr3_label_comp_id 
_struct_conn.pdbx_ptnr3_label_asym_id 
_struct_conn.pdbx_ptnr3_label_alt_id 
_struct_conn.pdbx_ptnr3_PDB_ins_code 
_struct_conn.details 
_struct_conn.pdbx_dist_value 
_struct_conn.pdbx_value_order 
_struct_conn.pdbx_role 
metalc1  metalc ? ? A U   3  O4 ? ? ? 1_555 C K   .  K  ? ? A U   3    A K   9002 1_555 ? ? ? ? ? ? ?             2.829 ? ? 
metalc2  metalc ? ? A G   4  O6 ? ? ? 1_555 C K   .  K  ? ? A G   4    A K   9002 1_555 ? ? ? ? ? ? ?             2.749 ? ? 
metalc3  metalc ? ? A U   6  O4 ? ? ? 1_555 D K   .  K  ? ? A U   6    A K   9003 1_555 ? ? ? ? ? ? ?             2.673 ? ? 
metalc4  metalc ? ? A G   7  O6 ? ? ? 1_555 D K   .  K  ? ? A G   7    A K   9003 1_555 ? ? ? ? ? ? ?             2.605 ? ? 
metalc5  metalc ? ? C K   .  K  ? ? ? 1_555 G HOH .  O  ? ? A K   9002 A HOH 9020 1_555 ? ? ? ? ? ? ?             2.881 ? ? 
metalc6  metalc ? ? D K   .  K  ? ? ? 1_555 G HOH .  O  ? ? A K   9003 A HOH 9005 1_555 ? ? ? ? ? ? ?             2.683 ? ? 
metalc7  metalc ? ? D K   .  K  ? ? ? 1_555 G HOH .  O  ? ? A K   9003 A HOH 9010 1_555 ? ? ? ? ? ? ?             2.822 ? ? 
metalc8  metalc ? ? E MG  .  MG ? ? ? 1_555 H HOH .  O  ? ? A MG  9004 B HOH 9004 1_555 ? ? ? ? ? ? ?             2.039 ? ? 
metalc9  metalc ? ? G HOH .  O  ? ? ? 1_555 F K   .  K  ? ? A HOH 9025 B K   9001 1_555 ? ? ? ? ? ? ?             2.754 ? ? 
metalc10 metalc ? ? B U   3  O4 ? ? ? 1_555 F K   .  K  ? ? B U   3    B K   9001 1_555 ? ? ? ? ? ? ?             2.746 ? ? 
metalc11 metalc ? ? B G   4  O6 ? ? ? 1_555 F K   .  K  ? ? B G   4    B K   9001 1_555 ? ? ? ? ? ? ?             2.731 ? ? 
metalc12 metalc ? ? F K   .  K  ? ? ? 1_555 H HOH .  O  ? ? B K   9001 B HOH 9012 1_555 ? ? ? ? ? ? ?             2.737 ? ? 
hydrog1  hydrog ? ? A C   1  N3 ? ? ? 1_555 B G   23 N1 ? ? A C   1    B G   23   1_555 ? ? ? ? ? ? WATSON-CRICK  ?     ? ? 
hydrog2  hydrog ? ? A C   1  N4 ? ? ? 1_555 B G   23 O6 ? ? A C   1    B G   23   1_555 ? ? ? ? ? ? WATSON-CRICK  ?     ? ? 
hydrog3  hydrog ? ? A C   1  O2 ? ? ? 1_555 B G   23 N2 ? ? A C   1    B G   23   1_555 ? ? ? ? ? ? WATSON-CRICK  ?     ? ? 
hydrog4  hydrog ? ? A U   2  N3 ? ? ? 1_555 B A   22 N1 ? ? A U   2    B A   22   1_555 ? ? ? ? ? ? WATSON-CRICK  ?     ? ? 
hydrog5  hydrog ? ? A U   2  O4 ? ? ? 1_555 B A   22 N6 ? ? A U   2    B A   22   1_555 ? ? ? ? ? ? WATSON-CRICK  ?     ? ? 
hydrog6  hydrog ? ? A U   3  N3 ? ? ? 1_555 B A   21 N1 ? ? A U   3    B A   21   1_555 ? ? ? ? ? ? WATSON-CRICK  ?     ? ? 
hydrog7  hydrog ? ? A U   3  O4 ? ? ? 1_555 B A   21 N6 ? ? A U   3    B A   21   1_555 ? ? ? ? ? ? WATSON-CRICK  ?     ? ? 
hydrog8  hydrog ? ? A G   4  N1 ? ? ? 1_555 B C   20 N3 ? ? A G   4    B C   20   1_555 ? ? ? ? ? ? WATSON-CRICK  ?     ? ? 
hydrog9  hydrog ? ? A G   4  N2 ? ? ? 1_555 B C   20 O2 ? ? A G   4    B C   20   1_555 ? ? ? ? ? ? WATSON-CRICK  ?     ? ? 
hydrog10 hydrog ? ? A G   4  O6 ? ? ? 1_555 B C   20 N4 ? ? A G   4    B C   20   1_555 ? ? ? ? ? ? WATSON-CRICK  ?     ? ? 
hydrog11 hydrog ? ? A C   5  N3 ? ? ? 1_555 B G   19 N1 ? ? A C   5    B G   19   1_555 ? ? ? ? ? ? WATSON-CRICK  ?     ? ? 
hydrog12 hydrog ? ? A C   5  N4 ? ? ? 1_555 B G   19 O6 ? ? A C   5    B G   19   1_555 ? ? ? ? ? ? WATSON-CRICK  ?     ? ? 
hydrog13 hydrog ? ? A C   5  O2 ? ? ? 1_555 B G   19 N2 ? ? A C   5    B G   19   1_555 ? ? ? ? ? ? WATSON-CRICK  ?     ? ? 
hydrog14 hydrog ? ? A U   6  N3 ? ? ? 1_555 B A   18 N1 ? ? A U   6    B A   18   1_555 ? ? ? ? ? ? WATSON-CRICK  ?     ? ? 
hydrog15 hydrog ? ? A U   6  O4 ? ? ? 1_555 B A   18 N6 ? ? A U   6    B A   18   1_555 ? ? ? ? ? ? WATSON-CRICK  ?     ? ? 
hydrog16 hydrog ? ? A G   7  N1 ? ? ? 1_555 B C   17 N3 ? ? A G   7    B C   17   1_555 ? ? ? ? ? ? WATSON-CRICK  ?     ? ? 
hydrog17 hydrog ? ? A G   7  N2 ? ? ? 1_555 B C   17 O2 ? ? A G   7    B C   17   1_555 ? ? ? ? ? ? WATSON-CRICK  ?     ? ? 
hydrog18 hydrog ? ? A G   7  O6 ? ? ? 1_555 B C   17 N4 ? ? A G   7    B C   17   1_555 ? ? ? ? ? ? WATSON-CRICK  ?     ? ? 
hydrog19 hydrog ? ? A A   8  N1 ? ? ? 1_555 B A   16 N6 ? ? A A   8    B A   16   1_555 ? ? ? ? ? ? 'A-A MISPAIR' ?     ? ? 
hydrog20 hydrog ? ? A G   10 N1 ? ? ? 1_555 B C   15 N3 ? ? A G   10   B C   15   1_555 ? ? ? ? ? ? WATSON-CRICK  ?     ? ? 
hydrog21 hydrog ? ? A G   10 N2 ? ? ? 1_555 B C   15 O2 ? ? A G   10   B C   15   1_555 ? ? ? ? ? ? WATSON-CRICK  ?     ? ? 
hydrog22 hydrog ? ? A G   10 O6 ? ? ? 1_555 B C   15 N4 ? ? A G   10   B C   15   1_555 ? ? ? ? ? ? WATSON-CRICK  ?     ? ? 
hydrog23 hydrog ? ? A U   11 N3 ? ? ? 1_555 B A   14 N1 ? ? A U   11   B A   14   1_555 ? ? ? ? ? ? WATSON-CRICK  ?     ? ? 
hydrog24 hydrog ? ? A U   11 O4 ? ? ? 1_555 B A   14 N6 ? ? A U   11   B A   14   1_555 ? ? ? ? ? ? WATSON-CRICK  ?     ? ? 
hydrog25 hydrog ? ? A G   12 N1 ? ? ? 1_555 B C   13 N3 ? ? A G   12   B C   13   1_555 ? ? ? ? ? ? WATSON-CRICK  ?     ? ? 
hydrog26 hydrog ? ? A G   12 N2 ? ? ? 1_555 B C   13 O2 ? ? A G   12   B C   13   1_555 ? ? ? ? ? ? WATSON-CRICK  ?     ? ? 
hydrog27 hydrog ? ? A G   12 O6 ? ? ? 1_555 B C   13 N4 ? ? A G   12   B C   13   1_555 ? ? ? ? ? ? WATSON-CRICK  ?     ? ? 
hydrog28 hydrog ? ? A C   13 N3 ? ? ? 1_555 B G   12 N1 ? ? A C   13   B G   12   1_555 ? ? ? ? ? ? WATSON-CRICK  ?     ? ? 
hydrog29 hydrog ? ? A C   13 N4 ? ? ? 1_555 B G   12 O6 ? ? A C   13   B G   12   1_555 ? ? ? ? ? ? WATSON-CRICK  ?     ? ? 
hydrog30 hydrog ? ? A C   13 O2 ? ? ? 1_555 B G   12 N2 ? ? A C   13   B G   12   1_555 ? ? ? ? ? ? WATSON-CRICK  ?     ? ? 
hydrog31 hydrog ? ? A A   14 N1 ? ? ? 1_555 B U   11 N3 ? ? A A   14   B U   11   1_555 ? ? ? ? ? ? WATSON-CRICK  ?     ? ? 
hydrog32 hydrog ? ? A A   14 N6 ? ? ? 1_555 B U   11 O4 ? ? A A   14   B U   11   1_555 ? ? ? ? ? ? WATSON-CRICK  ?     ? ? 
hydrog33 hydrog ? ? A C   15 N3 ? ? ? 1_555 B G   10 N1 ? ? A C   15   B G   10   1_555 ? ? ? ? ? ? WATSON-CRICK  ?     ? ? 
hydrog34 hydrog ? ? A C   15 N4 ? ? ? 1_555 B G   10 O6 ? ? A C   15   B G   10   1_555 ? ? ? ? ? ? WATSON-CRICK  ?     ? ? 
hydrog35 hydrog ? ? A C   15 O2 ? ? ? 1_555 B G   10 N2 ? ? A C   15   B G   10   1_555 ? ? ? ? ? ? WATSON-CRICK  ?     ? ? 
hydrog36 hydrog ? ? A C   17 N3 ? ? ? 1_555 B G   7  N1 ? ? A C   17   B G   7    1_555 ? ? ? ? ? ? WATSON-CRICK  ?     ? ? 
hydrog37 hydrog ? ? A C   17 N4 ? ? ? 1_555 B G   7  O6 ? ? A C   17   B G   7    1_555 ? ? ? ? ? ? WATSON-CRICK  ?     ? ? 
hydrog38 hydrog ? ? A C   17 O2 ? ? ? 1_555 B G   7  N2 ? ? A C   17   B G   7    1_555 ? ? ? ? ? ? WATSON-CRICK  ?     ? ? 
hydrog39 hydrog ? ? A A   18 N1 ? ? ? 1_555 B U   6  N3 ? ? A A   18   B U   6    1_555 ? ? ? ? ? ? WATSON-CRICK  ?     ? ? 
hydrog40 hydrog ? ? A A   18 N6 ? ? ? 1_555 B U   6  O4 ? ? A A   18   B U   6    1_555 ? ? ? ? ? ? WATSON-CRICK  ?     ? ? 
hydrog41 hydrog ? ? A G   19 N1 ? ? ? 1_555 B C   5  N3 ? ? A G   19   B C   5    1_555 ? ? ? ? ? ? WATSON-CRICK  ?     ? ? 
hydrog42 hydrog ? ? A G   19 N2 ? ? ? 1_555 B C   5  O2 ? ? A G   19   B C   5    1_555 ? ? ? ? ? ? WATSON-CRICK  ?     ? ? 
hydrog43 hydrog ? ? A G   19 O6 ? ? ? 1_555 B C   5  N4 ? ? A G   19   B C   5    1_555 ? ? ? ? ? ? WATSON-CRICK  ?     ? ? 
hydrog44 hydrog ? ? A C   20 N3 ? ? ? 1_555 B G   4  N1 ? ? A C   20   B G   4    1_555 ? ? ? ? ? ? WATSON-CRICK  ?     ? ? 
hydrog45 hydrog ? ? A C   20 N4 ? ? ? 1_555 B G   4  O6 ? ? A C   20   B G   4    1_555 ? ? ? ? ? ? WATSON-CRICK  ?     ? ? 
hydrog46 hydrog ? ? A C   20 O2 ? ? ? 1_555 B G   4  N2 ? ? A C   20   B G   4    1_555 ? ? ? ? ? ? WATSON-CRICK  ?     ? ? 
hydrog47 hydrog ? ? A A   21 N1 ? ? ? 1_555 B U   3  N3 ? ? A A   21   B U   3    1_555 ? ? ? ? ? ? WATSON-CRICK  ?     ? ? 
hydrog48 hydrog ? ? A A   21 N6 ? ? ? 1_555 B U   3  O4 ? ? A A   21   B U   3    1_555 ? ? ? ? ? ? WATSON-CRICK  ?     ? ? 
hydrog49 hydrog ? ? A A   22 N1 ? ? ? 1_555 B U   2  N3 ? ? A A   22   B U   2    1_555 ? ? ? ? ? ? WATSON-CRICK  ?     ? ? 
hydrog50 hydrog ? ? A A   22 N6 ? ? ? 1_555 B U   2  O4 ? ? A A   22   B U   2    1_555 ? ? ? ? ? ? WATSON-CRICK  ?     ? ? 
hydrog51 hydrog ? ? A G   23 N1 ? ? ? 1_555 B C   1  N3 ? ? A G   23   B C   1    1_555 ? ? ? ? ? ? WATSON-CRICK  ?     ? ? 
hydrog52 hydrog ? ? A G   23 N2 ? ? ? 1_555 B C   1  O2 ? ? A G   23   B C   1    1_555 ? ? ? ? ? ? WATSON-CRICK  ?     ? ? 
hydrog53 hydrog ? ? A G   23 O6 ? ? ? 1_555 B C   1  N4 ? ? A G   23   B C   1    1_555 ? ? ? ? ? ? WATSON-CRICK  ?     ? ? 
# 
loop_
_struct_conn_type.id 
_struct_conn_type.criteria 
_struct_conn_type.reference 
metalc ? ? 
hydrog ? ? 
# 
loop_
_struct_site.id 
_struct_site.pdbx_evidence_code 
_struct_site.pdbx_auth_asym_id 
_struct_site.pdbx_auth_comp_id 
_struct_site.pdbx_auth_seq_id 
_struct_site.pdbx_auth_ins_code 
_struct_site.pdbx_num_residues 
_struct_site.details 
AC1 Software B K 9001 ? 2 'BINDING SITE FOR RESIDUE K B 9001' 
AC2 Software A K 9002 ? 1 'BINDING SITE FOR RESIDUE K A 9002' 
AC3 Software A K 9003 ? 3 'BINDING SITE FOR RESIDUE K A 9003' 
# 
loop_
_struct_site_gen.id 
_struct_site_gen.site_id 
_struct_site_gen.pdbx_num_res 
_struct_site_gen.label_comp_id 
_struct_site_gen.label_asym_id 
_struct_site_gen.label_seq_id 
_struct_site_gen.pdbx_auth_ins_code 
_struct_site_gen.auth_comp_id 
_struct_site_gen.auth_asym_id 
_struct_site_gen.auth_seq_id 
_struct_site_gen.label_atom_id 
_struct_site_gen.label_alt_id 
_struct_site_gen.symmetry 
_struct_site_gen.details 
1 AC1 2 HOH G . ? HOH A 9025 . ? 1_555 ? 
2 AC1 2 HOH H . ? HOH B 9012 . ? 1_555 ? 
3 AC2 1 HOH G . ? HOH A 9020 . ? 1_555 ? 
4 AC3 3 HOH G . ? HOH A 9005 . ? 1_555 ? 
5 AC3 3 HOH G . ? HOH A 9010 . ? 1_555 ? 
6 AC3 3 HOH G . ? HOH A 9021 . ? 1_555 ? 
# 
_atom_sites.entry_id                    2QEK 
_atom_sites.fract_transf_matrix[1][1]   -0.01880830 
_atom_sites.fract_transf_matrix[1][2]   0.01152737 
_atom_sites.fract_transf_matrix[1][3]   -0.01068168 
_atom_sites.fract_transf_matrix[2][1]   -0.01608096 
_atom_sites.fract_transf_matrix[2][2]   -0.02047973 
_atom_sites.fract_transf_matrix[2][3]   0.00621421 
_atom_sites.fract_transf_matrix[3][1]   -0.01161967 
_atom_sites.fract_transf_matrix[3][2]   0.01384898 
_atom_sites.fract_transf_matrix[3][3]   0.01557204 
_atom_sites.fract_transf_vector[1]      0.097531 
_atom_sites.fract_transf_vector[2]      0.040852 
_atom_sites.fract_transf_vector[3]      0.253586 
# 
loop_
_atom_type.symbol 
C  
K  
MG 
N  
O  
P  
# 
loop_
_atom_site.group_PDB 
_atom_site.id 
_atom_site.type_symbol 
_atom_site.label_atom_id 
_atom_site.label_alt_id 
_atom_site.label_comp_id 
_atom_site.label_asym_id 
_atom_site.label_entity_id 
_atom_site.label_seq_id 
_atom_site.pdbx_PDB_ins_code 
_atom_site.Cartn_x 
_atom_site.Cartn_y 
_atom_site.Cartn_z 
_atom_site.occupancy 
_atom_site.B_iso_or_equiv 
_atom_site.pdbx_formal_charge 
_atom_site.auth_seq_id 
_atom_site.auth_comp_id 
_atom_site.auth_asym_id 
_atom_site.auth_atom_id 
_atom_site.pdbx_PDB_model_num 
ATOM   1    O  "O5'" . C   A 1 1  ? -4.053  -14.037 19.389  1.00 49.89 ? 1    C   A "O5'" 1 
ATOM   2    C  "C5'" . C   A 1 1  ? -5.142  -13.296 19.931  1.00 47.55 ? 1    C   A "C5'" 1 
ATOM   3    C  "C4'" . C   A 1 1  ? -4.774  -12.748 21.287  1.00 47.00 ? 1    C   A "C4'" 1 
ATOM   4    O  "O4'" . C   A 1 1  ? -4.192  -13.817 22.074  1.00 46.98 ? 1    C   A "O4'" 1 
ATOM   5    C  "C3'" . C   A 1 1  ? -3.701  -11.668 21.284  1.00 47.35 ? 1    C   A "C3'" 1 
ATOM   6    O  "O3'" . C   A 1 1  ? -4.260  -10.386 21.020  1.00 45.89 ? 1    C   A "O3'" 1 
ATOM   7    C  "C2'" . C   A 1 1  ? -3.138  -11.783 22.692  1.00 46.56 ? 1    C   A "C2'" 1 
ATOM   8    O  "O2'" . C   A 1 1  ? -3.963  -11.207 23.680  1.00 45.46 ? 1    C   A "O2'" 1 
ATOM   9    C  "C1'" . C   A 1 1  ? -3.164  -13.297 22.895  1.00 45.76 ? 1    C   A "C1'" 1 
ATOM   10   N  N1    . C   A 1 1  ? -1.900  -13.934 22.512  1.00 44.50 ? 1    C   A N1    1 
ATOM   11   C  C2    . C   A 1 1  ? -0.795  -13.737 23.331  1.00 45.49 ? 1    C   A C2    1 
ATOM   12   O  O2    . C   A 1 1  ? -0.918  -13.000 24.327  1.00 44.29 ? 1    C   A O2    1 
ATOM   13   N  N3    . C   A 1 1  ? 0.375   -14.341 23.023  1.00 43.16 ? 1    C   A N3    1 
ATOM   14   C  C4    . C   A 1 1  ? 0.463   -15.109 21.935  1.00 41.68 ? 1    C   A C4    1 
ATOM   15   N  N4    . C   A 1 1  ? 1.628   -15.702 21.687  1.00 41.36 ? 1    C   A N4    1 
ATOM   16   C  C5    . C   A 1 1  ? -0.645  -15.305 21.061  1.00 42.38 ? 1    C   A C5    1 
ATOM   17   C  C6    . C   A 1 1  ? -1.800  -14.706 21.387  1.00 44.51 ? 1    C   A C6    1 
ATOM   18   P  P     . U   A 1 2  ? -3.696  -9.501  19.800  1.00 46.48 ? 2    U   A P     1 
ATOM   19   O  OP1   . U   A 1 2  ? -4.768  -8.512  19.486  1.00 45.35 ? 2    U   A OP1   1 
ATOM   20   O  OP2   . U   A 1 2  ? -3.178  -10.384 18.730  1.00 46.01 ? 2    U   A OP2   1 
ATOM   21   O  "O5'" . U   A 1 2  ? -2.457  -8.720  20.426  1.00 44.43 ? 2    U   A "O5'" 1 
ATOM   22   C  "C5'" . U   A 1 2  ? -2.664  -7.698  21.409  1.00 42.63 ? 2    U   A "C5'" 1 
ATOM   23   C  "C4'" . U   A 1 2  ? -1.364  -7.368  22.097  1.00 40.59 ? 2    U   A "C4'" 1 
ATOM   24   O  "O4'" . U   A 1 2  ? -0.898  -8.508  22.864  1.00 39.62 ? 2    U   A "O4'" 1 
ATOM   25   C  "C3'" . U   A 1 2  ? -0.194  -7.068  21.181  1.00 40.39 ? 2    U   A "C3'" 1 
ATOM   26   O  "O3'" . U   A 1 2  ? -0.256  -5.753  20.669  1.00 40.96 ? 2    U   A "O3'" 1 
ATOM   27   C  "C2'" . U   A 1 2  ? 0.987   -7.270  22.118  1.00 38.37 ? 2    U   A "C2'" 1 
ATOM   28   O  "O2'" . U   A 1 2  ? 1.151   -6.182  23.008  1.00 40.64 ? 2    U   A "O2'" 1 
ATOM   29   C  "C1'" . U   A 1 2  ? 0.525   -8.500  22.898  1.00 38.27 ? 2    U   A "C1'" 1 
ATOM   30   N  N1    . U   A 1 2  ? 1.009   -9.732  22.263  1.00 37.40 ? 2    U   A N1    1 
ATOM   31   C  C2    . U   A 1 2  ? 2.295   -10.139 22.565  1.00 36.72 ? 2    U   A C2    1 
ATOM   32   O  O2    . U   A 1 2  ? 3.016   -9.517  23.317  1.00 38.33 ? 2    U   A O2    1 
ATOM   33   N  N3    . U   A 1 2  ? 2.701   -11.296 21.948  1.00 36.48 ? 2    U   A N3    1 
ATOM   34   C  C4    . U   A 1 2  ? 1.966   -12.067 21.069  1.00 37.39 ? 2    U   A C4    1 
ATOM   35   O  O4    . U   A 1 2  ? 2.475   -13.077 20.578  1.00 37.36 ? 2    U   A O4    1 
ATOM   36   C  C5    . U   A 1 2  ? 0.646   -11.577 20.802  1.00 37.24 ? 2    U   A C5    1 
ATOM   37   C  C6    . U   A 1 2  ? 0.221   -10.453 21.398  1.00 36.89 ? 2    U   A C6    1 
ATOM   38   P  P     . U   A 1 3  ? 0.327   -5.446  19.208  1.00 40.82 ? 3    U   A P     1 
ATOM   39   O  OP1   . U   A 1 3  ? -0.134  -4.078  18.864  1.00 41.92 ? 3    U   A OP1   1 
ATOM   40   O  OP2   . U   A 1 3  ? 0.008   -6.578  18.305  1.00 41.57 ? 3    U   A OP2   1 
ATOM   41   O  "O5'" . U   A 1 3  ? 1.902   -5.402  19.436  1.00 39.48 ? 3    U   A "O5'" 1 
ATOM   42   C  "C5'" . U   A 1 3  ? 2.481   -4.415  20.300  1.00 39.97 ? 3    U   A "C5'" 1 
ATOM   43   C  "C4'" . U   A 1 3  ? 3.887   -4.802  20.670  1.00 40.01 ? 3    U   A "C4'" 1 
ATOM   44   O  "O4'" . U   A 1 3  ? 3.877   -6.094  21.335  1.00 40.16 ? 3    U   A "O4'" 1 
ATOM   45   C  "C3'" . U   A 1 3  ? 4.843   -5.027  19.512  1.00 40.12 ? 3    U   A "C3'" 1 
ATOM   46   O  "O3'" . U   A 1 3  ? 5.354   -3.815  18.995  1.00 41.91 ? 3    U   A "O3'" 1 
ATOM   47   C  "C2'" . U   A 1 3  ? 5.931   -5.850  20.174  1.00 39.72 ? 3    U   A "C2'" 1 
ATOM   48   O  "O2'" . U   A 1 3  ? 6.742   -5.030  20.988  1.00 41.20 ? 3    U   A "O2'" 1 
ATOM   49   C  "C1'" . U   A 1 3  ? 5.088   -6.782  21.048  1.00 40.48 ? 3    U   A "C1'" 1 
ATOM   50   N  N1    . U   A 1 3  ? 4.760   -8.012  20.315  1.00 39.58 ? 3    U   A N1    1 
ATOM   51   C  C2    . U   A 1 3  ? 5.730   -8.987  20.254  1.00 41.00 ? 3    U   A C2    1 
ATOM   52   O  O2    . U   A 1 3  ? 6.814   -8.866  20.796  1.00 40.85 ? 3    U   A O2    1 
ATOM   53   N  N3    . U   A 1 3  ? 5.383   -10.110 19.538  1.00 39.91 ? 3    U   A N3    1 
ATOM   54   C  C4    . U   A 1 3  ? 4.179   -10.346 18.896  1.00 40.37 ? 3    U   A C4    1 
ATOM   55   O  O4    . U   A 1 3  ? 4.004   -11.420 18.307  1.00 39.30 ? 3    U   A O4    1 
ATOM   56   C  C5    . U   A 1 3  ? 3.220   -9.284  19.012  1.00 40.00 ? 3    U   A C5    1 
ATOM   57   C  C6    . U   A 1 3  ? 3.536   -8.182  19.702  1.00 40.02 ? 3    U   A C6    1 
ATOM   58   P  P     . G   A 1 4  ? 5.624   -3.691  17.423  1.00 42.02 ? 4    G   A P     1 
ATOM   59   O  OP1   . G   A 1 4  ? 5.736   -2.239  17.114  1.00 42.64 ? 4    G   A OP1   1 
ATOM   60   O  OP2   . G   A 1 4  ? 4.643   -4.536  16.687  1.00 41.44 ? 4    G   A OP2   1 
ATOM   61   O  "O5'" . G   A 1 4  ? 7.060   -4.349  17.251  1.00 42.82 ? 4    G   A "O5'" 1 
ATOM   62   C  "C5'" . G   A 1 4  ? 8.187   -3.835  17.970  1.00 40.83 ? 4    G   A "C5'" 1 
ATOM   63   C  "C4'" . G   A 1 4  ? 9.312   -4.832  17.945  1.00 41.37 ? 4    G   A "C4'" 1 
ATOM   64   O  "O4'" . G   A 1 4  ? 8.882   -6.050  18.607  1.00 40.61 ? 4    G   A "O4'" 1 
ATOM   65   C  "C3'" . G   A 1 4  ? 9.728   -5.322  16.567  1.00 40.10 ? 4    G   A "C3'" 1 
ATOM   66   O  "O3'" . G   A 1 4  ? 10.566  -4.394  15.895  1.00 38.83 ? 4    G   A "O3'" 1 
ATOM   67   C  "C2'" . G   A 1 4  ? 10.454  -6.612  16.918  1.00 39.20 ? 4    G   A "C2'" 1 
ATOM   68   O  "O2'" . G   A 1 4  ? 11.735  -6.374  17.463  1.00 38.85 ? 4    G   A "O2'" 1 
ATOM   69   C  "C1'" . G   A 1 4  ? 9.545   -7.160  18.022  1.00 40.18 ? 4    G   A "C1'" 1 
ATOM   70   N  N9    . G   A 1 4  ? 8.547   -8.087  17.504  1.00 38.52 ? 4    G   A N9    1 
ATOM   71   C  C8    . G   A 1 4  ? 7.197   -7.879  17.336  1.00 39.74 ? 4    G   A C8    1 
ATOM   72   N  N7    . G   A 1 4  ? 6.578   -8.918  16.836  1.00 38.26 ? 4    G   A N7    1 
ATOM   73   C  C5    . G   A 1 4  ? 7.582   -9.868  16.670  1.00 37.97 ? 4    G   A C5    1 
ATOM   74   C  C6    . G   A 1 4  ? 7.525   -11.194 16.162  1.00 38.99 ? 4    G   A C6    1 
ATOM   75   O  O6    . G   A 1 4  ? 6.539   -11.821 15.749  1.00 37.49 ? 4    G   A O6    1 
ATOM   76   N  N1    . G   A 1 4  ? 8.783   -11.795 16.156  1.00 37.53 ? 4    G   A N1    1 
ATOM   77   C  C2    . G   A 1 4  ? 9.943   -11.201 16.584  1.00 39.30 ? 4    G   A C2    1 
ATOM   78   N  N2    . G   A 1 4  ? 11.068  -11.939 16.496  1.00 38.62 ? 4    G   A N2    1 
ATOM   79   N  N3    . G   A 1 4  ? 10.006  -9.970  17.064  1.00 38.15 ? 4    G   A N3    1 
ATOM   80   C  C4    . G   A 1 4  ? 8.799   -9.368  17.075  1.00 39.12 ? 4    G   A C4    1 
ATOM   81   P  P     . C   A 1 5  ? 10.587  -4.361  14.291  1.00 37.97 ? 5    C   A P     1 
ATOM   82   O  OP1   . C   A 1 5  ? 11.360  -3.131  13.939  1.00 39.16 ? 5    C   A OP1   1 
ATOM   83   O  OP2   . C   A 1 5  ? 9.230   -4.555  13.728  1.00 37.76 ? 5    C   A OP2   1 
ATOM   84   O  "O5'" . C   A 1 5  ? 11.446  -5.645  13.899  1.00 38.92 ? 5    C   A "O5'" 1 
ATOM   85   C  "C5'" . C   A 1 5  ? 12.832  -5.735  14.253  1.00 38.11 ? 5    C   A "C5'" 1 
ATOM   86   C  "C4'" . C   A 1 5  ? 13.378  -7.084  13.866  1.00 37.77 ? 5    C   A "C4'" 1 
ATOM   87   O  "O4'" . C   A 1 5  ? 12.701  -8.118  14.626  1.00 37.35 ? 5    C   A "O4'" 1 
ATOM   88   C  "C3'" . C   A 1 5  ? 13.138  -7.506  12.428  1.00 37.80 ? 5    C   A "C3'" 1 
ATOM   89   O  "O3'" . C   A 1 5  ? 14.041  -6.895  11.516  1.00 38.45 ? 5    C   A "O3'" 1 
ATOM   90   C  "C2'" . C   A 1 5  ? 13.325  -9.011  12.520  1.00 36.49 ? 5    C   A "C2'" 1 
ATOM   91   O  "O2'" . C   A 1 5  ? 14.683  -9.393  12.636  1.00 36.55 ? 5    C   A "O2'" 1 
ATOM   92   C  "C1'" . C   A 1 5  ? 12.621  -9.298  13.846  1.00 36.57 ? 5    C   A "C1'" 1 
ATOM   93   N  N1    . C   A 1 5  ? 11.207  -9.625  13.633  1.00 33.31 ? 5    C   A N1    1 
ATOM   94   C  C2    . C   A 1 5  ? 10.873  -10.937 13.296  1.00 33.64 ? 5    C   A C2    1 
ATOM   95   O  O2    . C   A 1 5  ? 11.785  -11.778 13.181  1.00 35.35 ? 5    C   A O2    1 
ATOM   96   N  N3    . C   A 1 5  ? 9.578   -11.261 13.103  1.00 31.61 ? 5    C   A N3    1 
ATOM   97   C  C4    . C   A 1 5  ? 8.629   -10.330 13.237  1.00 32.04 ? 5    C   A C4    1 
ATOM   98   N  N4    . C   A 1 5  ? 7.353   -10.706 13.060  1.00 27.67 ? 5    C   A N4    1 
ATOM   99   C  C5    . C   A 1 5  ? 8.943   -8.975  13.564  1.00 31.49 ? 5    C   A C5    1 
ATOM   100  C  C6    . C   A 1 5  ? 10.233  -8.671  13.756  1.00 34.50 ? 5    C   A C6    1 
ATOM   101  P  P     . U   A 1 6  ? 13.594  -6.671  9.996   1.00 38.14 ? 6    U   A P     1 
ATOM   102  O  OP1   . U   A 1 6  ? 14.720  -5.984  9.293   1.00 38.02 ? 6    U   A OP1   1 
ATOM   103  O  OP2   . U   A 1 6  ? 12.230  -6.083  9.936   1.00 38.66 ? 6    U   A OP2   1 
ATOM   104  O  "O5'" . U   A 1 6  ? 13.481  -8.141  9.400   1.00 37.78 ? 6    U   A "O5'" 1 
ATOM   105  C  "C5'" . U   A 1 6  ? 14.632  -8.999  9.349   1.00 35.73 ? 6    U   A "C5'" 1 
ATOM   106  C  "C4'" . U   A 1 6  ? 14.234  -10.371 8.874   1.00 34.32 ? 6    U   A "C4'" 1 
ATOM   107  O  "O4'" . U   A 1 6  ? 13.329  -10.980 9.832   1.00 32.10 ? 6    U   A "O4'" 1 
ATOM   108  C  "C3'" . U   A 1 6  ? 13.446  -10.415 7.583   1.00 35.89 ? 6    U   A "C3'" 1 
ATOM   109  O  "O3'" . U   A 1 6  ? 14.273  -10.285 6.436   1.00 35.79 ? 6    U   A "O3'" 1 
ATOM   110  C  "C2'" . U   A 1 6  ? 12.799  -11.786 7.665   1.00 33.47 ? 6    U   A "C2'" 1 
ATOM   111  O  "O2'" . U   A 1 6  ? 13.729  -12.824 7.392   1.00 34.42 ? 6    U   A "O2'" 1 
ATOM   112  C  "C1'" . U   A 1 6  ? 12.419  -11.829 9.146   1.00 34.50 ? 6    U   A "C1'" 1 
ATOM   113  N  N1    . U   A 1 6  ? 11.058  -11.326 9.375   1.00 32.56 ? 6    U   A N1    1 
ATOM   114  C  C2    . U   A 1 6  ? 10.007  -12.202 9.168   1.00 33.71 ? 6    U   A C2    1 
ATOM   115  O  O2    . U   A 1 6  ? 10.160  -13.348 8.768   1.00 32.50 ? 6    U   A O2    1 
ATOM   116  N  N3    . U   A 1 6  ? 8.766   -11.685 9.424   1.00 30.03 ? 6    U   A N3    1 
ATOM   117  C  C4    . U   A 1 6  ? 8.467   -10.396 9.825   1.00 32.09 ? 6    U   A C4    1 
ATOM   118  O  O4    . U   A 1 6  ? 7.283   -10.066 9.940   1.00 30.18 ? 6    U   A O4    1 
ATOM   119  C  C5    . U   A 1 6  ? 9.604   -9.543  10.001  1.00 29.87 ? 6    U   A C5    1 
ATOM   120  C  C6    . U   A 1 6  ? 10.833  -10.026 9.780   1.00 31.99 ? 6    U   A C6    1 
ATOM   121  P  P     . G   A 1 7  ? 13.679  -9.590  5.129   1.00 38.06 ? 7    G   A P     1 
ATOM   122  O  OP1   . G   A 1 7  ? 14.793  -9.502  4.141   1.00 38.34 ? 7    G   A OP1   1 
ATOM   123  O  OP2   . G   A 1 7  ? 12.945  -8.355  5.528   1.00 37.35 ? 7    G   A OP2   1 
ATOM   124  O  "O5'" . G   A 1 7  ? 12.608  -10.632 4.572   1.00 36.35 ? 7    G   A "O5'" 1 
ATOM   125  C  "C5'" . G   A 1 7  ? 13.021  -11.934 4.142   1.00 35.82 ? 7    G   A "C5'" 1 
ATOM   126  C  "C4'" . G   A 1 7  ? 11.823  -12.811 3.879   1.00 32.99 ? 7    G   A "C4'" 1 
ATOM   127  O  "O4'" . G   A 1 7  ? 11.034  -12.943 5.090   1.00 30.67 ? 7    G   A "O4'" 1 
ATOM   128  C  "C3'" . G   A 1 7  ? 10.806  -12.296 2.875   1.00 31.59 ? 7    G   A "C3'" 1 
ATOM   129  O  "O3'" . G   A 1 7  ? 11.216  -12.506 1.532   1.00 28.38 ? 7    G   A "O3'" 1 
ATOM   130  C  "C2'" . G   A 1 7  ? 9.593   -13.151 3.208   1.00 32.10 ? 7    G   A "C2'" 1 
ATOM   131  O  "O2'" . G   A 1 7  ? 9.698   -14.450 2.654   1.00 31.24 ? 7    G   A "O2'" 1 
ATOM   132  C  "C1'" . G   A 1 7  ? 9.684   -13.219 4.734   1.00 31.57 ? 7    G   A "C1'" 1 
ATOM   133  N  N9    . G   A 1 7  ? 8.815   -12.246 5.393   1.00 31.66 ? 7    G   A N9    1 
ATOM   134  C  C8    . G   A 1 7  ? 9.181   -11.057 5.972   1.00 32.76 ? 7    G   A C8    1 
ATOM   135  N  N7    . G   A 1 7  ? 8.170   -10.410 6.495   1.00 31.24 ? 7    G   A N7    1 
ATOM   136  C  C5    . G   A 1 7  ? 7.075   -11.225 6.246   1.00 30.44 ? 7    G   A C5    1 
ATOM   137  C  C6    . G   A 1 7  ? 5.704   -11.063 6.596   1.00 31.12 ? 7    G   A C6    1 
ATOM   138  O  O6    . G   A 1 7  ? 5.172   -10.143 7.234   1.00 32.36 ? 7    G   A O6    1 
ATOM   139  N  N1    . G   A 1 7  ? 4.931   -12.123 6.139   1.00 28.77 ? 7    G   A N1    1 
ATOM   140  C  C2    . G   A 1 7  ? 5.409   -13.211 5.461   1.00 31.90 ? 7    G   A C2    1 
ATOM   141  N  N2    . G   A 1 7  ? 4.500   -14.141 5.132   1.00 31.98 ? 7    G   A N2    1 
ATOM   142  N  N3    . G   A 1 7  ? 6.681   -13.380 5.137   1.00 29.52 ? 7    G   A N3    1 
ATOM   143  C  C4    . G   A 1 7  ? 7.453   -12.356 5.559   1.00 32.28 ? 7    G   A C4    1 
ATOM   144  P  P     . A   A 1 8  ? 10.685  -11.533 0.368   1.00 33.42 ? 8    A   A P     1 
ATOM   145  O  OP1   . A   A 1 8  ? 11.432  -11.844 -0.890  1.00 33.71 ? 8    A   A OP1   1 
ATOM   146  O  OP2   . A   A 1 8  ? 10.698  -10.138 0.903   1.00 32.24 ? 8    A   A OP2   1 
ATOM   147  O  "O5'" . A   A 1 8  ? 9.164   -11.945 0.159   1.00 31.81 ? 8    A   A "O5'" 1 
ATOM   148  C  "C5'" . A   A 1 8  ? 8.808   -13.268 -0.275  1.00 31.57 ? 8    A   A "C5'" 1 
ATOM   149  C  "C4'" . A   A 1 8  ? 7.326   -13.480 -0.100  1.00 31.61 ? 8    A   A "C4'" 1 
ATOM   150  O  "O4'" . A   A 1 8  ? 7.001   -13.344 1.300   1.00 28.39 ? 8    A   A "O4'" 1 
ATOM   151  C  "C3'" . A   A 1 8  ? 6.430   -12.467 -0.796  1.00 33.53 ? 8    A   A "C3'" 1 
ATOM   152  O  "O3'" . A   A 1 8  ? 6.280   -12.854 -2.154  1.00 33.98 ? 8    A   A "O3'" 1 
ATOM   153  C  "C2'" . A   A 1 8  ? 5.149   -12.564 0.027   1.00 32.13 ? 8    A   A "C2'" 1 
ATOM   154  O  "O2'" . A   A 1 8  ? 4.422   -13.742 -0.258  1.00 33.35 ? 8    A   A "O2'" 1 
ATOM   155  C  "C1'" . A   A 1 8  ? 5.724   -12.733 1.433   1.00 32.07 ? 8    A   A "C1'" 1 
ATOM   156  N  N9    . A   A 1 8  ? 5.897   -11.478 2.162   1.00 31.03 ? 8    A   A N9    1 
ATOM   157  C  C8    . A   A 1 8  ? 7.012   -10.680 2.244   1.00 30.11 ? 8    A   A C8    1 
ATOM   158  N  N7    . A   A 1 8  ? 6.857   -9.633  3.019   1.00 29.99 ? 8    A   A N7    1 
ATOM   159  C  C5    . A   A 1 8  ? 5.546   -9.747  3.471   1.00 31.41 ? 8    A   A C5    1 
ATOM   160  C  C6    . A   A 1 8  ? 4.761   -8.945  4.326   1.00 31.97 ? 8    A   A C6    1 
ATOM   161  N  N6    . A   A 1 8  ? 5.207   -7.841  4.931   1.00 31.11 ? 8    A   A N6    1 
ATOM   162  N  N1    . A   A 1 8  ? 3.484   -9.328  4.543   1.00 32.63 ? 8    A   A N1    1 
ATOM   163  C  C2    . A   A 1 8  ? 3.038   -10.440 3.946   1.00 31.82 ? 8    A   A C2    1 
ATOM   164  N  N3    . A   A 1 8  ? 3.678   -11.275 3.131   1.00 32.24 ? 8    A   A N3    1 
ATOM   165  C  C4    . A   A 1 8  ? 4.940   -10.868 2.935   1.00 31.01 ? 8    A   A C4    1 
ATOM   166  P  P     . A   A 1 9  ? 5.485   -11.914 -3.192  1.00 36.02 ? 9    A   A P     1 
ATOM   167  O  OP1   . A   A 1 9  ? 6.311   -11.766 -4.427  1.00 38.33 ? 9    A   A OP1   1 
ATOM   168  O  OP2   . A   A 1 9  ? 5.041   -10.697 -2.453  1.00 37.71 ? 9    A   A OP2   1 
ATOM   169  O  "O5'" . A   A 1 9  ? 4.212   -12.800 -3.534  1.00 37.61 ? 9    A   A "O5'" 1 
ATOM   170  C  "C5'" . A   A 1 9  ? 3.614   -12.820 -4.840  1.00 36.81 ? 9    A   A "C5'" 1 
ATOM   171  C  "C4'" . A   A 1 9  ? 2.488   -13.820 -4.847  1.00 38.69 ? 9    A   A "C4'" 1 
ATOM   172  O  "O4'" . A   A 1 9  ? 3.075   -15.152 -4.747  1.00 36.99 ? 9    A   A "O4'" 1 
ATOM   173  C  "C3'" . A   A 1 9  ? 1.552   -13.671 -3.646  1.00 37.98 ? 9    A   A "C3'" 1 
ATOM   174  O  "O3'" . A   A 1 9  ? 0.210   -14.085 -3.957  1.00 41.64 ? 9    A   A "O3'" 1 
ATOM   175  C  "C2'" . A   A 1 9  ? 2.199   -14.624 -2.630  1.00 38.19 ? 9    A   A "C2'" 1 
ATOM   176  O  "O2'" . A   A 1 9  ? 1.307   -15.088 -1.632  1.00 38.80 ? 9    A   A "O2'" 1 
ATOM   177  C  "C1'" . A   A 1 9  ? 2.686   -15.764 -3.531  1.00 37.31 ? 9    A   A "C1'" 1 
ATOM   178  N  N9    . A   A 1 9  ? 3.836   -16.542 -3.036  1.00 36.49 ? 9    A   A N9    1 
ATOM   179  C  C8    . A   A 1 9  ? 5.074   -16.072 -2.664  1.00 36.21 ? 9    A   A C8    1 
ATOM   180  N  N7    . A   A 1 9  ? 5.930   -17.019 -2.343  1.00 36.09 ? 9    A   A N7    1 
ATOM   181  C  C5    . A   A 1 9  ? 5.204   -18.195 -2.499  1.00 34.11 ? 9    A   A C5    1 
ATOM   182  C  C6    . A   A 1 9  ? 5.545   -19.567 -2.337  1.00 35.27 ? 9    A   A C6    1 
ATOM   183  N  N6    . A   A 1 9  ? 6.761   -20.008 -1.986  1.00 31.37 ? 9    A   A N6    1 
ATOM   184  N  N1    . A   A 1 9  ? 4.574   -20.484 -2.564  1.00 33.93 ? 9    A   A N1    1 
ATOM   185  C  C2    . A   A 1 9  ? 3.365   -20.053 -2.934  1.00 35.06 ? 9    A   A C2    1 
ATOM   186  N  N3    . A   A 1 9  ? 2.930   -18.806 -3.133  1.00 36.31 ? 9    A   A N3    1 
ATOM   187  C  C4    . A   A 1 9  ? 3.904   -17.914 -2.900  1.00 35.66 ? 9    A   A C4    1 
ATOM   188  P  P     . G   A 1 10 ? -0.803  -13.100 -4.763  1.00 41.73 ? 10   G   A P     1 
ATOM   189  O  OP1   . G   A 1 10 ? -2.101  -13.798 -4.884  1.00 42.97 ? 10   G   A OP1   1 
ATOM   190  O  OP2   . G   A 1 10 ? -0.128  -12.605 -5.990  1.00 44.92 ? 10   G   A OP2   1 
ATOM   191  O  "O5'" . G   A 1 10 ? -1.041  -11.779 -3.898  1.00 45.75 ? 10   G   A "O5'" 1 
ATOM   192  C  "C5'" . G   A 1 10 ? -1.172  -11.805 -2.485  1.00 44.81 ? 10   G   A "C5'" 1 
ATOM   193  C  "C4'" . G   A 1 10 ? -2.618  -11.609 -2.054  1.00 45.38 ? 10   G   A "C4'" 1 
ATOM   194  O  "O4'" . G   A 1 10 ? -2.607  -11.845 -0.626  1.00 45.73 ? 10   G   A "O4'" 1 
ATOM   195  C  "C3'" . G   A 1 10 ? -3.341  -10.258 -2.239  1.00 46.53 ? 10   G   A "C3'" 1 
ATOM   196  O  "O3'" . G   A 1 10 ? -4.139  -10.160 -3.437  1.00 47.76 ? 10   G   A "O3'" 1 
ATOM   197  C  "C2'" . G   A 1 10 ? -4.262  -10.229 -1.028  1.00 44.80 ? 10   G   A "C2'" 1 
ATOM   198  O  "O2'" . G   A 1 10 ? -5.389  -11.067 -1.190  1.00 46.14 ? 10   G   A "O2'" 1 
ATOM   199  C  "C1'" . G   A 1 10 ? -3.362  -10.854 0.032   1.00 43.83 ? 10   G   A "C1'" 1 
ATOM   200  N  N9    . G   A 1 10 ? -2.451  -9.888  0.635   1.00 41.47 ? 10   G   A N9    1 
ATOM   201  C  C8    . G   A 1 10 ? -1.162  -9.561  0.270   1.00 41.43 ? 10   G   A C8    1 
ATOM   202  N  N7    . G   A 1 10 ? -0.640  -8.627  1.026   1.00 39.11 ? 10   G   A N7    1 
ATOM   203  C  C5    . G   A 1 10 ? -1.642  -8.334  1.943   1.00 39.25 ? 10   G   A C5    1 
ATOM   204  C  C6    . G   A 1 10 ? -1.674  -7.411  3.028   1.00 38.28 ? 10   G   A C6    1 
ATOM   205  O  O6    . G   A 1 10 ? -0.795  -6.636  3.421   1.00 35.06 ? 10   G   A O6    1 
ATOM   206  N  N1    . G   A 1 10 ? -2.896  -7.450  3.687   1.00 40.05 ? 10   G   A N1    1 
ATOM   207  C  C2    . G   A 1 10 ? -3.949  -8.262  3.362   1.00 39.63 ? 10   G   A C2    1 
ATOM   208  N  N2    . G   A 1 10 ? -5.051  -8.150  4.122   1.00 37.49 ? 10   G   A N2    1 
ATOM   209  N  N3    . G   A 1 10 ? -3.931  -9.122  2.366   1.00 39.23 ? 10   G   A N3    1 
ATOM   210  C  C4    . G   A 1 10 ? -2.760  -9.105  1.707   1.00 40.19 ? 10   G   A C4    1 
ATOM   211  P  P     . U   A 1 11 ? -4.752  -8.728  -3.906  1.00 47.55 ? 11   U   A P     1 
ATOM   212  O  OP1   . U   A 1 11 ? -5.648  -8.994  -5.063  1.00 46.86 ? 11   U   A OP1   1 
ATOM   213  O  OP2   . U   A 1 11 ? -3.640  -7.752  -4.053  1.00 48.14 ? 11   U   A OP2   1 
ATOM   214  O  "O5'" . U   A 1 11 ? -5.669  -8.223  -2.698  1.00 45.58 ? 11   U   A "O5'" 1 
ATOM   215  C  "C5'" . U   A 1 11 ? -7.046  -8.641  -2.597  1.00 44.51 ? 11   U   A "C5'" 1 
ATOM   216  C  "C4'" . U   A 1 11 ? -7.780  -7.859  -1.520  1.00 43.60 ? 11   U   A "C4'" 1 
ATOM   217  O  "O4'" . U   A 1 11 ? -7.136  -8.064  -0.231  1.00 42.13 ? 11   U   A "O4'" 1 
ATOM   218  C  "C3'" . U   A 1 11 ? -7.839  -6.344  -1.657  1.00 42.49 ? 11   U   A "C3'" 1 
ATOM   219  O  "O3'" . U   A 1 11 ? -8.832  -5.910  -2.589  1.00 41.95 ? 11   U   A "O3'" 1 
ATOM   220  C  "C2'" . U   A 1 11 ? -8.159  -5.925  -0.226  1.00 42.24 ? 11   U   A "C2'" 1 
ATOM   221  O  "O2'" . U   A 1 11 ? -9.508  -6.164  0.137   1.00 42.25 ? 11   U   A "O2'" 1 
ATOM   222  C  "C1'" . U   A 1 11 ? -7.274  -6.895  0.563   1.00 41.64 ? 11   U   A "C1'" 1 
ATOM   223  N  N1    . U   A 1 11 ? -5.937  -6.326  0.782   1.00 39.99 ? 11   U   A N1    1 
ATOM   224  C  C2    . U   A 1 11 ? -5.772  -5.462  1.851   1.00 38.28 ? 11   U   A C2    1 
ATOM   225  O  O2    . U   A 1 11 ? -6.675  -5.184  2.631   1.00 38.34 ? 11   U   A O2    1 
ATOM   226  N  N3    . U   A 1 11 ? -4.512  -4.938  1.977   1.00 37.42 ? 11   U   A N3    1 
ATOM   227  C  C4    . U   A 1 11 ? -3.424  -5.182  1.167   1.00 36.04 ? 11   U   A C4    1 
ATOM   228  O  O4    . U   A 1 11 ? -2.361  -4.607  1.395   1.00 34.51 ? 11   U   A O4    1 
ATOM   229  C  C5    . U   A 1 11 ? -3.672  -6.094  0.095   1.00 35.29 ? 11   U   A C5    1 
ATOM   230  C  C6    . U   A 1 11 ? -4.889  -6.625  -0.055  1.00 38.63 ? 11   U   A C6    1 
ATOM   231  P  P     . G   A 1 12 ? -8.563  -4.600  -3.494  1.00 42.57 ? 12   G   A P     1 
ATOM   232  O  OP1   . G   A 1 12 ? -9.630  -4.560  -4.529  1.00 41.96 ? 12   G   A OP1   1 
ATOM   233  O  OP2   . G   A 1 12 ? -7.135  -4.559  -3.914  1.00 42.45 ? 12   G   A OP2   1 
ATOM   234  O  "O5'" . G   A 1 12 ? -8.785  -3.384  -2.483  1.00 41.15 ? 12   G   A "O5'" 1 
ATOM   235  C  "C5'" . G   A 1 12 ? -10.023 -3.250  -1.766  1.00 40.03 ? 12   G   A "C5'" 1 
ATOM   236  C  "C4'" . G   A 1 12 ? -9.872  -2.275  -0.624  1.00 37.35 ? 12   G   A "C4'" 1 
ATOM   237  O  "O4'" . G   A 1 12 ? -9.006  -2.836  0.401   1.00 37.99 ? 12   G   A "O4'" 1 
ATOM   238  C  "C3'" . G   A 1 12 ? -9.222  -0.933  -0.935  1.00 38.21 ? 12   G   A "C3'" 1 
ATOM   239  O  "O3'" . G   A 1 12 ? -10.120 -0.032  -1.579  1.00 34.83 ? 12   G   A "O3'" 1 
ATOM   240  C  "C2'" . G   A 1 12 ? -8.847  -0.469  0.465   1.00 37.78 ? 12   G   A "C2'" 1 
ATOM   241  O  "O2'" . G   A 1 12 ? -9.975  -0.027  1.195   1.00 40.19 ? 12   G   A "O2'" 1 
ATOM   242  C  "C1'" . G   A 1 12 ? -8.349  -1.779  1.080   1.00 38.59 ? 12   G   A "C1'" 1 
ATOM   243  N  N9    . G   A 1 12 ? -6.915  -1.919  0.870   1.00 39.19 ? 12   G   A N9    1 
ATOM   244  C  C8    . G   A 1 12 ? -6.269  -2.693  -0.063  1.00 38.53 ? 12   G   A C8    1 
ATOM   245  N  N7    . G   A 1 12 ? -4.969  -2.577  -0.005  1.00 37.20 ? 12   G   A N7    1 
ATOM   246  C  C5    . G   A 1 12 ? -4.751  -1.674  1.027   1.00 37.49 ? 12   G   A C5    1 
ATOM   247  C  C6    . G   A 1 12 ? -3.544  -1.150  1.550   1.00 36.71 ? 12   G   A C6    1 
ATOM   248  O  O6    . G   A 1 12 ? -2.392  -1.368  1.178   1.00 35.00 ? 12   G   A O6    1 
ATOM   249  N  N1    . G   A 1 12 ? -3.780  -0.277  2.608   1.00 37.41 ? 12   G   A N1    1 
ATOM   250  C  C2    . G   A 1 12 ? -5.021  0.072   3.083   1.00 39.36 ? 12   G   A C2    1 
ATOM   251  N  N2    . G   A 1 12 ? -5.056  0.948   4.104   1.00 38.08 ? 12   G   A N2    1 
ATOM   252  N  N3    . G   A 1 12 ? -6.153  -0.399  2.592   1.00 39.22 ? 12   G   A N3    1 
ATOM   253  C  C4    . G   A 1 12 ? -5.942  -1.265  1.578   1.00 38.57 ? 12   G   A C4    1 
ATOM   254  P  P     . C   A 1 13 ? -9.552  1.094   -2.572  1.00 38.00 ? 13   C   A P     1 
ATOM   255  O  OP1   . C   A 1 13 ? -10.743 1.683   -3.237  1.00 37.71 ? 13   C   A OP1   1 
ATOM   256  O  OP2   . C   A 1 13 ? -8.438  0.563   -3.411  1.00 35.98 ? 13   C   A OP2   1 
ATOM   257  O  "O5'" . C   A 1 13 ? -8.964  2.204   -1.601  1.00 35.24 ? 13   C   A "O5'" 1 
ATOM   258  C  "C5'" . C   A 1 13 ? -9.827  2.864   -0.655  1.00 37.12 ? 13   C   A "C5'" 1 
ATOM   259  C  "C4'" . C   A 1 13 ? -9.012  3.606   0.367   1.00 37.60 ? 13   C   A "C4'" 1 
ATOM   260  O  "O4'" . C   A 1 13 ? -8.124  2.674   1.041   1.00 34.65 ? 13   C   A "O4'" 1 
ATOM   261  C  "C3'" . C   A 1 13 ? -8.071  4.661   -0.186  1.00 36.24 ? 13   C   A "C3'" 1 
ATOM   262  O  "O3'" . C   A 1 13 ? -8.761  5.881   -0.454  1.00 34.88 ? 13   C   A "O3'" 1 
ATOM   263  C  "C2'" . C   A 1 13 ? -7.065  4.793   0.949   1.00 34.58 ? 13   C   A "C2'" 1 
ATOM   264  O  "O2'" . C   A 1 13 ? -7.574  5.509   2.056   1.00 34.47 ? 13   C   A "O2'" 1 
ATOM   265  C  "C1'" . C   A 1 13 ? -6.919  3.331   1.376   1.00 35.68 ? 13   C   A "C1'" 1 
ATOM   266  N  N1    . C   A 1 13 ? -5.809  2.656   0.688   1.00 32.11 ? 13   C   A N1    1 
ATOM   267  C  C2    . C   A 1 13 ? -4.511  2.932   1.108   1.00 33.07 ? 13   C   A C2    1 
ATOM   268  O  O2    . C   A 1 13 ? -4.344  3.741   2.031   1.00 33.11 ? 13   C   A O2    1 
ATOM   269  N  N3    . C   A 1 13 ? -3.470  2.324   0.497   1.00 33.44 ? 13   C   A N3    1 
ATOM   270  C  C4    . C   A 1 13 ? -3.691  1.477   -0.509  1.00 34.32 ? 13   C   A C4    1 
ATOM   271  N  N4    . C   A 1 13 ? -2.626  0.908   -1.094  1.00 32.68 ? 13   C   A N4    1 
ATOM   272  C  C5    . C   A 1 13 ? -5.009  1.177   -0.964  1.00 32.22 ? 13   C   A C5    1 
ATOM   273  C  C6    . C   A 1 13 ? -6.032  1.781   -0.339  1.00 34.07 ? 13   C   A C6    1 
ATOM   274  P  P     . A   A 1 14 ? -8.213  6.868   -1.589  1.00 35.85 ? 14   A   A P     1 
ATOM   275  O  OP1   . A   A 1 14 ? -9.282  7.858   -1.927  1.00 34.06 ? 14   A   A OP1   1 
ATOM   276  O  OP2   . A   A 1 14 ? -7.604  6.053   -2.684  1.00 34.38 ? 14   A   A OP2   1 
ATOM   277  O  "O5'" . A   A 1 14 ? -7.018  7.639   -0.882  1.00 34.80 ? 14   A   A "O5'" 1 
ATOM   278  C  "C5'" . A   A 1 14 ? -7.191  8.283   0.385   1.00 36.15 ? 14   A   A "C5'" 1 
ATOM   279  C  "C4'" . A   A 1 14 ? -5.845  8.656   0.947   1.00 35.36 ? 14   A   A "C4'" 1 
ATOM   280  O  "O4'" . A   A 1 14 ? -5.133  7.450   1.340   1.00 34.32 ? 14   A   A "O4'" 1 
ATOM   281  C  "C3'" . A   A 1 14 ? -4.913  9.321   -0.049  1.00 35.23 ? 14   A   A "C3'" 1 
ATOM   282  O  "O3'" . A   A 1 14 ? -5.171  10.713  -0.203  1.00 34.40 ? 14   A   A "O3'" 1 
ATOM   283  C  "C2'" . A   A 1 14 ? -3.545  9.024   0.547   1.00 32.54 ? 14   A   A "C2'" 1 
ATOM   284  O  "O2'" . A   A 1 14 ? -3.233  9.853   1.649   1.00 34.25 ? 14   A   A "O2'" 1 
ATOM   285  C  "C1'" . A   A 1 14 ? -3.751  7.599   1.062   1.00 34.35 ? 14   A   A "C1'" 1 
ATOM   286  N  N9    . A   A 1 14 ? -3.357  6.572   0.090   1.00 33.51 ? 14   A   A N9    1 
ATOM   287  C  C8    . A   A 1 14 ? -4.163  5.837   -0.743  1.00 35.17 ? 14   A   A C8    1 
ATOM   288  N  N7    . A   A 1 14 ? -3.509  4.976   -1.490  1.00 32.69 ? 14   A   A N7    1 
ATOM   289  C  C5    . A   A 1 14 ? -2.182  5.160   -1.125  1.00 33.31 ? 14   A   A C5    1 
ATOM   290  C  C6    . A   A 1 14 ? -0.982  4.539   -1.545  1.00 33.77 ? 14   A   A C6    1 
ATOM   291  N  N6    . A   A 1 14 ? -0.929  3.549   -2.449  1.00 34.36 ? 14   A   A N6    1 
ATOM   292  N  N1    . A   A 1 14 ? 0.172   4.966   -0.991  1.00 34.58 ? 14   A   A N1    1 
ATOM   293  C  C2    . A   A 1 14 ? 0.121   5.939   -0.064  1.00 34.74 ? 14   A   A C2    1 
ATOM   294  N  N3    . A   A 1 14 ? -0.942  6.591   0.419   1.00 33.26 ? 14   A   A N3    1 
ATOM   295  C  C4    . A   A 1 14 ? -2.074  6.149   -0.159  1.00 33.42 ? 14   A   A C4    1 
ATOM   296  P  P     . C   A 1 15 ? -4.888  11.403  -1.619  1.00 35.80 ? 15   C   A P     1 
ATOM   297  O  OP1   . C   A 1 15 ? -5.310  12.833  -1.585  1.00 36.65 ? 15   C   A OP1   1 
ATOM   298  O  OP2   . C   A 1 15 ? -5.459  10.496  -2.647  1.00 36.38 ? 15   C   A OP2   1 
ATOM   299  O  "O5'" . C   A 1 15 ? -3.295  11.377  -1.712  1.00 34.24 ? 15   C   A "O5'" 1 
ATOM   300  C  "C5'" . C   A 1 15 ? -2.506  12.100  -0.753  1.00 34.45 ? 15   C   A "C5'" 1 
ATOM   301  C  "C4'" . C   A 1 15 ? -1.043  11.737  -0.873  1.00 34.16 ? 15   C   A "C4'" 1 
ATOM   302  O  "O4'" . C   A 1 15 ? -0.866  10.312  -0.644  1.00 35.00 ? 15   C   A "O4'" 1 
ATOM   303  C  "C3'" . C   A 1 15 ? -0.379  11.969  -2.223  1.00 35.05 ? 15   C   A "C3'" 1 
ATOM   304  O  "O3'" . C   A 1 15 ? 0.050   13.317  -2.394  1.00 36.15 ? 15   C   A "O3'" 1 
ATOM   305  C  "C2'" . C   A 1 15 ? 0.836   11.066  -2.125  1.00 32.47 ? 15   C   A "C2'" 1 
ATOM   306  O  "O2'" . C   A 1 15 ? 1.830   11.684  -1.337  1.00 32.90 ? 15   C   A "O2'" 1 
ATOM   307  C  "C1'" . C   A 1 15 ? 0.252   9.857   -1.394  1.00 31.42 ? 15   C   A "C1'" 1 
ATOM   308  N  N1    . C   A 1 15 ? -0.182  8.796   -2.329  1.00 31.61 ? 15   C   A N1    1 
ATOM   309  C  C2    . C   A 1 15 ? 0.796   7.952   -2.859  1.00 31.74 ? 15   C   A C2    1 
ATOM   310  O  O2    . C   A 1 15 ? 1.974   8.135   -2.523  1.00 33.79 ? 15   C   A O2    1 
ATOM   311  N  N3    . C   A 1 15 ? 0.436   6.959   -3.709  1.00 30.00 ? 15   C   A N3    1 
ATOM   312  C  C4    . C   A 1 15 ? -0.849  6.791   -4.027  1.00 32.69 ? 15   C   A C4    1 
ATOM   313  N  N4    . C   A 1 15 ? -1.170  5.777   -4.854  1.00 30.61 ? 15   C   A N4    1 
ATOM   314  C  C5    . C   A 1 15 ? -1.874  7.647   -3.506  1.00 32.24 ? 15   C   A C5    1 
ATOM   315  C  C6    . C   A 1 15 ? -1.494  8.627   -2.671  1.00 33.02 ? 15   C   A C6    1 
ATOM   316  P  P     . A   A 1 16 ? -0.052  14.003  -3.841  1.00 37.42 ? 16   A   A P     1 
ATOM   317  O  OP1   . A   A 1 16 ? 0.224   15.459  -3.658  1.00 39.09 ? 16   A   A OP1   1 
ATOM   318  O  OP2   . A   A 1 16 ? -1.317  13.575  -4.495  1.00 36.22 ? 16   A   A OP2   1 
ATOM   319  O  "O5'" . A   A 1 16 ? 1.150   13.370  -4.673  1.00 35.64 ? 16   A   A "O5'" 1 
ATOM   320  C  "C5'" . A   A 1 16 ? 2.500   13.435  -4.195  1.00 33.84 ? 16   A   A "C5'" 1 
ATOM   321  C  "C4'" . A   A 1 16 ? 3.361   12.455  -4.956  1.00 35.84 ? 16   A   A "C4'" 1 
ATOM   322  O  "O4'" . A   A 1 16 ? 3.000   11.089  -4.610  1.00 35.91 ? 16   A   A "O4'" 1 
ATOM   323  C  "C3'" . A   A 1 16 ? 3.213   12.494  -6.466  1.00 35.58 ? 16   A   A "C3'" 1 
ATOM   324  O  "O3'" . A   A 1 16 ? 3.992   13.539  -7.018  1.00 35.56 ? 16   A   A "O3'" 1 
ATOM   325  C  "C2'" . A   A 1 16 ? 3.747   11.126  -6.859  1.00 34.51 ? 16   A   A "C2'" 1 
ATOM   326  O  "O2'" . A   A 1 16 ? 5.156   11.111  -6.767  1.00 34.38 ? 16   A   A "O2'" 1 
ATOM   327  C  "C1'" . A   A 1 16 ? 3.155   10.254  -5.748  1.00 36.10 ? 16   A   A "C1'" 1 
ATOM   328  N  N9    . A   A 1 16 ? 1.835   9.735   -6.109  1.00 34.93 ? 16   A   A N9    1 
ATOM   329  C  C8    . A   A 1 16 ? 0.614   10.323  -5.903  1.00 37.86 ? 16   A   A C8    1 
ATOM   330  N  N7    . A   A 1 16 ? -0.397  9.614   -6.352  1.00 36.74 ? 16   A   A N7    1 
ATOM   331  C  C5    . A   A 1 16 ? 0.205   8.485   -6.888  1.00 37.38 ? 16   A   A C5    1 
ATOM   332  C  C6    . A   A 1 16 ? -0.320  7.348   -7.526  1.00 38.23 ? 16   A   A C6    1 
ATOM   333  N  N6    . A   A 1 16 ? -1.619  7.154   -7.736  1.00 37.66 ? 16   A   A N6    1 
ATOM   334  N  N1    . A   A 1 16 ? 0.548   6.406   -7.943  1.00 38.53 ? 16   A   A N1    1 
ATOM   335  C  C2    . A   A 1 16 ? 1.849   6.600   -7.729  1.00 37.55 ? 16   A   A C2    1 
ATOM   336  N  N3    . A   A 1 16 ? 2.465   7.623   -7.140  1.00 39.67 ? 16   A   A N3    1 
ATOM   337  C  C4    . A   A 1 16 ? 1.576   8.544   -6.740  1.00 36.84 ? 16   A   A C4    1 
ATOM   338  P  P     . C   A 1 17 ? 3.451   14.360  -8.281  1.00 36.17 ? 17   C   A P     1 
ATOM   339  O  OP1   . C   A 1 17 ? 4.370   15.523  -8.440  1.00 35.53 ? 17   C   A OP1   1 
ATOM   340  O  OP2   . C   A 1 17 ? 1.993   14.587  -8.197  1.00 35.61 ? 17   C   A OP2   1 
ATOM   341  O  "O5'" . C   A 1 17 ? 3.684   13.382  -9.518  1.00 36.08 ? 17   C   A "O5'" 1 
ATOM   342  C  "C5'" . C   A 1 17 ? 5.001   12.975  -9.896  1.00 34.75 ? 17   C   A "C5'" 1 
ATOM   343  C  "C4'" . C   A 1 17 ? 4.924   11.775  -10.811 1.00 31.23 ? 17   C   A "C4'" 1 
ATOM   344  O  "O4'" . C   A 1 17 ? 4.270   10.683  -10.112 1.00 32.49 ? 17   C   A "O4'" 1 
ATOM   345  C  "C3'" . C   A 1 17 ? 4.078   11.933  -12.061 1.00 32.17 ? 17   C   A "C3'" 1 
ATOM   346  O  "O3'" . C   A 1 17 ? 4.799   12.607  -13.083 1.00 31.20 ? 17   C   A "O3'" 1 
ATOM   347  C  "C2'" . C   A 1 17 ? 3.815   10.480  -12.425 1.00 32.66 ? 17   C   A "C2'" 1 
ATOM   348  O  "O2'" . C   A 1 17 ? 4.962   9.870   -12.959 1.00 30.67 ? 17   C   A "O2'" 1 
ATOM   349  C  "C1'" . C   A 1 17 ? 3.579   9.875   -11.046 1.00 31.85 ? 17   C   A "C1'" 1 
ATOM   350  N  N1    . C   A 1 17 ? 2.151   9.883   -10.711 1.00 33.23 ? 17   C   A N1    1 
ATOM   351  C  C2    . C   A 1 17 ? 1.353   8.855   -11.213 1.00 33.31 ? 17   C   A C2    1 
ATOM   352  O  O2    . C   A 1 17 ? 1.872   8.005   -11.959 1.00 32.02 ? 17   C   A O2    1 
ATOM   353  N  N3    . C   A 1 17 ? 0.044   8.820   -10.888 1.00 33.62 ? 17   C   A N3    1 
ATOM   354  C  C4    . C   A 1 17 ? -0.480  9.773   -10.109 1.00 32.60 ? 17   C   A C4    1 
ATOM   355  N  N4    . C   A 1 17 ? -1.779  9.693   -9.816  1.00 32.85 ? 17   C   A N4    1 
ATOM   356  C  C5    . C   A 1 17 ? 0.306   10.848  -9.602  1.00 33.78 ? 17   C   A C5    1 
ATOM   357  C  C6    . C   A 1 17 ? 1.609   10.862  -9.924  1.00 33.67 ? 17   C   A C6    1 
ATOM   358  P  P     . A   A 1 18 ? 4.011   13.377  -14.242 1.00 32.27 ? 18   A   A P     1 
ATOM   359  O  OP1   . A   A 1 18 ? 5.010   14.206  -14.976 1.00 29.73 ? 18   A   A OP1   1 
ATOM   360  O  OP2   . A   A 1 18 ? 2.786   14.029  -13.668 1.00 34.19 ? 18   A   A OP2   1 
ATOM   361  O  "O5'" . A   A 1 18 ? 3.518   12.237  -15.228 1.00 31.64 ? 18   A   A "O5'" 1 
ATOM   362  C  "C5'" . A   A 1 18 ? 4.464   11.462  -15.981 1.00 31.71 ? 18   A   A "C5'" 1 
ATOM   363  C  "C4'" . A   A 1 18 ? 3.753   10.357  -16.711 1.00 32.61 ? 18   A   A "C4'" 1 
ATOM   364  O  "O4'" . A   A 1 18 ? 3.060   9.514   -15.755 1.00 30.28 ? 18   A   A "O4'" 1 
ATOM   365  C  "C3'" . A   A 1 18 ? 2.645   10.842  -17.625 1.00 31.93 ? 18   A   A "C3'" 1 
ATOM   366  O  "O3'" . A   A 1 18 ? 3.155   11.267  -18.867 1.00 32.72 ? 18   A   A "O3'" 1 
ATOM   367  C  "C2'" . A   A 1 18 ? 1.767   9.612   -17.745 1.00 31.97 ? 18   A   A "C2'" 1 
ATOM   368  O  "O2'" . A   A 1 18 ? 2.333   8.669   -18.639 1.00 30.52 ? 18   A   A "O2'" 1 
ATOM   369  C  "C1'" . A   A 1 18 ? 1.823   9.084   -16.311 1.00 32.43 ? 18   A   A "C1'" 1 
ATOM   370  N  N9    . A   A 1 18 ? 0.757   9.575   -15.433 1.00 32.28 ? 18   A   A N9    1 
ATOM   371  C  C8    . A   A 1 18 ? 0.855   10.576  -14.495 1.00 31.72 ? 18   A   A C8    1 
ATOM   372  N  N7    . A   A 1 18 ? -0.216  10.713  -13.750 1.00 32.02 ? 18   A   A N7    1 
ATOM   373  C  C5    . A   A 1 18 ? -1.090  9.758   -14.251 1.00 30.98 ? 18   A   A C5    1 
ATOM   374  C  C6    . A   A 1 18 ? -2.381  9.365   -13.864 1.00 29.88 ? 18   A   A C6    1 
ATOM   375  N  N6    . A   A 1 18 ? -3.039  9.913   -12.834 1.00 30.20 ? 18   A   A N6    1 
ATOM   376  N  N1    . A   A 1 18 ? -2.976  8.377   -14.573 1.00 31.21 ? 18   A   A N1    1 
ATOM   377  C  C2    . A   A 1 18 ? -2.312  7.835   -15.607 1.00 31.48 ? 18   A   A C2    1 
ATOM   378  N  N3    . A   A 1 18 ? -1.090  8.115   -16.064 1.00 31.72 ? 18   A   A N3    1 
ATOM   379  C  C4    . A   A 1 18 ? -0.520  9.083   -15.323 1.00 31.84 ? 18   A   A C4    1 
ATOM   380  P  P     . G   A 1 19 ? 2.377   12.390  -19.691 1.00 36.98 ? 19   G   A P     1 
ATOM   381  O  OP1   . G   A 1 19 ? 3.223   12.752  -20.861 1.00 37.03 ? 19   G   A OP1   1 
ATOM   382  O  OP2   . G   A 1 19 ? 1.960   13.460  -18.745 1.00 35.17 ? 19   G   A OP2   1 
ATOM   383  O  "O5'" . G   A 1 19 ? 1.080   11.630  -20.212 1.00 36.40 ? 19   G   A "O5'" 1 
ATOM   384  C  "C5'" . G   A 1 19 ? 1.193   10.579  -21.192 1.00 39.85 ? 19   G   A "C5'" 1 
ATOM   385  C  "C4'" . G   A 1 19 ? -0.132  9.888   -21.377 1.00 38.37 ? 19   G   A "C4'" 1 
ATOM   386  O  "O4'" . G   A 1 19 ? -0.530  9.242   -20.140 1.00 38.97 ? 19   G   A "O4'" 1 
ATOM   387  C  "C3'" . G   A 1 19 ? -1.316  10.781  -21.698 1.00 40.69 ? 19   G   A "C3'" 1 
ATOM   388  O  "O3'" . G   A 1 19 ? -1.328  11.177  -23.059 1.00 43.22 ? 19   G   A "O3'" 1 
ATOM   389  C  "C2'" . G   A 1 19 ? -2.481  9.878   -21.322 1.00 39.56 ? 19   G   A "C2'" 1 
ATOM   390  O  "O2'" . G   A 1 19 ? -2.688  8.845   -22.264 1.00 42.04 ? 19   G   A "O2'" 1 
ATOM   391  C  "C1'" . G   A 1 19 ? -1.945  9.242   -20.041 1.00 37.39 ? 19   G   A "C1'" 1 
ATOM   392  N  N9    . G   A 1 19 ? -2.313  9.995   -18.848 1.00 35.80 ? 19   G   A N9    1 
ATOM   393  C  C8    . G   A 1 19 ? -1.557  10.950  -18.214 1.00 35.42 ? 19   G   A C8    1 
ATOM   394  N  N7    . G   A 1 19 ? -2.136  11.440  -17.152 1.00 34.52 ? 19   G   A N7    1 
ATOM   395  C  C5    . G   A 1 19 ? -3.351  10.772  -17.086 1.00 35.12 ? 19   G   A C5    1 
ATOM   396  C  C6    . G   A 1 19 ? -4.408  10.888  -16.149 1.00 34.17 ? 19   G   A C6    1 
ATOM   397  O  O6    . G   A 1 19 ? -4.475  11.617  -15.150 1.00 34.31 ? 19   G   A O6    1 
ATOM   398  N  N1    . G   A 1 19 ? -5.464  10.039  -16.460 1.00 35.83 ? 19   G   A N1    1 
ATOM   399  C  C2    . G   A 1 19 ? -5.499  9.183   -17.535 1.00 35.66 ? 19   G   A C2    1 
ATOM   400  N  N2    . G   A 1 19 ? -6.618  8.442   -17.667 1.00 34.61 ? 19   G   A N2    1 
ATOM   401  N  N3    . G   A 1 19 ? -4.513  9.062   -18.415 1.00 36.30 ? 19   G   A N3    1 
ATOM   402  C  C4    . G   A 1 19 ? -3.479  9.881   -18.129 1.00 35.02 ? 19   G   A C4    1 
ATOM   403  P  P     . C   A 1 20 ? -1.886  12.629  -23.460 1.00 48.23 ? 20   C   A P     1 
ATOM   404  O  OP1   . C   A 1 20 ? -1.666  12.744  -24.927 1.00 48.05 ? 20   C   A OP1   1 
ATOM   405  O  OP2   . C   A 1 20 ? -1.307  13.657  -22.548 1.00 46.77 ? 20   C   A OP2   1 
ATOM   406  O  "O5'" . C   A 1 20 ? -3.447  12.529  -23.169 1.00 47.79 ? 20   C   A "O5'" 1 
ATOM   407  C  "C5'" . C   A 1 20 ? -4.277  11.632  -23.920 1.00 49.00 ? 20   C   A "C5'" 1 
ATOM   408  C  "C4'" . C   A 1 20 ? -5.630  11.491  -23.264 1.00 49.91 ? 20   C   A "C4'" 1 
ATOM   409  O  "O4'" . C   A 1 20 ? -5.477  10.936  -21.926 1.00 48.41 ? 20   C   A "O4'" 1 
ATOM   410  C  "C3'" . C   A 1 20 ? -6.421  12.765  -23.016 1.00 50.15 ? 20   C   A "C3'" 1 
ATOM   411  O  "O3'" . C   A 1 20 ? -7.060  13.261  -24.185 1.00 51.89 ? 20   C   A "O3'" 1 
ATOM   412  C  "C2'" . C   A 1 20 ? -7.422  12.287  -21.976 1.00 49.82 ? 20   C   A "C2'" 1 
ATOM   413  O  "O2'" . C   A 1 20 ? -8.434  11.484  -22.553 1.00 51.17 ? 20   C   A "O2'" 1 
ATOM   414  C  "C1'" . C   A 1 20 ? -6.532  11.401  -21.099 1.00 47.62 ? 20   C   A "C1'" 1 
ATOM   415  N  N1    . C   A 1 20 ? -5.954  12.158  -19.975 1.00 45.11 ? 20   C   A N1    1 
ATOM   416  C  C2    . C   A 1 20 ? -6.702  12.288  -18.802 1.00 43.52 ? 20   C   A C2    1 
ATOM   417  O  O2    . C   A 1 20 ? -7.810  11.744  -18.735 1.00 42.49 ? 20   C   A O2    1 
ATOM   418  N  N3    . C   A 1 20 ? -6.198  13.000  -17.768 1.00 43.25 ? 20   C   A N3    1 
ATOM   419  C  C4    . C   A 1 20 ? -4.995  13.566  -17.869 1.00 42.45 ? 20   C   A C4    1 
ATOM   420  N  N4    . C   A 1 20 ? -4.537  14.246  -16.813 1.00 39.34 ? 20   C   A N4    1 
ATOM   421  C  C5    . C   A 1 20 ? -4.204  13.450  -19.053 1.00 42.76 ? 20   C   A C5    1 
ATOM   422  C  C6    . C   A 1 20 ? -4.718  12.739  -20.072 1.00 43.17 ? 20   C   A C6    1 
ATOM   423  P  P     . A   A 1 21 ? -7.326  14.844  -24.335 1.00 54.75 ? 21   A   A P     1 
ATOM   424  O  OP1   . A   A 1 21 ? -7.751  15.095  -25.737 1.00 55.27 ? 21   A   A OP1   1 
ATOM   425  O  OP2   . A   A 1 21 ? -6.153  15.569  -23.788 1.00 54.71 ? 21   A   A OP2   1 
ATOM   426  O  "O5'" . A   A 1 21 ? -8.573  15.129  -23.379 1.00 52.83 ? 21   A   A "O5'" 1 
ATOM   427  C  "C5'" . A   A 1 21 ? -9.850  14.500  -23.618 1.00 51.71 ? 21   A   A "C5'" 1 
ATOM   428  C  "C4'" . A   A 1 21 ? -10.818 14.805  -22.492 1.00 50.83 ? 21   A   A "C4'" 1 
ATOM   429  O  "O4'" . A   A 1 21 ? -10.349 14.207  -21.254 1.00 48.91 ? 21   A   A "O4'" 1 
ATOM   430  C  "C3'" . A   A 1 21 ? -11.015 16.273  -22.143 1.00 50.40 ? 21   A   A "C3'" 1 
ATOM   431  O  "O3'" . A   A 1 21 ? -11.950 16.898  -23.020 1.00 51.69 ? 21   A   A "O3'" 1 
ATOM   432  C  "C2'" . A   A 1 21 ? -11.541 16.194  -20.716 1.00 49.45 ? 21   A   A "C2'" 1 
ATOM   433  O  "O2'" . A   A 1 21 ? -12.913 15.864  -20.645 1.00 51.34 ? 21   A   A "O2'" 1 
ATOM   434  C  "C1'" . A   A 1 21 ? -10.721 15.029  -20.157 1.00 47.79 ? 21   A   A "C1'" 1 
ATOM   435  N  N9    . A   A 1 21 ? -9.502  15.482  -19.496 1.00 44.26 ? 21   A   A N9    1 
ATOM   436  C  C8    . A   A 1 21 ? -8.239  15.538  -20.027 1.00 42.87 ? 21   A   A C8    1 
ATOM   437  N  N7    . A   A 1 21 ? -7.338  16.001  -19.197 1.00 42.81 ? 21   A   A N7    1 
ATOM   438  C  C5    . A   A 1 21 ? -8.057  16.266  -18.039 1.00 41.50 ? 21   A   A C5    1 
ATOM   439  C  C6    . A   A 1 21 ? -7.675  16.774  -16.791 1.00 39.79 ? 21   A   A C6    1 
ATOM   440  N  N6    . A   A 1 21 ? -6.416  17.108  -16.483 1.00 39.37 ? 21   A   A N6    1 
ATOM   441  N  N1    . A   A 1 21 ? -8.639  16.928  -15.855 1.00 39.34 ? 21   A   A N1    1 
ATOM   442  C  C2    . A   A 1 21 ? -9.895  16.577  -16.163 1.00 38.61 ? 21   A   A C2    1 
ATOM   443  N  N3    . A   A 1 21 ? -10.375 16.081  -17.301 1.00 41.68 ? 21   A   A N3    1 
ATOM   444  C  C4    . A   A 1 21 ? -9.392  15.951  -18.210 1.00 41.98 ? 21   A   A C4    1 
ATOM   445  P  P     . A   A 1 22 ? -11.922 18.495  -23.212 1.00 49.67 ? 22   A   A P     1 
ATOM   446  O  OP1   . A   A 1 22 ? -12.920 18.797  -24.271 1.00 50.53 ? 22   A   A OP1   1 
ATOM   447  O  OP2   . A   A 1 22 ? -10.516 18.935  -23.381 1.00 50.71 ? 22   A   A OP2   1 
ATOM   448  O  "O5'" . A   A 1 22 ? -12.469 19.081  -21.834 1.00 49.70 ? 22   A   A "O5'" 1 
ATOM   449  C  "C5'" . A   A 1 22 ? -13.885 19.099  -21.551 1.00 49.10 ? 22   A   A "C5'" 1 
ATOM   450  C  "C4'" . A   A 1 22 ? -14.144 19.628  -20.156 1.00 46.86 ? 22   A   A "C4'" 1 
ATOM   451  O  "O4'" . A   A 1 22 ? -13.425 18.806  -19.195 1.00 46.48 ? 22   A   A "O4'" 1 
ATOM   452  C  "C3'" . A   A 1 22 ? -13.651 21.036  -19.861 1.00 47.12 ? 22   A   A "C3'" 1 
ATOM   453  O  "O3'" . A   A 1 22 ? -14.560 22.034  -20.320 1.00 47.17 ? 22   A   A "O3'" 1 
ATOM   454  C  "C2'" . A   A 1 22 ? -13.552 21.018  -18.342 1.00 46.27 ? 22   A   A "C2'" 1 
ATOM   455  O  "O2'" . A   A 1 22 ? -14.814 21.139  -17.719 1.00 45.69 ? 22   A   A "O2'" 1 
ATOM   456  C  "C1'" . A   A 1 22 ? -13.007 19.608  -18.100 1.00 45.78 ? 22   A   A "C1'" 1 
ATOM   457  N  N9    . A   A 1 22 ? -11.545 19.601  -18.055 1.00 44.40 ? 22   A   A N9    1 
ATOM   458  C  C8    . A   A 1 22 ? -10.668 19.254  -19.055 1.00 45.18 ? 22   A   A C8    1 
ATOM   459  N  N7    . A   A 1 22 ? -9.407  19.406  -18.726 1.00 43.27 ? 22   A   A N7    1 
ATOM   460  C  C5    . A   A 1 22 ? -9.457  19.871  -17.422 1.00 42.43 ? 22   A   A C5    1 
ATOM   461  C  C6    . A   A 1 22 ? -8.454  20.237  -16.515 1.00 44.21 ? 22   A   A C6    1 
ATOM   462  N  N6    . A   A 1 22 ? -7.148  20.183  -16.797 1.00 42.15 ? 22   A   A N6    1 
ATOM   463  N  N1    . A   A 1 22 ? -8.840  20.664  -15.291 1.00 44.16 ? 22   A   A N1    1 
ATOM   464  C  C2    . A   A 1 22 ? -10.152 20.711  -15.012 1.00 45.09 ? 22   A   A C2    1 
ATOM   465  N  N3    . A   A 1 22 ? -11.189 20.395  -15.783 1.00 43.25 ? 22   A   A N3    1 
ATOM   466  C  C4    . A   A 1 22 ? -10.768 19.980  -16.991 1.00 43.82 ? 22   A   A C4    1 
ATOM   467  P  P     . G   A 1 23 ? -13.999 23.459  -20.806 1.00 47.86 ? 23   G   A P     1 
ATOM   468  O  OP1   . G   A 1 23 ? -15.175 24.211  -21.335 1.00 48.10 ? 23   G   A OP1   1 
ATOM   469  O  OP2   . G   A 1 23 ? -12.824 23.210  -21.694 1.00 46.33 ? 23   G   A OP2   1 
ATOM   470  O  "O5'" . G   A 1 23 ? -13.500 24.163  -19.465 1.00 45.32 ? 23   G   A "O5'" 1 
ATOM   471  C  "C5'" . G   A 1 23 ? -14.451 24.612  -18.479 1.00 44.55 ? 23   G   A "C5'" 1 
ATOM   472  C  "C4'" . G   A 1 23 ? -13.747 25.112  -17.239 1.00 42.94 ? 23   G   A "C4'" 1 
ATOM   473  O  "O4'" . G   A 1 23 ? -12.910 24.060  -16.703 1.00 40.35 ? 23   G   A "O4'" 1 
ATOM   474  C  "C3'" . G   A 1 23 ? -12.786 26.279  -17.386 1.00 41.90 ? 23   G   A "C3'" 1 
ATOM   475  O  "O3'" . G   A 1 23 ? -13.450 27.541  -17.494 1.00 41.27 ? 23   G   A "O3'" 1 
ATOM   476  C  "C2'" . G   A 1 23 ? -11.964 26.162  -16.109 1.00 41.03 ? 23   G   A "C2'" 1 
ATOM   477  O  "O2'" . G   A 1 23 ? -12.614 26.703  -14.969 1.00 41.05 ? 23   G   A "O2'" 1 
ATOM   478  C  "C1'" . G   A 1 23 ? -11.843 24.639  -15.967 1.00 40.54 ? 23   G   A "C1'" 1 
ATOM   479  N  N9    . G   A 1 23 ? -10.586 24.136  -16.508 1.00 37.65 ? 23   G   A N9    1 
ATOM   480  C  C8    . G   A 1 23 ? -10.386 23.558  -17.738 1.00 37.37 ? 23   G   A C8    1 
ATOM   481  N  N7    . G   A 1 23 ? -9.137  23.251  -17.963 1.00 36.23 ? 23   G   A N7    1 
ATOM   482  C  C5    . G   A 1 23 ? -8.473  23.646  -16.808 1.00 36.53 ? 23   G   A C5    1 
ATOM   483  C  C6    . G   A 1 23 ? -7.093  23.596  -16.476 1.00 37.09 ? 23   G   A C6    1 
ATOM   484  O  O6    . G   A 1 23 ? -6.149  23.195  -17.170 1.00 38.69 ? 23   G   A O6    1 
ATOM   485  N  N1    . G   A 1 23 ? -6.852  24.098  -15.201 1.00 36.44 ? 23   G   A N1    1 
ATOM   486  C  C2    . G   A 1 23 ? -7.813  24.600  -14.359 1.00 36.96 ? 23   G   A C2    1 
ATOM   487  N  N2    . G   A 1 23 ? -7.384  25.053  -13.172 1.00 35.83 ? 23   G   A N2    1 
ATOM   488  N  N3    . G   A 1 23 ? -9.101  24.662  -14.662 1.00 34.86 ? 23   G   A N3    1 
ATOM   489  C  C4    . G   A 1 23 ? -9.356  24.176  -15.892 1.00 37.10 ? 23   G   A C4    1 
ATOM   490  O  "O5'" . C   B 1 1  ? 0.649   23.517  -11.123 1.00 39.79 ? 1    C   B "O5'" 1 
ATOM   491  C  "C5'" . C   B 1 1  ? 0.678   24.526  -10.100 1.00 40.69 ? 1    C   B "C5'" 1 
ATOM   492  C  "C4'" . C   B 1 1  ? -0.664  25.207  -9.924  1.00 41.36 ? 1    C   B "C4'" 1 
ATOM   493  O  "O4'" . C   B 1 1  ? -1.041  25.893  -11.151 1.00 41.03 ? 1    C   B "O4'" 1 
ATOM   494  C  "C3'" . C   B 1 1  ? -1.824  24.263  -9.671  1.00 41.75 ? 1    C   B "C3'" 1 
ATOM   495  O  "O3'" . C   B 1 1  ? -1.916  23.872  -8.321  1.00 43.46 ? 1    C   B "O3'" 1 
ATOM   496  C  "C2'" . C   B 1 1  ? -3.017  25.089  -10.112 1.00 42.30 ? 1    C   B "C2'" 1 
ATOM   497  O  "O2'" . C   B 1 1  ? -3.355  26.059  -9.145  1.00 42.70 ? 1    C   B "O2'" 1 
ATOM   498  C  "C1'" . C   B 1 1  ? -2.444  25.765  -11.357 1.00 41.68 ? 1    C   B "C1'" 1 
ATOM   499  N  N1    . C   B 1 1  ? -2.664  24.932  -12.548 1.00 40.45 ? 1    C   B N1    1 
ATOM   500  C  C2    . C   B 1 1  ? -3.913  24.988  -13.187 1.00 40.77 ? 1    C   B C2    1 
ATOM   501  O  O2    . C   B 1 1  ? -4.791  25.749  -12.729 1.00 40.72 ? 1    C   B O2    1 
ATOM   502  N  N3    . C   B 1 1  ? -4.134  24.212  -14.275 1.00 38.35 ? 1    C   B N3    1 
ATOM   503  C  C4    . C   B 1 1  ? -3.170  23.402  -14.723 1.00 37.99 ? 1    C   B C4    1 
ATOM   504  N  N4    . C   B 1 1  ? -3.430  22.657  -15.796 1.00 35.33 ? 1    C   B N4    1 
ATOM   505  C  C5    . C   B 1 1  ? -1.892  23.326  -14.091 1.00 37.41 ? 1    C   B C5    1 
ATOM   506  C  C6    . C   B 1 1  ? -1.682  24.105  -13.022 1.00 37.00 ? 1    C   B C6    1 
ATOM   507  P  P     . U   B 1 2  ? -2.453  22.403  -7.971  1.00 46.37 ? 2    U   B P     1 
ATOM   508  O  OP1   . U   B 1 2  ? -2.223  22.176  -6.522  1.00 46.46 ? 2    U   B OP1   1 
ATOM   509  O  OP2   . U   B 1 2  ? -1.914  21.445  -8.965  1.00 43.16 ? 2    U   B OP2   1 
ATOM   510  O  "O5'" . U   B 1 2  ? -4.015  22.495  -8.259  1.00 44.60 ? 2    U   B "O5'" 1 
ATOM   511  C  "C5'" . U   B 1 2  ? -4.848  23.377  -7.502  1.00 43.81 ? 2    U   B "C5'" 1 
ATOM   512  C  "C4'" . U   B 1 2  ? -6.272  23.265  -7.977  1.00 42.33 ? 2    U   B "C4'" 1 
ATOM   513  O  "O4'" . U   B 1 2  ? -6.370  23.743  -9.341  1.00 41.31 ? 2    U   B "O4'" 1 
ATOM   514  C  "C3'" . U   B 1 2  ? -6.820  21.852  -8.071  1.00 41.66 ? 2    U   B "C3'" 1 
ATOM   515  O  "O3'" . U   B 1 2  ? -7.225  21.355  -6.809  1.00 40.35 ? 2    U   B "O3'" 1 
ATOM   516  C  "C2'" . U   B 1 2  ? -7.992  22.045  -9.016  1.00 41.37 ? 2    U   B "C2'" 1 
ATOM   517  O  "O2'" . U   B 1 2  ? -9.076  22.685  -8.366  1.00 41.58 ? 2    U   B "O2'" 1 
ATOM   518  C  "C1'" . U   B 1 2  ? -7.389  23.026  -10.020 1.00 41.28 ? 2    U   B "C1'" 1 
ATOM   519  N  N1    . U   B 1 2  ? -6.798  22.363  -11.189 1.00 39.07 ? 2    U   B N1    1 
ATOM   520  C  C2    . U   B 1 2  ? -7.659  21.956  -12.184 1.00 40.44 ? 2    U   B C2    1 
ATOM   521  O  O2    . U   B 1 2  ? -8.870  22.107  -12.108 1.00 40.55 ? 2    U   B O2    1 
ATOM   522  N  N3    . U   B 1 2  ? -7.058  21.363  -13.271 1.00 38.48 ? 2    U   B N3    1 
ATOM   523  C  C4    . U   B 1 2  ? -5.708  21.132  -13.450 1.00 39.40 ? 2    U   B C4    1 
ATOM   524  O  O4    . U   B 1 2  ? -5.319  20.570  -14.481 1.00 39.46 ? 2    U   B O4    1 
ATOM   525  C  C5    . U   B 1 2  ? -4.880  21.571  -12.368 1.00 37.86 ? 2    U   B C5    1 
ATOM   526  C  C6    . U   B 1 2  ? -5.437  22.157  -11.299 1.00 39.18 ? 2    U   B C6    1 
ATOM   527  P  P     . U   B 1 3  ? -7.242  19.768  -6.550  1.00 40.99 ? 3    U   B P     1 
ATOM   528  O  OP1   . U   B 1 3  ? -7.648  19.598  -5.132  1.00 41.58 ? 3    U   B OP1   1 
ATOM   529  O  OP2   . U   B 1 3  ? -5.969  19.164  -7.032  1.00 40.44 ? 3    U   B OP2   1 
ATOM   530  O  "O5'" . U   B 1 3  ? -8.414  19.246  -7.486  1.00 40.37 ? 3    U   B "O5'" 1 
ATOM   531  C  "C5'" . U   B 1 3  ? -9.768  19.660  -7.238  1.00 43.14 ? 3    U   B "C5'" 1 
ATOM   532  C  "C4'" . U   B 1 3  ? -10.680 19.147  -8.313  1.00 40.86 ? 3    U   B "C4'" 1 
ATOM   533  O  "O4'" . U   B 1 3  ? -10.351 19.773  -9.581  1.00 42.40 ? 3    U   B "O4'" 1 
ATOM   534  C  "C3'" . U   B 1 3  ? -10.582 17.666  -8.629  1.00 40.00 ? 3    U   B "C3'" 1 
ATOM   535  O  "O3'" . U   B 1 3  ? -11.253 16.867  -7.668  1.00 40.48 ? 3    U   B "O3'" 1 
ATOM   536  C  "C2'" . U   B 1 3  ? -11.243 17.616  -9.999  1.00 40.60 ? 3    U   B "C2'" 1 
ATOM   537  O  "O2'" . U   B 1 3  ? -12.649 17.759  -9.922  1.00 40.75 ? 3    U   B "O2'" 1 
ATOM   538  C  "C1'" . U   B 1 3  ? -10.664 18.877  -10.642 1.00 40.54 ? 3    U   B "C1'" 1 
ATOM   539  N  N1    . U   B 1 3  ? -9.437  18.593  -11.401 1.00 38.10 ? 3    U   B N1    1 
ATOM   540  C  C2    . U   B 1 3  ? -9.587  18.131  -12.689 1.00 39.06 ? 3    U   B C2    1 
ATOM   541  O  O2    . U   B 1 3  ? -10.674 17.951  -13.202 1.00 38.24 ? 3    U   B O2    1 
ATOM   542  N  N3    . U   B 1 3  ? -8.415  17.877  -13.359 1.00 40.27 ? 3    U   B N3    1 
ATOM   543  C  C4    . U   B 1 3  ? -7.134  18.029  -12.877 1.00 40.86 ? 3    U   B C4    1 
ATOM   544  O  O4    . U   B 1 3  ? -6.176  17.730  -13.599 1.00 39.97 ? 3    U   B O4    1 
ATOM   545  C  C5    . U   B 1 3  ? -7.059  18.513  -11.527 1.00 39.90 ? 3    U   B C5    1 
ATOM   546  C  C6    . U   B 1 3  ? -8.188  18.774  -10.854 1.00 39.64 ? 3    U   B C6    1 
ATOM   547  P  P     . G   B 1 4  ? -10.746 15.365  -7.394  1.00 39.70 ? 4    G   B P     1 
ATOM   548  O  OP1   . G   B 1 4  ? -11.358 14.931  -6.115  1.00 41.99 ? 4    G   B OP1   1 
ATOM   549  O  OP2   . G   B 1 4  ? -9.271  15.322  -7.550  1.00 42.07 ? 4    G   B OP2   1 
ATOM   550  O  "O5'" . G   B 1 4  ? -11.385 14.530  -8.581  1.00 40.47 ? 4    G   B "O5'" 1 
ATOM   551  C  "C5'" . G   B 1 4  ? -12.779 14.656  -8.895  1.00 40.81 ? 4    G   B "C5'" 1 
ATOM   552  C  "C4'" . G   B 1 4  ? -13.049 14.090  -10.260 1.00 39.56 ? 4    G   B "C4'" 1 
ATOM   553  O  "O4'" . G   B 1 4  ? -12.417 14.909  -11.278 1.00 40.82 ? 4    G   B "O4'" 1 
ATOM   554  C  "C3'" . G   B 1 4  ? -12.460 12.715  -10.500 1.00 41.42 ? 4    G   B "C3'" 1 
ATOM   555  O  "O3'" . G   B 1 4  ? -13.281 11.709  -9.932  1.00 42.53 ? 4    G   B "O3'" 1 
ATOM   556  C  "C2'" . G   B 1 4  ? -12.424 12.655  -12.018 1.00 40.09 ? 4    G   B "C2'" 1 
ATOM   557  O  "O2'" . G   B 1 4  ? -13.711 12.413  -12.532 1.00 43.22 ? 4    G   B "O2'" 1 
ATOM   558  C  "C1'" . G   B 1 4  ? -12.012 14.091  -12.366 1.00 39.81 ? 4    G   B "C1'" 1 
ATOM   559  N  N9    . G   B 1 4  ? -10.574 14.276  -12.572 1.00 38.56 ? 4    G   B N9    1 
ATOM   560  C  C8    . G   B 1 4  ? -9.678  14.820  -11.684 1.00 38.41 ? 4    G   B C8    1 
ATOM   561  N  N7    . G   B 1 4  ? -8.457  14.867  -12.150 1.00 37.30 ? 4    G   B N7    1 
ATOM   562  C  C5    . G   B 1 4  ? -8.548  14.318  -13.420 1.00 37.47 ? 4    G   B C5    1 
ATOM   563  C  C6    . G   B 1 4  ? -7.539  14.085  -14.407 1.00 39.06 ? 4    G   B C6    1 
ATOM   564  O  O6    . G   B 1 4  ? -6.318  14.312  -14.340 1.00 37.60 ? 4    G   B O6    1 
ATOM   565  N  N1    . G   B 1 4  ? -8.075  13.515  -15.560 1.00 38.93 ? 4    G   B N1    1 
ATOM   566  C  C2    . G   B 1 4  ? -9.398  13.200  -15.743 1.00 39.68 ? 4    G   B C2    1 
ATOM   567  N  N2    . G   B 1 4  ? -9.719  12.675  -16.941 1.00 39.67 ? 4    G   B N2    1 
ATOM   568  N  N3    . G   B 1 4  ? -10.339 13.390  -14.829 1.00 38.68 ? 4    G   B N3    1 
ATOM   569  C  C4    . G   B 1 4  ? -9.849  13.950  -13.702 1.00 38.27 ? 4    G   B C4    1 
ATOM   570  P  P     . C   B 1 5  ? -12.622 10.333  -9.441  1.00 45.38 ? 5    C   B P     1 
ATOM   571  O  OP1   . C   B 1 5  ? -13.651 9.626   -8.627  1.00 45.51 ? 5    C   B OP1   1 
ATOM   572  O  OP2   . C   B 1 5  ? -11.282 10.614  -8.852  1.00 44.38 ? 5    C   B OP2   1 
ATOM   573  O  "O5'" . C   B 1 5  ? -12.419 9.539   -10.799 1.00 41.76 ? 5    C   B "O5'" 1 
ATOM   574  C  "C5'" . C   B 1 5  ? -13.535 9.247   -11.643 1.00 43.47 ? 5    C   B "C5'" 1 
ATOM   575  C  "C4'" . C   B 1 5  ? -13.055 8.741   -12.978 1.00 42.13 ? 5    C   B "C4'" 1 
ATOM   576  O  "O4'" . C   B 1 5  ? -12.384 9.803   -13.712 1.00 41.75 ? 5    C   B "O4'" 1 
ATOM   577  C  "C3'" . C   B 1 5  ? -12.010 7.641   -12.915 1.00 43.15 ? 5    C   B "C3'" 1 
ATOM   578  O  "O3'" . C   B 1 5  ? -12.590 6.371   -12.646 1.00 44.25 ? 5    C   B "O3'" 1 
ATOM   579  C  "C2'" . C   B 1 5  ? -11.391 7.729   -14.303 1.00 41.31 ? 5    C   B "C2'" 1 
ATOM   580  O  "O2'" . C   B 1 5  ? -12.232 7.175   -15.285 1.00 43.35 ? 5    C   B "O2'" 1 
ATOM   581  C  "C1'" . C   B 1 5  ? -11.344 9.243   -14.509 1.00 42.37 ? 5    C   B "C1'" 1 
ATOM   582  N  N1    . C   B 1 5  ? -10.056 9.811   -14.067 1.00 41.03 ? 5    C   B N1    1 
ATOM   583  C  C2    . C   B 1 5  ? -8.973  9.826   -14.962 1.00 40.41 ? 5    C   B C2    1 
ATOM   584  O  O2    . C   B 1 5  ? -9.120  9.347   -16.097 1.00 39.65 ? 5    C   B O2    1 
ATOM   585  N  N3    . C   B 1 5  ? -7.791  10.356  -14.562 1.00 39.92 ? 5    C   B N3    1 
ATOM   586  C  C4    . C   B 1 5  ? -7.662  10.842  -13.328 1.00 39.08 ? 5    C   B C4    1 
ATOM   587  N  N4    . C   B 1 5  ? -6.479  11.348  -12.977 1.00 39.64 ? 5    C   B N4    1 
ATOM   588  C  C5    . C   B 1 5  ? -8.744  10.828  -12.395 1.00 39.25 ? 5    C   B C5    1 
ATOM   589  C  C6    . C   B 1 5  ? -9.912  10.312  -12.804 1.00 39.92 ? 5    C   B C6    1 
ATOM   590  P  P     . U   B 1 6  ? -11.735 5.253   -11.864 1.00 43.42 ? 6    U   B P     1 
ATOM   591  O  OP1   . U   B 1 6  ? -12.682 4.143   -11.585 1.00 43.96 ? 6    U   B OP1   1 
ATOM   592  O  OP2   . U   B 1 6  ? -10.997 5.884   -10.735 1.00 42.78 ? 6    U   B OP2   1 
ATOM   593  O  "O5'" . U   B 1 6  ? -10.661 4.763   -12.938 1.00 43.91 ? 6    U   B "O5'" 1 
ATOM   594  C  "C5'" . U   B 1 6  ? -11.071 4.136   -14.174 1.00 43.97 ? 6    U   B "C5'" 1 
ATOM   595  C  "C4'" . U   B 1 6  ? -9.887  3.947   -15.103 1.00 43.07 ? 6    U   B "C4'" 1 
ATOM   596  O  "O4'" . U   B 1 6  ? -9.393  5.242   -15.543 1.00 43.66 ? 6    U   B "O4'" 1 
ATOM   597  C  "C3'" . U   B 1 6  ? -8.650  3.271   -14.523 1.00 42.45 ? 6    U   B "C3'" 1 
ATOM   598  O  "O3'" . U   B 1 6  ? -8.752  1.848   -14.463 1.00 43.07 ? 6    U   B "O3'" 1 
ATOM   599  C  "C2'" . U   B 1 6  ? -7.562  3.728   -15.485 1.00 41.16 ? 6    U   B "C2'" 1 
ATOM   600  O  "O2'" . U   B 1 6  ? -7.589  3.048   -16.719 1.00 41.38 ? 6    U   B "O2'" 1 
ATOM   601  C  "C1'" . U   B 1 6  ? -7.982  5.175   -15.737 1.00 40.28 ? 6    U   B "C1'" 1 
ATOM   602  N  N1    . U   B 1 6  ? -7.340  6.079   -14.778 1.00 38.29 ? 6    U   B N1    1 
ATOM   603  C  C2    . U   B 1 6  ? -6.046  6.507   -15.050 1.00 34.87 ? 6    U   B C2    1 
ATOM   604  O  O2    . U   B 1 6  ? -5.417  6.153   -16.038 1.00 34.17 ? 6    U   B O2    1 
ATOM   605  N  N3    . U   B 1 6  ? -5.519  7.357   -14.116 1.00 34.45 ? 6    U   B N3    1 
ATOM   606  C  C4    . U   B 1 6  ? -6.126  7.802   -12.964 1.00 33.73 ? 6    U   B C4    1 
ATOM   607  O  O4    . U   B 1 6  ? -5.527  8.581   -12.229 1.00 36.25 ? 6    U   B O4    1 
ATOM   608  C  C5    . U   B 1 6  ? -7.449  7.302   -12.751 1.00 34.86 ? 6    U   B C5    1 
ATOM   609  C  C6    . U   B 1 6  ? -7.997  6.485   -13.645 1.00 34.44 ? 6    U   B C6    1 
ATOM   610  P  P     . G   B 1 7  ? -8.033  1.056   -13.265 1.00 43.15 ? 7    G   B P     1 
ATOM   611  O  OP1   . G   B 1 7  ? -8.486  -0.359  -13.318 1.00 45.94 ? 7    G   B OP1   1 
ATOM   612  O  OP2   . G   B 1 7  ? -8.192  1.830   -12.010 1.00 43.98 ? 7    G   B OP2   1 
ATOM   613  O  "O5'" . G   B 1 7  ? -6.477  1.095   -13.641 1.00 42.37 ? 7    G   B "O5'" 1 
ATOM   614  C  "C5'" . G   B 1 7  ? -6.004  0.514   -14.869 1.00 38.29 ? 7    G   B "C5'" 1 
ATOM   615  C  "C4'" . G   B 1 7  ? -4.628  1.045   -15.211 1.00 34.92 ? 7    G   B "C4'" 1 
ATOM   616  O  "O4'" . G   B 1 7  ? -4.678  2.491   -15.359 1.00 32.81 ? 7    G   B "O4'" 1 
ATOM   617  C  "C3'" . G   B 1 7  ? -3.542  0.827   -14.173 1.00 34.94 ? 7    G   B "C3'" 1 
ATOM   618  O  "O3'" . G   B 1 7  ? -2.983  -0.467  -14.309 1.00 37.12 ? 7    G   B "O3'" 1 
ATOM   619  C  "C2'" . G   B 1 7  ? -2.521  1.888   -14.570 1.00 34.66 ? 7    G   B "C2'" 1 
ATOM   620  O  "O2'" . G   B 1 7  ? -1.818  1.534   -15.738 1.00 30.05 ? 7    G   B "O2'" 1 
ATOM   621  C  "C1'" . G   B 1 7  ? -3.440  3.049   -14.947 1.00 33.84 ? 7    G   B "C1'" 1 
ATOM   622  N  N9    . G   B 1 7  ? -3.662  3.939   -13.814 1.00 34.54 ? 7    G   B N9    1 
ATOM   623  C  C8    . G   B 1 7  ? -4.757  4.001   -12.987 1.00 34.77 ? 7    G   B C8    1 
ATOM   624  N  N7    . G   B 1 7  ? -4.639  4.905   -12.054 1.00 35.08 ? 7    G   B N7    1 
ATOM   625  C  C5    . G   B 1 7  ? -3.393  5.478   -12.286 1.00 33.89 ? 7    G   B C5    1 
ATOM   626  C  C6    . G   B 1 7  ? -2.711  6.525   -11.604 1.00 33.91 ? 7    G   B C6    1 
ATOM   627  O  O6    . G   B 1 7  ? -3.087  7.181   -10.633 1.00 33.74 ? 7    G   B O6    1 
ATOM   628  N  N1    . G   B 1 7  ? -1.459  6.778   -12.168 1.00 31.78 ? 7    G   B N1    1 
ATOM   629  C  C2    . G   B 1 7  ? -0.934  6.113   -13.248 1.00 31.92 ? 7    G   B C2    1 
ATOM   630  N  N2    . G   B 1 7  ? 0.304   6.488   -13.642 1.00 29.41 ? 7    G   B N2    1 
ATOM   631  N  N3    . G   B 1 7  ? -1.565  5.152   -13.896 1.00 30.72 ? 7    G   B N3    1 
ATOM   632  C  C4    . G   B 1 7  ? -2.778  4.887   -13.363 1.00 34.55 ? 7    G   B C4    1 
ATOM   633  P  P     . A   B 1 8  ? -3.148  -1.548  -13.132 1.00 40.49 ? 8    A   B P     1 
ATOM   634  O  OP1   . A   B 1 8  ? -4.257  -2.442  -13.557 1.00 38.86 ? 8    A   B OP1   1 
ATOM   635  O  OP2   . A   B 1 8  ? -3.199  -0.912  -11.795 1.00 38.10 ? 8    A   B OP2   1 
ATOM   636  O  "O5'" . A   B 1 8  ? -1.748  -2.313  -13.191 1.00 37.81 ? 8    A   B "O5'" 1 
ATOM   637  C  "C5'" . A   B 1 8  ? -1.649  -3.733  -13.388 1.00 39.91 ? 8    A   B "C5'" 1 
ATOM   638  C  "C4'" . A   B 1 8  ? -0.199  -4.110  -13.614 1.00 38.41 ? 8    A   B "C4'" 1 
ATOM   639  O  "O4'" . A   B 1 8  ? 0.252   -3.563  -14.881 1.00 35.31 ? 8    A   B "O4'" 1 
ATOM   640  C  "C3'" . A   B 1 8  ? 0.760   -3.551  -12.578 1.00 40.47 ? 8    A   B "C3'" 1 
ATOM   641  O  "O3'" . A   B 1 8  ? 0.876   -4.455  -11.480 1.00 42.83 ? 8    A   B "O3'" 1 
ATOM   642  C  "C2'" . A   B 1 8  ? 2.069   -3.433  -13.351 1.00 38.97 ? 8    A   B "C2'" 1 
ATOM   643  O  "O2'" . A   B 1 8  ? 2.756   -4.666  -13.426 1.00 40.55 ? 8    A   B "O2'" 1 
ATOM   644  C  "C1'" . A   B 1 8  ? 1.566   -3.051  -14.745 1.00 37.38 ? 8    A   B "C1'" 1 
ATOM   645  N  N9    . A   B 1 8  ? 1.504   -1.616  -15.023 1.00 36.78 ? 8    A   B N9    1 
ATOM   646  C  C8    . A   B 1 8  ? 0.405   -0.798  -14.891 1.00 36.65 ? 8    A   B C8    1 
ATOM   647  N  N7    . A   B 1 8  ? 0.602   0.426   -15.321 1.00 36.03 ? 8    A   B N7    1 
ATOM   648  C  C5    . A   B 1 8  ? 1.930   0.423   -15.733 1.00 35.64 ? 8    A   B C5    1 
ATOM   649  C  C6    . A   B 1 8  ? 2.744   1.419   -16.306 1.00 35.53 ? 8    A   B C6    1 
ATOM   650  N  N6    . A   B 1 8  ? 2.319   2.659   -16.587 1.00 32.67 ? 8    A   B N6    1 
ATOM   651  N  N1    . A   B 1 8  ? 4.023   1.093   -16.596 1.00 36.06 ? 8    A   B N1    1 
ATOM   652  C  C2    . A   B 1 8  ? 4.444   -0.154  -16.332 1.00 35.98 ? 8    A   B C2    1 
ATOM   653  N  N3    . A   B 1 8  ? 3.772   -1.178  -15.803 1.00 37.74 ? 8    A   B N3    1 
ATOM   654  C  C4    . A   B 1 8  ? 2.504   -0.820  -15.527 1.00 34.94 ? 8    A   B C4    1 
ATOM   655  P  P     . A   B 1 9  ? 1.157   -3.895  -10.004 1.00 45.66 ? 9    A   B P     1 
ATOM   656  O  OP1   . A   B 1 9  ? 1.263   -5.051  -9.071  1.00 44.56 ? 9    A   B OP1   1 
ATOM   657  O  OP2   . A   B 1 9  ? 0.180   -2.806  -9.723  1.00 43.06 ? 9    A   B OP2   1 
ATOM   658  O  "O5'" . A   B 1 9  ? 2.597   -3.227  -10.113 1.00 42.56 ? 9    A   B "O5'" 1 
ATOM   659  C  "C5'" . A   B 1 9  ? 3.792   -4.012  -10.267 1.00 39.85 ? 9    A   B "C5'" 1 
ATOM   660  C  "C4'" . A   B 1 9  ? 4.968   -3.088  -10.475 1.00 37.62 ? 9    A   B "C4'" 1 
ATOM   661  O  "O4'" . A   B 1 9  ? 4.715   -2.309  -11.665 1.00 36.60 ? 9    A   B "O4'" 1 
ATOM   662  C  "C3'" . A   B 1 9  ? 5.163   -2.068  -9.363  1.00 39.09 ? 9    A   B "C3'" 1 
ATOM   663  O  "O3'" . A   B 1 9  ? 6.023   -2.622  -8.365  1.00 38.78 ? 9    A   B "O3'" 1 
ATOM   664  C  "C2'" . A   B 1 9  ? 5.799   -0.888  -10.092 1.00 37.79 ? 9    A   B "C2'" 1 
ATOM   665  O  "O2'" . A   B 1 9  ? 7.185   -1.061  -10.285 1.00 38.02 ? 9    A   B "O2'" 1 
ATOM   666  C  "C1'" . A   B 1 9  ? 5.115   -0.966  -11.461 1.00 37.10 ? 9    A   B "C1'" 1 
ATOM   667  N  N9    . A   B 1 9  ? 3.927   -0.130  -11.642 1.00 35.68 ? 9    A   B N9    1 
ATOM   668  C  C8    . A   B 1 9  ? 2.670   -0.360  -11.141 1.00 35.21 ? 9    A   B C8    1 
ATOM   669  N  N7    . A   B 1 9  ? 1.777   0.522   -11.525 1.00 32.92 ? 9    A   B N7    1 
ATOM   670  C  C5    . A   B 1 9  ? 2.499   1.404   -12.321 1.00 32.52 ? 9    A   B C5    1 
ATOM   671  C  C6    . A   B 1 9  ? 2.123   2.553   -13.043 1.00 32.72 ? 9    A   B C6    1 
ATOM   672  N  N6    . A   B 1 9  ? 0.871   3.028   -13.089 1.00 31.70 ? 9    A   B N6    1 
ATOM   673  N  N1    . A   B 1 9  ? 3.085   3.202   -13.734 1.00 31.96 ? 9    A   B N1    1 
ATOM   674  C  C2    . A   B 1 9  ? 4.343   2.716   -13.702 1.00 33.65 ? 9    A   B C2    1 
ATOM   675  N  N3    . A   B 1 9  ? 4.815   1.643   -13.069 1.00 33.05 ? 9    A   B N3    1 
ATOM   676  C  C4    . A   B 1 9  ? 3.830   1.022   -12.390 1.00 34.63 ? 9    A   B C4    1 
ATOM   677  P  P     . G   B 1 10 ? 5.759   -2.322  -6.809  1.00 41.42 ? 10   G   B P     1 
ATOM   678  O  OP1   . G   B 1 10 ? 6.599   -3.273  -6.029  1.00 42.54 ? 10   G   B OP1   1 
ATOM   679  O  OP2   . G   B 1 10 ? 4.285   -2.279  -6.567  1.00 38.96 ? 10   G   B OP2   1 
ATOM   680  O  "O5'" . G   B 1 10 ? 6.348   -0.862  -6.575  1.00 39.96 ? 10   G   B "O5'" 1 
ATOM   681  C  "C5'" . G   B 1 10 ? 7.751   -0.592  -6.705  1.00 40.49 ? 10   G   B "C5'" 1 
ATOM   682  C  "C4'" . G   B 1 10 ? 8.051   0.817   -6.240  1.00 41.02 ? 10   G   B "C4'" 1 
ATOM   683  O  "O4'" . G   B 1 10 ? 7.200   1.747   -6.967  1.00 38.85 ? 10   G   B "O4'" 1 
ATOM   684  C  "C3'" . G   B 1 10 ? 7.752   1.111   -4.777  1.00 41.01 ? 10   G   B "C3'" 1 
ATOM   685  O  "O3'" . G   B 1 10 ? 8.833   0.716   -3.936  1.00 42.11 ? 10   G   B "O3'" 1 
ATOM   686  C  "C2'" . G   B 1 10 ? 7.562   2.619   -4.797  1.00 39.56 ? 10   G   B "C2'" 1 
ATOM   687  O  "O2'" . G   B 1 10 ? 8.802   3.279   -4.952  1.00 40.78 ? 10   G   B "O2'" 1 
ATOM   688  C  "C1'" . G   B 1 10 ? 6.784   2.791   -6.100  1.00 38.70 ? 10   G   B "C1'" 1 
ATOM   689  N  N9    . G   B 1 10 ? 5.332   2.703   -5.956  1.00 35.41 ? 10   G   B N9    1 
ATOM   690  C  C8    . G   B 1 10 ? 4.518   1.672   -6.356  1.00 34.23 ? 10   G   B C8    1 
ATOM   691  N  N7    . G   B 1 10 ? 3.249   1.924   -6.183  1.00 35.65 ? 10   G   B N7    1 
ATOM   692  C  C5    . G   B 1 10 ? 3.224   3.192   -5.615  1.00 33.05 ? 10   G   B C5    1 
ATOM   693  C  C6    . G   B 1 10 ? 2.121   4.010   -5.225  1.00 32.78 ? 10   G   B C6    1 
ATOM   694  O  O6    . G   B 1 10 ? 0.913   3.781   -5.347  1.00 30.39 ? 10   G   B O6    1 
ATOM   695  N  N1    . G   B 1 10 ? 2.550   5.210   -4.657  1.00 31.80 ? 10   G   B N1    1 
ATOM   696  C  C2    . G   B 1 10 ? 3.868   5.577   -4.496  1.00 33.94 ? 10   G   B C2    1 
ATOM   697  N  N2    . G   B 1 10 ? 4.097   6.752   -3.891  1.00 34.36 ? 10   G   B N2    1 
ATOM   698  N  N3    . G   B 1 10 ? 4.894   4.840   -4.891  1.00 33.06 ? 10   G   B N3    1 
ATOM   699  C  C4    . G   B 1 10 ? 4.502   3.672   -5.436  1.00 34.41 ? 10   G   B C4    1 
ATOM   700  P  P     . U   B 1 11 ? 8.533   0.168   -2.457  1.00 42.59 ? 11   U   B P     1 
ATOM   701  O  OP1   . U   B 1 11 ? 9.829   -0.277  -1.878  1.00 44.89 ? 11   U   B OP1   1 
ATOM   702  O  OP2   . U   B 1 11 ? 7.392   -0.779  -2.504  1.00 42.61 ? 11   U   B OP2   1 
ATOM   703  O  "O5'" . U   B 1 11 ? 8.069   1.459   -1.646  1.00 43.31 ? 11   U   B "O5'" 1 
ATOM   704  C  "C5'" . U   B 1 11 ? 8.986   2.543   -1.394  1.00 43.59 ? 11   U   B "C5'" 1 
ATOM   705  C  "C4'" . U   B 1 11 ? 8.273   3.679   -0.699  1.00 45.32 ? 11   U   B "C4'" 1 
ATOM   706  O  "O4'" . U   B 1 11 ? 7.330   4.299   -1.615  1.00 44.61 ? 11   U   B "O4'" 1 
ATOM   707  C  "C3'" . U   B 1 11 ? 7.413   3.290   0.491   1.00 44.95 ? 11   U   B "C3'" 1 
ATOM   708  O  "O3'" . U   B 1 11 ? 8.183   3.099   1.673   1.00 45.33 ? 11   U   B "O3'" 1 
ATOM   709  C  "C2'" . U   B 1 11 ? 6.488   4.491   0.594   1.00 44.77 ? 11   U   B "C2'" 1 
ATOM   710  O  "O2'" . U   B 1 11 ? 7.153   5.608   1.150   1.00 44.27 ? 11   U   B "O2'" 1 
ATOM   711  C  "C1'" . U   B 1 11 ? 6.203   4.765   -0.884  1.00 43.63 ? 11   U   B "C1'" 1 
ATOM   712  N  N1    . U   B 1 11 ? 5.018   4.033   -1.353  1.00 41.46 ? 11   U   B N1    1 
ATOM   713  C  C2    . U   B 1 11 ? 3.786   4.570   -1.069  1.00 38.58 ? 11   U   B C2    1 
ATOM   714  O  O2    . U   B 1 11 ? 3.652   5.620   -0.460  1.00 35.96 ? 11   U   B O2    1 
ATOM   715  N  N3    . U   B 1 11 ? 2.715   3.836   -1.516  1.00 37.10 ? 11   U   B N3    1 
ATOM   716  C  C4    . U   B 1 11 ? 2.754   2.638   -2.204  1.00 38.27 ? 11   U   B C4    1 
ATOM   717  O  O4    . U   B 1 11 ? 1.699   2.096   -2.536  1.00 37.75 ? 11   U   B O4    1 
ATOM   718  C  C5    . U   B 1 11 ? 4.075   2.144   -2.465  1.00 39.73 ? 11   U   B C5    1 
ATOM   719  C  C6    . U   B 1 11 ? 5.136   2.842   -2.043  1.00 40.52 ? 11   U   B C6    1 
ATOM   720  P  P     . G   B 1 12 ? 7.676   2.075   2.803   1.00 45.98 ? 12   G   B P     1 
ATOM   721  O  OP1   . G   B 1 12 ? 8.769   1.959   3.804   1.00 46.41 ? 12   G   B OP1   1 
ATOM   722  O  OP2   . G   B 1 12 ? 7.143   0.854   2.157   1.00 45.73 ? 12   G   B OP2   1 
ATOM   723  O  "O5'" . G   B 1 12 ? 6.473   2.838   3.515   1.00 45.26 ? 12   G   B "O5'" 1 
ATOM   724  C  "C5'" . G   B 1 12 ? 6.701   4.073   4.210   1.00 43.65 ? 12   G   B "C5'" 1 
ATOM   725  C  "C4'" . G   B 1 12 ? 5.386   4.731   4.544   1.00 43.34 ? 12   G   B "C4'" 1 
ATOM   726  O  "O4'" . G   B 1 12 ? 4.679   5.036   3.315   1.00 42.28 ? 12   G   B "O4'" 1 
ATOM   727  C  "C3'" . G   B 1 12 ? 4.390   3.887   5.320   1.00 42.48 ? 12   G   B "C3'" 1 
ATOM   728  O  "O3'" . G   B 1 12 ? 4.700   3.848   6.707   1.00 44.02 ? 12   G   B "O3'" 1 
ATOM   729  C  "C2'" . G   B 1 12 ? 3.086   4.611   5.017   1.00 42.53 ? 12   G   B "C2'" 1 
ATOM   730  O  "O2'" . G   B 1 12 ? 2.959   5.822   5.740   1.00 40.89 ? 12   G   B "O2'" 1 
ATOM   731  C  "C1'" . G   B 1 12 ? 3.284   4.948   3.540   1.00 41.21 ? 12   G   B "C1'" 1 
ATOM   732  N  N9    . G   B 1 12 ? 2.745   3.927   2.650   1.00 40.11 ? 12   G   B N9    1 
ATOM   733  C  C8    . G   B 1 12 ? 3.441   2.993   1.914   1.00 38.06 ? 12   G   B C8    1 
ATOM   734  N  N7    . G   B 1 12 ? 2.665   2.235   1.188   1.00 37.07 ? 12   G   B N7    1 
ATOM   735  C  C5    . G   B 1 12 ? 1.381   2.693   1.466   1.00 38.00 ? 12   G   B C5    1 
ATOM   736  C  C6    . G   B 1 12 ? 0.117   2.263   0.976   1.00 37.32 ? 12   G   B C6    1 
ATOM   737  O  O6    . G   B 1 12 ? -0.133  1.362   0.152   1.00 35.80 ? 12   G   B O6    1 
ATOM   738  N  N1    . G   B 1 12 ? -0.927  3.000   1.545   1.00 37.48 ? 12   G   B N1    1 
ATOM   739  C  C2    . G   B 1 12 ? -0.769  4.019   2.462   1.00 38.67 ? 12   G   B C2    1 
ATOM   740  N  N2    . G   B 1 12 ? -1.892  4.615   2.925   1.00 32.41 ? 12   G   B N2    1 
ATOM   741  N  N3    . G   B 1 12 ? 0.401   4.428   2.906   1.00 37.14 ? 12   G   B N3    1 
ATOM   742  C  C4    . G   B 1 12 ? 1.421   3.729   2.375   1.00 38.80 ? 12   G   B C4    1 
ATOM   743  P  P     . C   B 1 13 ? 4.215   2.601   7.599   1.00 46.11 ? 13   C   B P     1 
ATOM   744  O  OP1   . C   B 1 13 ? 4.790   2.772   8.958   1.00 46.17 ? 13   C   B OP1   1 
ATOM   745  O  OP2   . C   B 1 13 ? 4.445   1.340   6.859   1.00 45.32 ? 13   C   B OP2   1 
ATOM   746  O  "O5'" . C   B 1 13 ? 2.649   2.835   7.734   1.00 46.42 ? 13   C   B "O5'" 1 
ATOM   747  C  "C5'" . C   B 1 13 ? 2.146   3.956   8.467   1.00 45.78 ? 13   C   B "C5'" 1 
ATOM   748  C  "C4'" . C   B 1 13 ? 0.645   3.959   8.417   1.00 46.20 ? 13   C   B "C4'" 1 
ATOM   749  O  "O4'" . C   B 1 13 ? 0.223   4.121   7.037   1.00 45.69 ? 13   C   B "O4'" 1 
ATOM   750  C  "C3'" . C   B 1 13 ? -0.010  2.655   8.835   1.00 45.20 ? 13   C   B "C3'" 1 
ATOM   751  O  "O3'" . C   B 1 13 ? -0.103  2.530   10.247  1.00 46.56 ? 13   C   B "O3'" 1 
ATOM   752  C  "C2'" . C   B 1 13 ? -1.368  2.764   8.158   1.00 44.73 ? 13   C   B "C2'" 1 
ATOM   753  O  "O2'" . C   B 1 13 ? -2.233  3.649   8.836   1.00 44.73 ? 13   C   B "O2'" 1 
ATOM   754  C  "C1'" . C   B 1 13 ? -0.973  3.393   6.821   1.00 44.61 ? 13   C   B "C1'" 1 
ATOM   755  N  N1    . C   B 1 13 ? -0.726  2.386   5.778   1.00 42.35 ? 13   C   B N1    1 
ATOM   756  C  C2    . C   B 1 13 ? -1.821  1.879   5.064   1.00 42.33 ? 13   C   B C2    1 
ATOM   757  O  O2    . C   B 1 13 ? -2.954  2.302   5.327   1.00 43.14 ? 13   C   B O2    1 
ATOM   758  N  N3    . C   B 1 13 ? -1.616  0.948   4.111   1.00 41.47 ? 13   C   B N3    1 
ATOM   759  C  C4    . C   B 1 13 ? -0.379  0.521   3.852   1.00 40.41 ? 13   C   B C4    1 
ATOM   760  N  N4    . C   B 1 13 ? -0.224  -0.398  2.894   1.00 37.61 ? 13   C   B N4    1 
ATOM   761  C  C5    . C   B 1 13 ? 0.756   1.021   4.558   1.00 42.08 ? 13   C   B C5    1 
ATOM   762  C  C6    . C   B 1 13 ? 0.538   1.944   5.504   1.00 41.87 ? 13   C   B C6    1 
ATOM   763  P  P     . A   B 1 14 ? -0.022  1.073   10.920  1.00 46.22 ? 14   A   B P     1 
ATOM   764  O  OP1   . A   B 1 14 ? 0.169   1.266   12.383  1.00 45.03 ? 14   A   B OP1   1 
ATOM   765  O  OP2   . A   B 1 14 ? 0.940   0.261   10.159  1.00 44.26 ? 14   A   B OP2   1 
ATOM   766  O  "O5'" . A   B 1 14 ? -1.466  0.461   10.670  1.00 44.54 ? 14   A   B "O5'" 1 
ATOM   767  C  "C5'" . A   B 1 14 ? -2.634  1.128   11.143  1.00 43.48 ? 14   A   B "C5'" 1 
ATOM   768  C  "C4'" . A   B 1 14 ? -3.861  0.459   10.591  1.00 42.40 ? 14   A   B "C4'" 1 
ATOM   769  O  "O4'" . A   B 1 14 ? -3.944  0.691   9.160   1.00 41.86 ? 14   A   B "O4'" 1 
ATOM   770  C  "C3'" . A   B 1 14 ? -3.890  -1.055  10.707  1.00 41.79 ? 14   A   B "C3'" 1 
ATOM   771  O  "O3'" . A   B 1 14 ? -4.266  -1.494  12.009  1.00 42.35 ? 14   A   B "O3'" 1 
ATOM   772  C  "C2'" . A   B 1 14 ? -4.915  -1.421  9.643   1.00 41.09 ? 14   A   B "C2'" 1 
ATOM   773  O  "O2'" . A   B 1 14 ? -6.237  -1.164  10.062  1.00 44.78 ? 14   A   B "O2'" 1 
ATOM   774  C  "C1'" . A   B 1 14 ? -4.564  -0.424  8.538   1.00 41.31 ? 14   A   B "C1'" 1 
ATOM   775  N  N9    . A   B 1 14 ? -3.640  -0.971  7.548   1.00 39.37 ? 14   A   B N9    1 
ATOM   776  C  C8    . A   B 1 14 ? -2.280  -0.819  7.488   1.00 39.21 ? 14   A   B C8    1 
ATOM   777  N  N7    . A   B 1 14 ? -1.726  -1.422  6.465   1.00 39.31 ? 14   A   B N7    1 
ATOM   778  C  C5    . A   B 1 14 ? -2.794  -2.015  5.810   1.00 37.80 ? 14   A   B C5    1 
ATOM   779  C  C6    . A   B 1 14 ? -2.873  -2.800  4.649   1.00 39.00 ? 14   A   B C6    1 
ATOM   780  N  N6    . A   B 1 14 ? -1.811  -3.131  3.903   1.00 36.51 ? 14   A   B N6    1 
ATOM   781  N  N1    . A   B 1 14 ? -4.096  -3.236  4.269   1.00 37.96 ? 14   A   B N1    1 
ATOM   782  C  C2    . A   B 1 14 ? -5.159  -2.893  5.009   1.00 38.66 ? 14   A   B C2    1 
ATOM   783  N  N3    . A   B 1 14 ? -5.210  -2.160  6.117   1.00 37.83 ? 14   A   B N3    1 
ATOM   784  C  C4    . A   B 1 14 ? -3.979  -1.749  6.469   1.00 38.51 ? 14   A   B C4    1 
ATOM   785  P  P     . C   B 1 15 ? -3.757  -2.926  12.545  1.00 42.88 ? 15   C   B P     1 
ATOM   786  O  OP1   . C   B 1 15 ? -4.204  -3.065  13.957  1.00 42.97 ? 15   C   B OP1   1 
ATOM   787  O  OP2   . C   B 1 15 ? -2.307  -3.054  12.216  1.00 44.47 ? 15   C   B OP2   1 
ATOM   788  O  "O5'" . C   B 1 15 ? -4.561  -3.987  11.674  1.00 41.17 ? 15   C   B "O5'" 1 
ATOM   789  C  "C5'" . C   B 1 15 ? -5.984  -4.111  11.801  1.00 40.49 ? 15   C   B "C5'" 1 
ATOM   790  C  "C4'" . C   B 1 15 ? -6.541  -4.969  10.696  1.00 40.98 ? 15   C   B "C4'" 1 
ATOM   791  O  "O4'" . C   B 1 15 ? -6.253  -4.370  9.403   1.00 39.78 ? 15   C   B "O4'" 1 
ATOM   792  C  "C3'" . C   B 1 15 ? -5.930  -6.350  10.554  1.00 41.23 ? 15   C   B "C3'" 1 
ATOM   793  O  "O3'" . C   B 1 15 ? -6.390  -7.262  11.529  1.00 44.60 ? 15   C   B "O3'" 1 
ATOM   794  C  "C2'" . C   B 1 15 ? -6.360  -6.721  9.144   1.00 40.20 ? 15   C   B "C2'" 1 
ATOM   795  O  "O2'" . C   B 1 15 ? -7.728  -7.071  9.074   1.00 41.24 ? 15   C   B "O2'" 1 
ATOM   796  C  "C1'" . C   B 1 15 ? -6.129  -5.392  8.424   1.00 37.93 ? 15   C   B "C1'" 1 
ATOM   797  N  N1    . C   B 1 15 ? -4.770  -5.343  7.861   1.00 35.75 ? 15   C   B N1    1 
ATOM   798  C  C2    . C   B 1 15 ? -4.571  -5.825  6.569   1.00 34.81 ? 15   C   B C2    1 
ATOM   799  O  O2    . C   B 1 15 ? -5.556  -6.230  5.925   1.00 33.81 ? 15   C   B O2    1 
ATOM   800  N  N3    . C   B 1 15 ? -3.317  -5.841  6.051   1.00 34.69 ? 15   C   B N3    1 
ATOM   801  C  C4    . C   B 1 15 ? -2.288  -5.396  6.778   1.00 33.04 ? 15   C   B C4    1 
ATOM   802  N  N4    . C   B 1 15 ? -1.064  -5.454  6.236   1.00 32.86 ? 15   C   B N4    1 
ATOM   803  C  C5    . C   B 1 15 ? -2.465  -4.875  8.092   1.00 35.57 ? 15   C   B C5    1 
ATOM   804  C  C6    . C   B 1 15 ? -3.717  -4.862  8.588   1.00 35.60 ? 15   C   B C6    1 
ATOM   805  P  P     . A   B 1 16 ? -5.416  -8.440  12.015  1.00 45.97 ? 16   A   B P     1 
ATOM   806  O  OP1   . A   B 1 16 ? -6.139  -9.211  13.060  1.00 48.44 ? 16   A   B OP1   1 
ATOM   807  O  OP2   . A   B 1 16 ? -4.093  -7.845  12.321  1.00 45.98 ? 16   A   B OP2   1 
ATOM   808  O  "O5'" . A   B 1 16 ? -5.260  -9.351  10.720  1.00 42.80 ? 16   A   B "O5'" 1 
ATOM   809  C  "C5'" . A   B 1 16 ? -6.409  -9.925  10.083  1.00 42.64 ? 16   A   B "C5'" 1 
ATOM   810  C  "C4'" . A   B 1 16 ? -6.017  -10.610 8.793   1.00 42.19 ? 16   A   B "C4'" 1 
ATOM   811  O  "O4'" . A   B 1 16 ? -5.503  -9.632  7.846   1.00 41.55 ? 16   A   B "O4'" 1 
ATOM   812  C  "C3'" . A   B 1 16 ? -4.893  -11.629 8.873   1.00 40.76 ? 16   A   B "C3'" 1 
ATOM   813  O  "O3'" . A   B 1 16 ? -5.330  -12.872 9.418   1.00 42.81 ? 16   A   B "O3'" 1 
ATOM   814  C  "C2'" . A   B 1 16 ? -4.479  -11.731 7.408   1.00 40.71 ? 16   A   B "C2'" 1 
ATOM   815  O  "O2'" . A   B 1 16 ? -5.377  -12.475 6.607   1.00 40.08 ? 16   A   B "O2'" 1 
ATOM   816  C  "C1'" . A   B 1 16 ? -4.575  -10.266 6.974   1.00 39.26 ? 16   A   B "C1'" 1 
ATOM   817  N  N9    . A   B 1 16 ? -3.284  -9.591  7.082   1.00 35.80 ? 16   A   B N9    1 
ATOM   818  C  C8    . A   B 1 16 ? -2.840  -8.731  8.053   1.00 35.65 ? 16   A   B C8    1 
ATOM   819  N  N7    . A   B 1 16 ? -1.610  -8.316  7.867   1.00 34.94 ? 16   A   B N7    1 
ATOM   820  C  C5    . A   B 1 16 ? -1.222  -8.941  6.692   1.00 34.03 ? 16   A   B C5    1 
ATOM   821  C  C6    . A   B 1 16 ? -0.023  -8.922  5.969   1.00 33.48 ? 16   A   B C6    1 
ATOM   822  N  N6    . A   B 1 16 ? 1.037   -8.201  6.332   1.00 33.26 ? 16   A   B N6    1 
ATOM   823  N  N1    . A   B 1 16 ? 0.049   -9.673  4.846   1.00 34.02 ? 16   A   B N1    1 
ATOM   824  C  C2    . A   B 1 16 ? -1.026  -10.383 4.480   1.00 33.32 ? 16   A   B C2    1 
ATOM   825  N  N3    . A   B 1 16 ? -2.216  -10.479 5.079   1.00 36.36 ? 16   A   B N3    1 
ATOM   826  C  C4    . A   B 1 16 ? -2.246  -9.725  6.195   1.00 36.41 ? 16   A   B C4    1 
ATOM   827  P  P     . C   B 1 17 ? -4.303  -13.771 10.271  1.00 43.38 ? 17   C   B P     1 
ATOM   828  O  OP1   . C   B 1 17 ? -5.075  -14.934 10.779  1.00 43.51 ? 17   C   B OP1   1 
ATOM   829  O  OP2   . C   B 1 17 ? -3.532  -12.936 11.219  1.00 39.19 ? 17   C   B OP2   1 
ATOM   830  O  "O5'" . C   B 1 17 ? -3.289  -14.309 9.170   1.00 41.22 ? 17   C   B "O5'" 1 
ATOM   831  C  "C5'" . C   B 1 17 ? -3.750  -15.161 8.116   1.00 40.19 ? 17   C   B "C5'" 1 
ATOM   832  C  "C4'" . C   B 1 17 ? -2.593  -15.599 7.252   1.00 39.87 ? 17   C   B "C4'" 1 
ATOM   833  O  "O4'" . C   B 1 17 ? -2.090  -14.475 6.481   1.00 40.36 ? 17   C   B "O4'" 1 
ATOM   834  C  "C3'" . C   B 1 17 ? -1.360  -16.111 7.974   1.00 39.09 ? 17   C   B "C3'" 1 
ATOM   835  O  "O3'" . C   B 1 17 ? -1.558  -17.440 8.443   1.00 40.07 ? 17   C   B "O3'" 1 
ATOM   836  C  "C2'" . C   B 1 17 ? -0.316  -16.002 6.864   1.00 37.73 ? 17   C   B "C2'" 1 
ATOM   837  O  "O2'" . C   B 1 17 ? -0.474  -16.990 5.865   1.00 38.16 ? 17   C   B "O2'" 1 
ATOM   838  C  "C1'" . C   B 1 17 ? -0.712  -14.672 6.215   1.00 37.65 ? 17   C   B "C1'" 1 
ATOM   839  N  N1    . C   B 1 17 ? 0.047   -13.550 6.773   1.00 35.83 ? 17   C   B N1    1 
ATOM   840  C  C2    . C   B 1 17 ? 1.352   -13.345 6.311   1.00 33.81 ? 17   C   B C2    1 
ATOM   841  O  O2    . C   B 1 17 ? 1.796   -14.105 5.431   1.00 30.84 ? 17   C   B O2    1 
ATOM   842  N  N3    . C   B 1 17 ? 2.086   -12.341 6.835   1.00 32.91 ? 17   C   B N3    1 
ATOM   843  C  C4    . C   B 1 17 ? 1.566   -11.564 7.786   1.00 34.27 ? 17   C   B C4    1 
ATOM   844  N  N4    . C   B 1 17 ? 2.334   -10.603 8.302   1.00 31.80 ? 17   C   B N4    1 
ATOM   845  C  C5    . C   B 1 17 ? 0.232   -11.741 8.259   1.00 34.02 ? 17   C   B C5    1 
ATOM   846  C  C6    . C   B 1 17 ? -0.484  -12.735 7.729   1.00 32.63 ? 17   C   B C6    1 
ATOM   847  P  P     . A   B 1 18 ? -0.759  -17.966 9.736   1.00 38.14 ? 18   A   B P     1 
ATOM   848  O  OP1   . A   B 1 18 ? -1.352  -19.279 10.106  1.00 39.12 ? 18   A   B OP1   1 
ATOM   849  O  OP2   . A   B 1 18 ? -0.628  -16.906 10.773  1.00 38.91 ? 18   A   B OP2   1 
ATOM   850  O  "O5'" . A   B 1 18 ? 0.706   -18.252 9.182   1.00 37.66 ? 18   A   B "O5'" 1 
ATOM   851  C  "C5'" . A   B 1 18 ? 0.943   -19.333 8.268   1.00 36.16 ? 18   A   B "C5'" 1 
ATOM   852  C  "C4'" . A   B 1 18 ? 2.406   -19.385 7.893   1.00 35.22 ? 18   A   B "C4'" 1 
ATOM   853  O  "O4'" . A   B 1 18 ? 2.748   -18.178 7.161   1.00 31.54 ? 18   A   B "O4'" 1 
ATOM   854  C  "C3'" . A   B 1 18 ? 3.399   -19.406 9.045   1.00 36.17 ? 18   A   B "C3'" 1 
ATOM   855  O  "O3'" . A   B 1 18 ? 3.576   -20.717 9.604   1.00 37.04 ? 18   A   B "O3'" 1 
ATOM   856  C  "C2'" . A   B 1 18 ? 4.656   -18.899 8.351   1.00 34.36 ? 18   A   B "C2'" 1 
ATOM   857  O  "O2'" . A   B 1 18 ? 5.160   -19.907 7.497   1.00 31.63 ? 18   A   B "O2'" 1 
ATOM   858  C  "C1'" . A   B 1 18 ? 4.074   -17.786 7.476   1.00 33.50 ? 18   A   B "C1'" 1 
ATOM   859  N  N9    . A   B 1 18 ? 4.019   -16.473 8.134   1.00 32.62 ? 18   A   B N9    1 
ATOM   860  C  C8    . A   B 1 18 ? 2.922   -15.892 8.730   1.00 33.34 ? 18   A   B C8    1 
ATOM   861  N  N7    . A   B 1 18 ? 3.162   -14.710 9.250   1.00 30.92 ? 18   A   B N7    1 
ATOM   862  C  C5    . A   B 1 18 ? 4.506   -14.490 8.976   1.00 30.52 ? 18   A   B C5    1 
ATOM   863  C  C6    . A   B 1 18 ? 5.372   -13.409 9.256   1.00 31.57 ? 18   A   B C6    1 
ATOM   864  N  N6    . A   B 1 18 ? 4.989   -12.282 9.882   1.00 29.50 ? 18   A   B N6    1 
ATOM   865  N  N1    . A   B 1 18 ? 6.661   -13.519 8.854   1.00 30.27 ? 18   A   B N1    1 
ATOM   866  C  C2    . A   B 1 18 ? 7.038   -14.621 8.199   1.00 31.71 ? 18   A   B C2    1 
ATOM   867  N  N3    . A   B 1 18 ? 6.318   -15.692 7.860   1.00 31.67 ? 18   A   B N3    1 
ATOM   868  C  C4    . A   B 1 18 ? 5.047   -15.567 8.286   1.00 32.20 ? 18   A   B C4    1 
ATOM   869  P  P     . G   B 1 19 ? 4.163   -20.875 11.097  1.00 39.38 ? 19   G   B P     1 
ATOM   870  O  OP1   . G   B 1 19 ? 4.097   -22.314 11.471  1.00 41.75 ? 19   G   B OP1   1 
ATOM   871  O  OP2   . G   B 1 19 ? 3.492   -19.867 11.958  1.00 39.52 ? 19   G   B OP2   1 
ATOM   872  O  "O5'" . G   B 1 19 ? 5.698   -20.459 10.959  1.00 39.84 ? 19   G   B "O5'" 1 
ATOM   873  C  "C5'" . G   B 1 19 ? 6.617   -21.279 10.201  1.00 40.00 ? 19   G   B "C5'" 1 
ATOM   874  C  "C4'" . G   B 1 19 ? 8.017   -20.712 10.274  1.00 40.81 ? 19   G   B "C4'" 1 
ATOM   875  O  "O4'" . G   B 1 19 ? 8.070   -19.448 9.569   1.00 39.26 ? 19   G   B "O4'" 1 
ATOM   876  C  "C3'" . G   B 1 19 ? 8.528   -20.373 11.662  1.00 41.46 ? 19   G   B "C3'" 1 
ATOM   877  O  "O3'" . G   B 1 19 ? 9.028   -21.509 12.345  1.00 43.07 ? 19   G   B "O3'" 1 
ATOM   878  C  "C2'" . G   B 1 19 ? 9.618   -19.355 11.362  1.00 39.51 ? 19   G   B "C2'" 1 
ATOM   879  O  "O2'" . G   B 1 19 ? 10.823  -19.951 10.912  1.00 40.62 ? 19   G   B "O2'" 1 
ATOM   880  C  "C1'" . G   B 1 19 ? 8.964   -18.569 10.227  1.00 37.75 ? 19   G   B "C1'" 1 
ATOM   881  N  N9    . G   B 1 19 ? 8.184   -17.444 10.734  1.00 35.97 ? 19   G   B N9    1 
ATOM   882  C  C8    . G   B 1 19 ? 6.816   -17.372 10.879  1.00 36.61 ? 19   G   B C8    1 
ATOM   883  N  N7    . G   B 1 19 ? 6.412   -16.219 11.345  1.00 32.71 ? 19   G   B N7    1 
ATOM   884  C  C5    . G   B 1 19 ? 7.580   -15.495 11.522  1.00 32.86 ? 19   G   B C5    1 
ATOM   885  C  C6    . G   B 1 19 ? 7.773   -14.185 12.003  1.00 35.39 ? 19   G   B C6    1 
ATOM   886  O  O6    . G   B 1 19 ? 6.918   -13.379 12.381  1.00 33.27 ? 19   G   B O6    1 
ATOM   887  N  N1    . G   B 1 19 ? 9.122   -13.838 12.025  1.00 34.10 ? 19   G   B N1    1 
ATOM   888  C  C2    . G   B 1 19 ? 10.154  -14.656 11.640  1.00 34.71 ? 19   G   B C2    1 
ATOM   889  N  N2    . G   B 1 19 ? 11.389  -14.140 11.726  1.00 32.99 ? 19   G   B N2    1 
ATOM   890  N  N3    . G   B 1 19 ? 9.986   -15.891 11.197  1.00 34.28 ? 19   G   B N3    1 
ATOM   891  C  C4    . G   B 1 19 ? 8.683   -16.238 11.157  1.00 34.08 ? 19   G   B C4    1 
ATOM   892  P  P     . C   B 1 20 ? 9.000   -21.541 13.941  1.00 45.06 ? 20   C   B P     1 
ATOM   893  O  OP1   . C   B 1 20 ? 9.601   -22.851 14.343  1.00 45.16 ? 20   C   B OP1   1 
ATOM   894  O  OP2   . C   B 1 20 ? 7.645   -21.171 14.420  1.00 43.11 ? 20   C   B OP2   1 
ATOM   895  O  "O5'" . C   B 1 20 ? 10.001  -20.378 14.366  1.00 44.89 ? 20   C   B "O5'" 1 
ATOM   896  C  "C5'" . C   B 1 20 ? 11.410  -20.476 14.085  1.00 44.72 ? 20   C   B "C5'" 1 
ATOM   897  C  "C4'" . C   B 1 20 ? 12.126  -19.241 14.581  1.00 45.22 ? 20   C   B "C4'" 1 
ATOM   898  O  "O4'" . C   B 1 20 ? 11.707  -18.090 13.793  1.00 44.08 ? 20   C   B "O4'" 1 
ATOM   899  C  "C3'" . C   B 1 20 ? 11.817  -18.814 16.007  1.00 46.46 ? 20   C   B "C3'" 1 
ATOM   900  O  "O3'" . C   B 1 20 ? 12.519  -19.565 16.992  1.00 49.49 ? 20   C   B "O3'" 1 
ATOM   901  C  "C2'" . C   B 1 20 ? 12.244  -17.353 15.980  1.00 44.93 ? 20   C   B "C2'" 1 
ATOM   902  O  "O2'" . C   B 1 20 ? 13.646  -17.202 16.013  1.00 44.83 ? 20   C   B "O2'" 1 
ATOM   903  C  "C1'" . C   B 1 20 ? 11.723  -16.926 14.608  1.00 43.94 ? 20   C   B "C1'" 1 
ATOM   904  N  N1    . C   B 1 20 ? 10.352  -16.408 14.718  1.00 42.10 ? 20   C   B N1    1 
ATOM   905  C  C2    . C   B 1 20 ? 10.180  -15.089 15.124  1.00 41.87 ? 20   C   B C2    1 
ATOM   906  O  O2    . C   B 1 20 ? 11.194  -14.410 15.359  1.00 41.16 ? 20   C   B O2    1 
ATOM   907  N  N3    . C   B 1 20 ? 8.925   -14.593 15.255  1.00 39.48 ? 20   C   B N3    1 
ATOM   908  C  C4    . C   B 1 20 ? 7.871   -15.374 15.004  1.00 39.94 ? 20   C   B C4    1 
ATOM   909  N  N4    . C   B 1 20 ? 6.652   -14.853 15.150  1.00 40.44 ? 20   C   B N4    1 
ATOM   910  C  C5    . C   B 1 20 ? 8.021   -16.730 14.589  1.00 42.54 ? 20   C   B C5    1 
ATOM   911  C  C6    . C   B 1 20 ? 9.268   -17.197 14.452  1.00 42.39 ? 20   C   B C6    1 
ATOM   912  P  P     . A   B 1 21 ? 11.929  -19.662 18.483  1.00 50.56 ? 21   A   B P     1 
ATOM   913  O  OP1   . A   B 1 21 ? 12.819  -20.588 19.232  1.00 51.68 ? 21   A   B OP1   1 
ATOM   914  O  OP2   . A   B 1 21 ? 10.473  -19.952 18.401  1.00 50.25 ? 21   A   B OP2   1 
ATOM   915  O  "O5'" . A   B 1 21 ? 12.114  -18.196 19.091  1.00 49.92 ? 21   A   B "O5'" 1 
ATOM   916  C  "C5'" . A   B 1 21 ? 13.425  -17.688 19.418  1.00 47.28 ? 21   A   B "C5'" 1 
ATOM   917  C  "C4'" . A   B 1 21 ? 13.338  -16.254 19.902  1.00 44.59 ? 21   A   B "C4'" 1 
ATOM   918  O  "O4'" . A   B 1 21 ? 12.678  -15.448 18.890  1.00 41.18 ? 21   A   B "O4'" 1 
ATOM   919  C  "C3'" . A   B 1 21 ? 12.519  -16.005 21.161  1.00 44.55 ? 21   A   B "C3'" 1 
ATOM   920  O  "O3'" . A   B 1 21 ? 13.274  -16.274 22.347  1.00 44.81 ? 21   A   B "O3'" 1 
ATOM   921  C  "C2'" . A   B 1 21 ? 12.183  -14.526 21.024  1.00 43.47 ? 21   A   B "C2'" 1 
ATOM   922  O  "O2'" . A   B 1 21 ? 13.278  -13.700 21.379  1.00 43.12 ? 21   A   B "O2'" 1 
ATOM   923  C  "C1'" . A   B 1 21 ? 11.934  -14.416 19.516  1.00 42.02 ? 21   A   B "C1'" 1 
ATOM   924  N  N9    . A   B 1 21 ? 10.529  -14.577 19.140  1.00 39.27 ? 21   A   B N9    1 
ATOM   925  C  C8    . A   B 1 21 ? 9.913   -15.679 18.601  1.00 38.87 ? 21   A   B C8    1 
ATOM   926  N  N7    . A   B 1 21 ? 8.631   -15.510 18.376  1.00 37.86 ? 21   A   B N7    1 
ATOM   927  C  C5    . A   B 1 21 ? 8.390   -14.208 18.790  1.00 38.16 ? 21   A   B C5    1 
ATOM   928  C  C6    . A   B 1 21 ? 7.227   -13.420 18.805  1.00 38.15 ? 21   A   B C6    1 
ATOM   929  N  N6    . A   B 1 21 ? 6.043   -13.839 18.349  1.00 37.14 ? 21   A   B N6    1 
ATOM   930  N  N1    . A   B 1 21 ? 7.324   -12.166 19.299  1.00 38.36 ? 21   A   B N1    1 
ATOM   931  C  C2    . A   B 1 21 ? 8.519   -11.735 19.729  1.00 39.89 ? 21   A   B C2    1 
ATOM   932  N  N3    . A   B 1 21 ? 9.687   -12.376 19.752  1.00 37.58 ? 21   A   B N3    1 
ATOM   933  C  C4    . A   B 1 21 ? 9.550   -13.622 19.266  1.00 38.21 ? 21   A   B C4    1 
ATOM   934  P  P     . A   B 1 22 ? 12.515  -16.703 23.700  1.00 46.09 ? 22   A   B P     1 
ATOM   935  O  OP1   . A   B 1 22 ? 13.546  -17.191 24.662  1.00 43.80 ? 22   A   B OP1   1 
ATOM   936  O  OP2   . A   B 1 22 ? 11.380  -17.590 23.331  1.00 45.64 ? 22   A   B OP2   1 
ATOM   937  O  "O5'" . A   B 1 22 ? 11.904  -15.338 24.257  1.00 44.63 ? 22   A   B "O5'" 1 
ATOM   938  C  "C5'" . A   B 1 22 ? 12.755  -14.297 24.759  1.00 43.83 ? 22   A   B "C5'" 1 
ATOM   939  C  "C4'" . A   B 1 22 ? 11.942  -13.058 25.055  1.00 42.85 ? 22   A   B "C4'" 1 
ATOM   940  O  "O4'" . A   B 1 22 ? 11.322  -12.596 23.827  1.00 42.29 ? 22   A   B "O4'" 1 
ATOM   941  C  "C3'" . A   B 1 22 ? 10.771  -13.238 26.010  1.00 42.07 ? 22   A   B "C3'" 1 
ATOM   942  O  "O3'" . A   B 1 22 ? 11.177  -13.182 27.376  1.00 42.09 ? 22   A   B "O3'" 1 
ATOM   943  C  "C2'" . A   B 1 22 ? 9.887   -12.054 25.643  1.00 42.30 ? 22   A   B "C2'" 1 
ATOM   944  O  "O2'" . A   B 1 22 ? 10.398  -10.856 26.187  1.00 40.43 ? 22   A   B "O2'" 1 
ATOM   945  C  "C1'" . A   B 1 22 ? 10.053  -12.025 24.121  1.00 43.33 ? 22   A   B "C1'" 1 
ATOM   946  N  N9    . A   B 1 22 ? 9.029   -12.812 23.431  1.00 43.28 ? 22   A   B N9    1 
ATOM   947  C  C8    . A   B 1 22 ? 9.111   -14.114 22.998  1.00 43.20 ? 22   A   B C8    1 
ATOM   948  N  N7    . A   B 1 22 ? 8.015   -14.551 22.427  1.00 42.12 ? 22   A   B N7    1 
ATOM   949  C  C5    . A   B 1 22 ? 7.154   -13.462 22.482  1.00 42.07 ? 22   A   B C5    1 
ATOM   950  C  C6    . A   B 1 22 ? 5.832   -13.276 22.039  1.00 42.39 ? 22   A   B C6    1 
ATOM   951  N  N6    . A   B 1 22 ? 5.113   -14.221 21.433  1.00 40.65 ? 22   A   B N6    1 
ATOM   952  N  N1    . A   B 1 22 ? 5.266   -12.067 22.241  1.00 43.44 ? 22   A   B N1    1 
ATOM   953  C  C2    . A   B 1 22 ? 5.986   -11.116 22.852  1.00 43.46 ? 22   A   B C2    1 
ATOM   954  N  N3    . A   B 1 22 ? 7.234   -11.170 23.314  1.00 42.65 ? 22   A   B N3    1 
ATOM   955  C  C4    . A   B 1 22 ? 7.768   -12.384 23.095  1.00 42.32 ? 22   A   B C4    1 
ATOM   956  P  P     . G   B 1 23 ? 10.358  -14.016 28.482  1.00 41.64 ? 23   G   B P     1 
ATOM   957  O  OP1   . G   B 1 23 ? 11.105  -13.933 29.762  1.00 41.59 ? 23   G   B OP1   1 
ATOM   958  O  OP2   . G   B 1 23 ? 10.020  -15.348 27.905  1.00 40.53 ? 23   G   B OP2   1 
ATOM   959  O  "O5'" . G   B 1 23 ? 8.997   -13.206 28.643  1.00 41.94 ? 23   G   B "O5'" 1 
ATOM   960  C  "C5'" . G   B 1 23 ? 8.970   -11.949 29.333  1.00 40.39 ? 23   G   B "C5'" 1 
ATOM   961  C  "C4'" . G   B 1 23 ? 7.608   -11.314 29.191  1.00 41.25 ? 23   G   B "C4'" 1 
ATOM   962  O  "O4'" . G   B 1 23 ? 7.310   -11.193 27.780  1.00 40.04 ? 23   G   B "O4'" 1 
ATOM   963  C  "C3'" . G   B 1 23 ? 6.418   -12.090 29.737  1.00 41.37 ? 23   G   B "C3'" 1 
ATOM   964  O  "O3'" . G   B 1 23 ? 6.251   -12.020 31.167  1.00 42.53 ? 23   G   B "O3'" 1 
ATOM   965  C  "C2'" . G   B 1 23 ? 5.268   -11.461 28.962  1.00 40.58 ? 23   G   B "C2'" 1 
ATOM   966  O  "O2'" . G   B 1 23 ? 4.926   -10.175 29.444  1.00 41.28 ? 23   G   B "O2'" 1 
ATOM   967  C  "C1'" . G   B 1 23 ? 5.908   -11.307 27.583  1.00 39.64 ? 23   G   B "C1'" 1 
ATOM   968  N  N9    . G   B 1 23 ? 5.656   -12.476 26.749  1.00 36.95 ? 23   G   B N9    1 
ATOM   969  C  C8    . G   B 1 23 ? 6.477   -13.565 26.559  1.00 37.21 ? 23   G   B C8    1 
ATOM   970  N  N7    . G   B 1 23 ? 5.961   -14.459 25.760  1.00 35.67 ? 23   G   B N7    1 
ATOM   971  C  C5    . G   B 1 23 ? 4.728   -13.928 25.402  1.00 35.47 ? 23   G   B C5    1 
ATOM   972  C  C6    . G   B 1 23 ? 3.722   -14.443 24.557  1.00 37.77 ? 23   G   B C6    1 
ATOM   973  O  O6    . G   B 1 23 ? 3.731   -15.507 23.900  1.00 39.25 ? 23   G   B O6    1 
ATOM   974  N  N1    . G   B 1 23 ? 2.620   -13.590 24.491  1.00 36.28 ? 23   G   B N1    1 
ATOM   975  C  C2    . G   B 1 23 ? 2.519   -12.381 25.144  1.00 36.78 ? 23   G   B C2    1 
ATOM   976  N  N2    . G   B 1 23 ? 1.371   -11.700 24.971  1.00 34.90 ? 23   G   B N2    1 
ATOM   977  N  N3    . G   B 1 23 ? 3.467   -11.877 25.912  1.00 33.49 ? 23   G   B N3    1 
ATOM   978  C  C4    . G   B 1 23 ? 4.529   -12.703 26.005  1.00 37.24 ? 23   G   B C4    1 
HETATM 979  K  K     . K   C 2 .  ? 3.803   -11.730 15.502  1.00 40.39 ? 9002 K   A K     1 
HETATM 980  K  K     . K   D 2 .  ? 5.813   -8.154  8.789   1.00 39.87 ? 9003 K   A K     1 
HETATM 981  MG MG    . MG  E 3 .  ? -6.575  6.541   -7.406  1.00 71.37 ? 9004 MG  A MG    1 
HETATM 982  K  K     . K   F 2 .  ? -4.413  15.718  -12.978 1.00 38.78 ? 9001 K   B K     1 
HETATM 983  O  O     . HOH G 4 .  ? 6.972   -6.166  10.168  1.00 44.97 ? 9005 HOH A O     1 
HETATM 984  O  O     . HOH G 4 .  ? -0.864  15.904  -12.978 1.00 41.43 ? 9006 HOH A O     1 
HETATM 985  O  O     . HOH G 4 .  ? 3.932   -0.693  14.073  1.00 53.51 ? 9007 HOH A O     1 
HETATM 986  O  O     . HOH G 4 .  ? 7.787   10.753  -13.270 1.00 32.27 ? 9008 HOH A O     1 
HETATM 987  O  O     . HOH G 4 .  ? -9.597  9.700   -19.202 1.00 40.60 ? 9009 HOH A O     1 
HETATM 988  O  O     . HOH G 4 .  ? 8.194   -7.770  7.323   1.00 37.61 ? 9010 HOH A O     1 
HETATM 989  O  O     . HOH G 4 .  ? -1.023  8.622   2.241   1.00 30.74 ? 9011 HOH A O     1 
HETATM 990  O  O     . HOH G 4 .  ? -2.910  12.553  -11.296 1.00 37.06 ? 9012 HOH A O     1 
HETATM 991  O  O     . HOH G 4 .  ? -3.026  -3.104  -1.889  1.00 34.69 ? 9013 HOH A O     1 
HETATM 992  O  O     . HOH G 4 .  ? 1.739   -7.508  3.038   1.00 41.37 ? 9014 HOH A O     1 
HETATM 993  O  O     . HOH G 4 .  ? -8.868  0.763   3.720   1.00 37.80 ? 9015 HOH A O     1 
HETATM 994  O  O     . HOH G 4 .  ? -3.911  5.237   -5.828  1.00 35.37 ? 9016 HOH A O     1 
HETATM 995  O  O     . HOH G 4 .  ? 5.102   -8.653  13.062  1.00 50.62 ? 9017 HOH A O     1 
HETATM 996  O  O     . HOH G 4 .  ? 0.374   13.345  -12.781 1.00 39.89 ? 9018 HOH A O     1 
HETATM 997  O  O     . HOH G 4 .  ? 9.080   -11.085 -3.795  1.00 44.77 ? 9019 HOH A O     1 
HETATM 998  O  O     . HOH G 4 .  ? 3.907   -8.857  15.686  1.00 38.92 ? 9020 HOH A O     1 
HETATM 999  O  O     . HOH G 4 .  ? 3.772   -6.266  7.480   1.00 36.60 ? 9021 HOH A O     1 
HETATM 1000 O  O     . HOH G 4 .  ? 11.965  -14.881 7.741   1.00 33.58 ? 9022 HOH A O     1 
HETATM 1001 O  O     . HOH G 4 .  ? -0.545  -9.209  17.780  1.00 46.28 ? 9023 HOH A O     1 
HETATM 1002 O  O     . HOH G 4 .  ? -0.888  -2.797  -0.250  1.00 42.56 ? 9024 HOH A O     1 
HETATM 1003 O  O     . HOH G 4 .  ? -3.045  13.580  -14.048 1.00 42.19 ? 9025 HOH A O     1 
HETATM 1004 O  O     . HOH G 4 .  ? 4.544   7.301   -13.402 1.00 32.90 ? 9026 HOH A O     1 
HETATM 1005 O  O     . HOH G 4 .  ? -14.444 15.106  -18.617 1.00 67.25 ? 9027 HOH A O     1 
HETATM 1006 O  O     . HOH G 4 .  ? -0.943  14.438  -19.794 1.00 34.73 ? 9028 HOH A O     1 
HETATM 1007 O  O     . HOH G 4 .  ? 17.141  -10.392 5.763   1.00 49.75 ? 9029 HOH A O     1 
HETATM 1008 O  O     . HOH G 4 .  ? -13.319 14.452  -25.068 1.00 68.81 ? 9030 HOH A O     1 
HETATM 1009 O  O     . HOH G 4 .  ? 0.046   6.562   -18.120 1.00 38.80 ? 9031 HOH A O     1 
HETATM 1010 O  O     . HOH G 4 .  ? 13.996  -11.819 -1.335  1.00 37.87 ? 9032 HOH A O     1 
HETATM 1011 O  O     . HOH G 4 .  ? -0.369  -4.036  23.117  1.00 40.73 ? 9033 HOH A O     1 
HETATM 1012 O  O     . HOH G 4 .  ? 4.273   -8.828  25.511  1.00 36.87 ? 9034 HOH A O     1 
HETATM 1013 O  O     . HOH G 4 .  ? 3.511   -6.258  24.204  1.00 44.00 ? 9035 HOH A O     1 
HETATM 1014 O  O     . HOH G 4 .  ? 5.990   7.917   -7.944  1.00 41.87 ? 9036 HOH A O     1 
HETATM 1015 O  O     . HOH G 4 .  ? 2.197   -10.963 -0.916  1.00 48.89 ? 9037 HOH A O     1 
HETATM 1016 O  O     . HOH G 4 .  ? -2.438  -1.036  -3.435  1.00 47.97 ? 9038 HOH A O     1 
HETATM 1017 O  O     . HOH G 4 .  ? -7.592  -9.428  3.406   1.00 37.72 ? 9039 HOH A O     1 
HETATM 1018 O  O     . HOH G 4 .  ? 2.686   16.432  -12.727 1.00 46.39 ? 9040 HOH A O     1 
HETATM 1019 O  O     . HOH G 4 .  ? -6.336  -1.259  -3.581  1.00 44.07 ? 9041 HOH A O     1 
HETATM 1020 O  O     . HOH G 4 .  ? -0.045  14.629  -10.300 1.00 45.30 ? 9042 HOH A O     1 
HETATM 1021 O  O     . HOH G 4 .  ? 7.586   -15.813 3.907   1.00 36.18 ? 9043 HOH A O     1 
HETATM 1022 O  O     . HOH G 4 .  ? -16.909 13.269  -18.556 1.00 49.23 ? 9044 HOH A O     1 
HETATM 1023 O  O     . HOH G 4 .  ? -2.606  -14.234 2.253   1.00 52.49 ? 9045 HOH A O     1 
HETATM 1024 O  O     . HOH G 4 .  ? 0.261   -12.791 -0.238  1.00 48.64 ? 9046 HOH A O     1 
HETATM 1025 O  O     . HOH G 4 .  ? 10.758  -6.677  7.476   1.00 50.54 ? 9047 HOH A O     1 
HETATM 1026 O  O     . HOH G 4 .  ? -1.294  13.976  -16.122 1.00 37.35 ? 9048 HOH A O     1 
HETATM 1027 O  O     . HOH H 4 .  ? 7.592   -20.011 6.592   1.00 33.82 ? 9002 HOH B O     1 
HETATM 1028 O  O     . HOH H 4 .  ? -6.750  16.621  -8.235  1.00 44.09 ? 9003 HOH B O     1 
HETATM 1029 O  O     . HOH H 4 .  ? -5.387  7.311   -8.874  1.00 54.21 ? 9004 HOH B O     1 
HETATM 1030 O  O     . HOH H 4 .  ? 0.016   4.334   -16.253 1.00 31.98 ? 9005 HOH B O     1 
HETATM 1031 O  O     . HOH H 4 .  ? 2.852   5.636   -15.295 1.00 35.27 ? 9006 HOH B O     1 
HETATM 1032 O  O     . HOH H 4 .  ? -14.380 17.789  -7.617  1.00 46.47 ? 9007 HOH B O     1 
HETATM 1033 O  O     . HOH H 4 .  ? -2.686  -2.613  -9.791  1.00 43.64 ? 9008 HOH B O     1 
HETATM 1034 O  O     . HOH H 4 .  ? 12.378  -17.283 28.131  1.00 71.21 ? 9009 HOH B O     1 
HETATM 1035 O  O     . HOH H 4 .  ? 1.141   -4.647  7.975   1.00 46.17 ? 9010 HOH B O     1 
HETATM 1036 O  O     . HOH H 4 .  ? -11.213 7.001   -17.721 1.00 43.65 ? 9011 HOH B O     1 
HETATM 1037 O  O     . HOH H 4 .  ? -6.057  15.148  -10.865 1.00 34.15 ? 9012 HOH B O     1 
HETATM 1038 O  O     . HOH H 4 .  ? -8.853  21.676  -3.588  1.00 33.82 ? 9013 HOH B O     1 
HETATM 1039 O  O     . HOH H 4 .  ? 0.673   -0.518  -3.747  1.00 43.69 ? 9014 HOH B O     1 
HETATM 1040 O  O     . HOH H 4 .  ? 10.321  -20.270 7.097   1.00 39.17 ? 9015 HOH B O     1 
HETATM 1041 O  O     . HOH H 4 .  ? 13.028  -18.671 10.716  1.00 49.95 ? 9016 HOH B O     1 
HETATM 1042 O  O     . HOH H 4 .  ? 6.414   -17.337 17.893  1.00 43.42 ? 9017 HOH B O     1 
HETATM 1043 O  O     . HOH H 4 .  ? 5.454   -17.424 23.321  1.00 42.75 ? 9018 HOH B O     1 
HETATM 1044 O  O     . HOH H 4 .  ? 8.824   5.961   -4.942  1.00 43.40 ? 9019 HOH B O     1 
HETATM 1045 O  O     . HOH H 4 .  ? -0.542  19.645  -6.690  1.00 59.23 ? 9020 HOH B O     1 
HETATM 1046 O  O     . HOH H 4 .  ? -13.548 16.753  -4.658  1.00 44.85 ? 9021 HOH B O     1 
HETATM 1047 O  O     . HOH H 4 .  ? 15.374  -13.051 18.868  1.00 47.97 ? 9022 HOH B O     1 
HETATM 1048 O  O     . HOH H 4 .  ? -0.488  0.016   -7.698  1.00 44.34 ? 9023 HOH B O     1 
HETATM 1049 O  O     . HOH H 4 .  ? 1.618   -3.417  4.340   1.00 43.06 ? 9024 HOH B O     1 
HETATM 1050 O  O     . HOH H 4 .  ? 0.132   -6.738  9.459   1.00 40.76 ? 9025 HOH B O     1 
HETATM 1051 O  O     . HOH H 4 .  ? 0.936   -0.647  -1.253  1.00 47.04 ? 9026 HOH B O     1 
HETATM 1052 O  O     . HOH H 4 .  ? 5.970   -9.608  32.152  1.00 55.16 ? 9027 HOH B O     1 
HETATM 1053 O  O     . HOH H 4 .  ? -15.823 16.609  -3.302  1.00 60.95 ? 9028 HOH B O     1 
HETATM 1054 O  O     . HOH H 4 .  ? 0.325   6.804   6.012   1.00 46.06 ? 9029 HOH B O     1 
HETATM 1055 O  O     . HOH H 4 .  ? 8.778   -2.997  -9.967  1.00 51.35 ? 9030 HOH B O     1 
# 
loop_
_pdbx_poly_seq_scheme.asym_id 
_pdbx_poly_seq_scheme.entity_id 
_pdbx_poly_seq_scheme.seq_id 
_pdbx_poly_seq_scheme.mon_id 
_pdbx_poly_seq_scheme.ndb_seq_num 
_pdbx_poly_seq_scheme.pdb_seq_num 
_pdbx_poly_seq_scheme.auth_seq_num 
_pdbx_poly_seq_scheme.pdb_mon_id 
_pdbx_poly_seq_scheme.auth_mon_id 
_pdbx_poly_seq_scheme.pdb_strand_id 
_pdbx_poly_seq_scheme.pdb_ins_code 
_pdbx_poly_seq_scheme.hetero 
A 1 1  C 1  1  1  C C A . n 
A 1 2  U 2  2  2  U U A . n 
A 1 3  U 3  3  3  U U A . n 
A 1 4  G 4  4  4  G G A . n 
A 1 5  C 5  5  5  C C A . n 
A 1 6  U 6  6  6  U U A . n 
A 1 7  G 7  7  7  G G A . n 
A 1 8  A 8  8  8  A A A . n 
A 1 9  A 9  9  9  A A A . n 
A 1 10 G 10 10 10 G G A . n 
A 1 11 U 11 11 11 U U A . n 
A 1 12 G 12 12 12 G G A . n 
A 1 13 C 13 13 13 C C A . n 
A 1 14 A 14 14 14 A A A . n 
A 1 15 C 15 15 15 C C A . n 
A 1 16 A 16 16 16 A A A . n 
A 1 17 C 17 17 17 C C A . n 
A 1 18 A 18 18 18 A A A . n 
A 1 19 G 19 19 19 G G A . n 
A 1 20 C 20 20 20 C C A . n 
A 1 21 A 21 21 21 A A A . n 
A 1 22 A 22 22 22 A A A . n 
A 1 23 G 23 23 23 G G A . n 
B 1 1  C 1  1  1  C C B . n 
B 1 2  U 2  2  2  U U B . n 
B 1 3  U 3  3  3  U U B . n 
B 1 4  G 4  4  4  G G B . n 
B 1 5  C 5  5  5  C C B . n 
B 1 6  U 6  6  6  U U B . n 
B 1 7  G 7  7  7  G G B . n 
B 1 8  A 8  8  8  A A B . n 
B 1 9  A 9  9  9  A A B . n 
B 1 10 G 10 10 10 G G B . n 
B 1 11 U 11 11 11 U U B . n 
B 1 12 G 12 12 12 G G B . n 
B 1 13 C 13 13 13 C C B . n 
B 1 14 A 14 14 14 A A B . n 
B 1 15 C 15 15 15 C C B . n 
B 1 16 A 16 16 16 A A B . n 
B 1 17 C 17 17 17 C C B . n 
B 1 18 A 18 18 18 A A B . n 
B 1 19 G 19 19 19 G G B . n 
B 1 20 C 20 20 20 C C B . n 
B 1 21 A 21 21 21 A A B . n 
B 1 22 A 22 22 22 A A B . n 
B 1 23 G 23 23 23 G G B . n 
# 
loop_
_pdbx_nonpoly_scheme.asym_id 
_pdbx_nonpoly_scheme.entity_id 
_pdbx_nonpoly_scheme.mon_id 
_pdbx_nonpoly_scheme.ndb_seq_num 
_pdbx_nonpoly_scheme.pdb_seq_num 
_pdbx_nonpoly_scheme.auth_seq_num 
_pdbx_nonpoly_scheme.pdb_mon_id 
_pdbx_nonpoly_scheme.auth_mon_id 
_pdbx_nonpoly_scheme.pdb_strand_id 
_pdbx_nonpoly_scheme.pdb_ins_code 
C 2 K   1  9002 9002 K   K   A . 
D 2 K   1  9003 9003 K   K   A . 
E 3 MG  1  9004 9004 MG  MG  A . 
F 2 K   1  9001 9001 K   K   B . 
G 4 HOH 1  9005 1    HOH HOH A . 
G 4 HOH 2  9006 2    HOH HOH A . 
G 4 HOH 3  9007 3    HOH HOH A . 
G 4 HOH 4  9008 6    HOH HOH A . 
G 4 HOH 5  9009 7    HOH HOH A . 
G 4 HOH 6  9010 8    HOH HOH A . 
G 4 HOH 7  9011 9    HOH HOH A . 
G 4 HOH 8  9012 10   HOH HOH A . 
G 4 HOH 9  9013 11   HOH HOH A . 
G 4 HOH 10 9014 12   HOH HOH A . 
G 4 HOH 11 9015 14   HOH HOH A . 
G 4 HOH 12 9016 17   HOH HOH A . 
G 4 HOH 13 9017 23   HOH HOH A . 
G 4 HOH 14 9018 24   HOH HOH A . 
G 4 HOH 15 9019 25   HOH HOH A . 
G 4 HOH 16 9020 26   HOH HOH A . 
G 4 HOH 17 9021 27   HOH HOH A . 
G 4 HOH 18 9022 30   HOH HOH A . 
G 4 HOH 19 9023 31   HOH HOH A . 
G 4 HOH 20 9024 32   HOH HOH A . 
G 4 HOH 21 9025 33   HOH HOH A . 
G 4 HOH 22 9026 34   HOH HOH A . 
G 4 HOH 23 9027 35   HOH HOH A . 
G 4 HOH 24 9028 37   HOH HOH A . 
G 4 HOH 25 9029 41   HOH HOH A . 
G 4 HOH 26 9030 44   HOH HOH A . 
G 4 HOH 27 9031 46   HOH HOH A . 
G 4 HOH 28 9032 50   HOH HOH A . 
G 4 HOH 29 9033 51   HOH HOH A . 
G 4 HOH 30 9034 53   HOH HOH A . 
G 4 HOH 31 9035 54   HOH HOH A . 
G 4 HOH 32 9036 55   HOH HOH A . 
G 4 HOH 33 9037 57   HOH HOH A . 
G 4 HOH 34 9038 58   HOH HOH A . 
G 4 HOH 35 9039 59   HOH HOH A . 
G 4 HOH 36 9040 60   HOH HOH A . 
G 4 HOH 37 9041 61   HOH HOH A . 
G 4 HOH 38 9042 63   HOH HOH A . 
G 4 HOH 39 9043 64   HOH HOH A . 
G 4 HOH 40 9044 65   HOH HOH A . 
G 4 HOH 41 9045 66   HOH HOH A . 
G 4 HOH 42 9046 69   HOH HOH A . 
G 4 HOH 43 9047 70   HOH HOH A . 
G 4 HOH 44 9048 72   HOH HOH A . 
H 4 HOH 1  9002 4    HOH HOH B . 
H 4 HOH 2  9003 5    HOH HOH B . 
H 4 HOH 3  9004 13   HOH HOH B . 
H 4 HOH 4  9005 15   HOH HOH B . 
H 4 HOH 5  9006 16   HOH HOH B . 
H 4 HOH 6  9007 18   HOH HOH B . 
H 4 HOH 7  9008 19   HOH HOH B . 
H 4 HOH 8  9009 20   HOH HOH B . 
H 4 HOH 9  9010 21   HOH HOH B . 
H 4 HOH 10 9011 22   HOH HOH B . 
H 4 HOH 11 9012 28   HOH HOH B . 
H 4 HOH 12 9013 29   HOH HOH B . 
H 4 HOH 13 9014 36   HOH HOH B . 
H 4 HOH 14 9015 38   HOH HOH B . 
H 4 HOH 15 9016 39   HOH HOH B . 
H 4 HOH 16 9017 40   HOH HOH B . 
H 4 HOH 17 9018 42   HOH HOH B . 
H 4 HOH 18 9019 43   HOH HOH B . 
H 4 HOH 19 9020 45   HOH HOH B . 
H 4 HOH 20 9021 47   HOH HOH B . 
H 4 HOH 21 9022 48   HOH HOH B . 
H 4 HOH 22 9023 49   HOH HOH B . 
H 4 HOH 23 9024 52   HOH HOH B . 
H 4 HOH 24 9025 56   HOH HOH B . 
H 4 HOH 25 9026 62   HOH HOH B . 
H 4 HOH 26 9027 67   HOH HOH B . 
H 4 HOH 27 9028 68   HOH HOH B . 
H 4 HOH 28 9029 71   HOH HOH B . 
H 4 HOH 29 9030 73   HOH HOH B . 
# 
_pdbx_struct_assembly.id                   1 
_pdbx_struct_assembly.details              author_and_software_defined_assembly 
_pdbx_struct_assembly.method_details       PISA 
_pdbx_struct_assembly.oligomeric_details   dimeric 
_pdbx_struct_assembly.oligomeric_count     2 
# 
_pdbx_struct_assembly_gen.assembly_id       1 
_pdbx_struct_assembly_gen.oper_expression   1 
_pdbx_struct_assembly_gen.asym_id_list      A,B,C,D,E,F,G,H 
# 
loop_
_pdbx_struct_assembly_prop.biol_id 
_pdbx_struct_assembly_prop.type 
_pdbx_struct_assembly_prop.value 
_pdbx_struct_assembly_prop.details 
1 'ABSA (A^2)' 3120 ? 
1 MORE         -8   ? 
1 'SSA (A^2)'  8410 ? 
# 
_pdbx_struct_oper_list.id                   1 
_pdbx_struct_oper_list.type                 'identity operation' 
_pdbx_struct_oper_list.name                 1_555 
_pdbx_struct_oper_list.symmetry_operation   x,y,z 
_pdbx_struct_oper_list.matrix[1][1]         1.0000000000 
_pdbx_struct_oper_list.matrix[1][2]         0.0000000000 
_pdbx_struct_oper_list.matrix[1][3]         0.0000000000 
_pdbx_struct_oper_list.vector[1]            0.0000000000 
_pdbx_struct_oper_list.matrix[2][1]         0.0000000000 
_pdbx_struct_oper_list.matrix[2][2]         1.0000000000 
_pdbx_struct_oper_list.matrix[2][3]         0.0000000000 
_pdbx_struct_oper_list.vector[2]            0.0000000000 
_pdbx_struct_oper_list.matrix[3][1]         0.0000000000 
_pdbx_struct_oper_list.matrix[3][2]         0.0000000000 
_pdbx_struct_oper_list.matrix[3][3]         1.0000000000 
_pdbx_struct_oper_list.vector[3]            0.0000000000 
# 
loop_
_pdbx_struct_conn_angle.id 
_pdbx_struct_conn_angle.ptnr1_label_atom_id 
_pdbx_struct_conn_angle.ptnr1_label_alt_id 
_pdbx_struct_conn_angle.ptnr1_label_asym_id 
_pdbx_struct_conn_angle.ptnr1_label_comp_id 
_pdbx_struct_conn_angle.ptnr1_label_seq_id 
_pdbx_struct_conn_angle.ptnr1_auth_atom_id 
_pdbx_struct_conn_angle.ptnr1_auth_asym_id 
_pdbx_struct_conn_angle.ptnr1_auth_comp_id 
_pdbx_struct_conn_angle.ptnr1_auth_seq_id 
_pdbx_struct_conn_angle.ptnr1_PDB_ins_code 
_pdbx_struct_conn_angle.ptnr1_symmetry 
_pdbx_struct_conn_angle.ptnr2_label_atom_id 
_pdbx_struct_conn_angle.ptnr2_label_alt_id 
_pdbx_struct_conn_angle.ptnr2_label_asym_id 
_pdbx_struct_conn_angle.ptnr2_label_comp_id 
_pdbx_struct_conn_angle.ptnr2_label_seq_id 
_pdbx_struct_conn_angle.ptnr2_auth_atom_id 
_pdbx_struct_conn_angle.ptnr2_auth_asym_id 
_pdbx_struct_conn_angle.ptnr2_auth_comp_id 
_pdbx_struct_conn_angle.ptnr2_auth_seq_id 
_pdbx_struct_conn_angle.ptnr2_PDB_ins_code 
_pdbx_struct_conn_angle.ptnr2_symmetry 
_pdbx_struct_conn_angle.ptnr3_label_atom_id 
_pdbx_struct_conn_angle.ptnr3_label_alt_id 
_pdbx_struct_conn_angle.ptnr3_label_asym_id 
_pdbx_struct_conn_angle.ptnr3_label_comp_id 
_pdbx_struct_conn_angle.ptnr3_label_seq_id 
_pdbx_struct_conn_angle.ptnr3_auth_atom_id 
_pdbx_struct_conn_angle.ptnr3_auth_asym_id 
_pdbx_struct_conn_angle.ptnr3_auth_comp_id 
_pdbx_struct_conn_angle.ptnr3_auth_seq_id 
_pdbx_struct_conn_angle.ptnr3_PDB_ins_code 
_pdbx_struct_conn_angle.ptnr3_symmetry 
_pdbx_struct_conn_angle.value 
_pdbx_struct_conn_angle.value_esd 
1  O4 ? A U   3 ? A U   3    ? 1_555 K ? C K . ? A K 9002 ? 1_555 O6 ? A G   4 ? A G   4    ? 1_555 81.0  ? 
2  O4 ? A U   3 ? A U   3    ? 1_555 K ? C K . ? A K 9002 ? 1_555 O  ? G HOH . ? A HOH 9020 ? 1_555 79.9  ? 
3  O6 ? A G   4 ? A G   4    ? 1_555 K ? C K . ? A K 9002 ? 1_555 O  ? G HOH . ? A HOH 9020 ? 1_555 89.5  ? 
4  O4 ? A U   6 ? A U   6    ? 1_555 K ? D K . ? A K 9003 ? 1_555 O6 ? A G   7 ? A G   7    ? 1_555 81.2  ? 
5  O4 ? A U   6 ? A U   6    ? 1_555 K ? D K . ? A K 9003 ? 1_555 O  ? G HOH . ? A HOH 9005 ? 1_555 94.1  ? 
6  O6 ? A G   7 ? A G   7    ? 1_555 K ? D K . ? A K 9003 ? 1_555 O  ? G HOH . ? A HOH 9005 ? 1_555 168.3 ? 
7  O4 ? A U   6 ? A U   6    ? 1_555 K ? D K . ? A K 9003 ? 1_555 O  ? G HOH . ? A HOH 9010 ? 1_555 81.8  ? 
8  O6 ? A G   7 ? A G   7    ? 1_555 K ? D K . ? A K 9003 ? 1_555 O  ? G HOH . ? A HOH 9010 ? 1_555 90.1  ? 
9  O  ? G HOH . ? A HOH 9005 ? 1_555 K ? D K . ? A K 9003 ? 1_555 O  ? G HOH . ? A HOH 9010 ? 1_555 78.6  ? 
10 O  ? G HOH . ? A HOH 9025 ? 1_555 K ? F K . ? B K 9001 ? 1_555 O4 ? B U   3 ? B U   3    ? 1_555 143.1 ? 
11 O  ? G HOH . ? A HOH 9025 ? 1_555 K ? F K . ? B K 9001 ? 1_555 O6 ? B G   4 ? B G   4    ? 1_555 75.7  ? 
12 O4 ? B U   3 ? B U   3    ? 1_555 K ? F K . ? B K 9001 ? 1_555 O6 ? B G   4 ? B G   4    ? 1_555 79.4  ? 
13 O  ? G HOH . ? A HOH 9025 ? 1_555 K ? F K . ? B K 9001 ? 1_555 O  ? H HOH . ? B HOH 9012 ? 1_555 115.9 ? 
14 O4 ? B U   3 ? B U   3    ? 1_555 K ? F K . ? B K 9001 ? 1_555 O  ? H HOH . ? B HOH 9012 ? 1_555 86.7  ? 
15 O6 ? B G   4 ? B G   4    ? 1_555 K ? F K . ? B K 9001 ? 1_555 O  ? H HOH . ? B HOH 9012 ? 1_555 81.9  ? 
# 
loop_
_pdbx_audit_revision_history.ordinal 
_pdbx_audit_revision_history.data_content_type 
_pdbx_audit_revision_history.major_revision 
_pdbx_audit_revision_history.minor_revision 
_pdbx_audit_revision_history.revision_date 
1 'Structure model' 1 0 2008-05-06 
2 'Structure model' 1 1 2011-07-13 
3 'Structure model' 1 2 2023-08-30 
# 
_pdbx_audit_revision_details.ordinal             1 
_pdbx_audit_revision_details.revision_ordinal    1 
_pdbx_audit_revision_details.data_content_type   'Structure model' 
_pdbx_audit_revision_details.provider            repository 
_pdbx_audit_revision_details.type                'Initial release' 
_pdbx_audit_revision_details.description         ? 
_pdbx_audit_revision_details.details             ? 
# 
loop_
_pdbx_audit_revision_group.ordinal 
_pdbx_audit_revision_group.revision_ordinal 
_pdbx_audit_revision_group.data_content_type 
_pdbx_audit_revision_group.group 
1 2 'Structure model' 'Version format compliance' 
2 3 'Structure model' 'Data collection'           
3 3 'Structure model' 'Database references'       
4 3 'Structure model' 'Derived calculations'      
5 3 'Structure model' 'Refinement description'    
# 
loop_
_pdbx_audit_revision_category.ordinal 
_pdbx_audit_revision_category.revision_ordinal 
_pdbx_audit_revision_category.data_content_type 
_pdbx_audit_revision_category.category 
1 3 'Structure model' chem_comp_atom                
2 3 'Structure model' chem_comp_bond                
3 3 'Structure model' database_2                    
4 3 'Structure model' pdbx_initial_refinement_model 
5 3 'Structure model' pdbx_struct_conn_angle        
6 3 'Structure model' struct_conn                   
7 3 'Structure model' struct_site                   
# 
loop_
_pdbx_audit_revision_item.ordinal 
_pdbx_audit_revision_item.revision_ordinal 
_pdbx_audit_revision_item.data_content_type 
_pdbx_audit_revision_item.item 
1  3 'Structure model' '_database_2.pdbx_DOI'                        
2  3 'Structure model' '_database_2.pdbx_database_accession'         
3  3 'Structure model' '_pdbx_struct_conn_angle.ptnr1_auth_asym_id'  
4  3 'Structure model' '_pdbx_struct_conn_angle.ptnr1_auth_comp_id'  
5  3 'Structure model' '_pdbx_struct_conn_angle.ptnr1_auth_seq_id'   
6  3 'Structure model' '_pdbx_struct_conn_angle.ptnr1_label_asym_id' 
7  3 'Structure model' '_pdbx_struct_conn_angle.ptnr1_label_atom_id' 
8  3 'Structure model' '_pdbx_struct_conn_angle.ptnr1_label_comp_id' 
9  3 'Structure model' '_pdbx_struct_conn_angle.ptnr1_label_seq_id'  
10 3 'Structure model' '_pdbx_struct_conn_angle.ptnr3_auth_asym_id'  
11 3 'Structure model' '_pdbx_struct_conn_angle.ptnr3_auth_comp_id'  
12 3 'Structure model' '_pdbx_struct_conn_angle.ptnr3_auth_seq_id'   
13 3 'Structure model' '_pdbx_struct_conn_angle.ptnr3_label_asym_id' 
14 3 'Structure model' '_pdbx_struct_conn_angle.ptnr3_label_atom_id' 
15 3 'Structure model' '_pdbx_struct_conn_angle.ptnr3_label_comp_id' 
16 3 'Structure model' '_pdbx_struct_conn_angle.ptnr3_label_seq_id'  
17 3 'Structure model' '_pdbx_struct_conn_angle.value'               
18 3 'Structure model' '_struct_conn.pdbx_dist_value'                
19 3 'Structure model' '_struct_conn.ptnr1_auth_asym_id'             
20 3 'Structure model' '_struct_conn.ptnr1_auth_comp_id'             
21 3 'Structure model' '_struct_conn.ptnr1_auth_seq_id'              
22 3 'Structure model' '_struct_conn.ptnr1_label_asym_id'            
23 3 'Structure model' '_struct_conn.ptnr1_label_atom_id'            
24 3 'Structure model' '_struct_conn.ptnr1_label_comp_id'            
25 3 'Structure model' '_struct_conn.ptnr1_label_seq_id'             
26 3 'Structure model' '_struct_conn.ptnr2_auth_asym_id'             
27 3 'Structure model' '_struct_conn.ptnr2_auth_comp_id'             
28 3 'Structure model' '_struct_conn.ptnr2_auth_seq_id'              
29 3 'Structure model' '_struct_conn.ptnr2_label_asym_id'            
30 3 'Structure model' '_struct_conn.ptnr2_label_atom_id'            
31 3 'Structure model' '_struct_conn.ptnr2_label_comp_id'            
32 3 'Structure model' '_struct_site.pdbx_auth_asym_id'              
33 3 'Structure model' '_struct_site.pdbx_auth_comp_id'              
34 3 'Structure model' '_struct_site.pdbx_auth_seq_id'               
# 
loop_
_software.name 
_software.classification 
_software.version 
_software.citation_id 
_software.pdbx_ordinal 
MX       'data collection' CUBE ? 1 
CNS      refinement        .    ? 2 
DENZO    'data reduction'  .    ? 3 
HKL-2000 'data scaling'    .    ? 4 
CNS      phasing           .    ? 5 
# 
_pdbx_validate_planes.id              1 
_pdbx_validate_planes.PDB_model_num   1 
_pdbx_validate_planes.auth_comp_id    A 
_pdbx_validate_planes.auth_asym_id    A 
_pdbx_validate_planes.auth_seq_id     18 
_pdbx_validate_planes.PDB_ins_code    ? 
_pdbx_validate_planes.label_alt_id    ? 
_pdbx_validate_planes.rmsd            0.063 
_pdbx_validate_planes.type            'SIDE CHAIN' 
# 
loop_
_chem_comp_atom.comp_id 
_chem_comp_atom.atom_id 
_chem_comp_atom.type_symbol 
_chem_comp_atom.pdbx_aromatic_flag 
_chem_comp_atom.pdbx_stereo_config 
_chem_comp_atom.pdbx_ordinal 
A   OP3    O  N N 1   
A   P      P  N N 2   
A   OP1    O  N N 3   
A   OP2    O  N N 4   
A   "O5'"  O  N N 5   
A   "C5'"  C  N N 6   
A   "C4'"  C  N R 7   
A   "O4'"  O  N N 8   
A   "C3'"  C  N S 9   
A   "O3'"  O  N N 10  
A   "C2'"  C  N R 11  
A   "O2'"  O  N N 12  
A   "C1'"  C  N R 13  
A   N9     N  Y N 14  
A   C8     C  Y N 15  
A   N7     N  Y N 16  
A   C5     C  Y N 17  
A   C6     C  Y N 18  
A   N6     N  N N 19  
A   N1     N  Y N 20  
A   C2     C  Y N 21  
A   N3     N  Y N 22  
A   C4     C  Y N 23  
A   HOP3   H  N N 24  
A   HOP2   H  N N 25  
A   "H5'"  H  N N 26  
A   "H5''" H  N N 27  
A   "H4'"  H  N N 28  
A   "H3'"  H  N N 29  
A   "HO3'" H  N N 30  
A   "H2'"  H  N N 31  
A   "HO2'" H  N N 32  
A   "H1'"  H  N N 33  
A   H8     H  N N 34  
A   H61    H  N N 35  
A   H62    H  N N 36  
A   H2     H  N N 37  
C   OP3    O  N N 38  
C   P      P  N N 39  
C   OP1    O  N N 40  
C   OP2    O  N N 41  
C   "O5'"  O  N N 42  
C   "C5'"  C  N N 43  
C   "C4'"  C  N R 44  
C   "O4'"  O  N N 45  
C   "C3'"  C  N S 46  
C   "O3'"  O  N N 47  
C   "C2'"  C  N R 48  
C   "O2'"  O  N N 49  
C   "C1'"  C  N R 50  
C   N1     N  N N 51  
C   C2     C  N N 52  
C   O2     O  N N 53  
C   N3     N  N N 54  
C   C4     C  N N 55  
C   N4     N  N N 56  
C   C5     C  N N 57  
C   C6     C  N N 58  
C   HOP3   H  N N 59  
C   HOP2   H  N N 60  
C   "H5'"  H  N N 61  
C   "H5''" H  N N 62  
C   "H4'"  H  N N 63  
C   "H3'"  H  N N 64  
C   "HO3'" H  N N 65  
C   "H2'"  H  N N 66  
C   "HO2'" H  N N 67  
C   "H1'"  H  N N 68  
C   H41    H  N N 69  
C   H42    H  N N 70  
C   H5     H  N N 71  
C   H6     H  N N 72  
G   OP3    O  N N 73  
G   P      P  N N 74  
G   OP1    O  N N 75  
G   OP2    O  N N 76  
G   "O5'"  O  N N 77  
G   "C5'"  C  N N 78  
G   "C4'"  C  N R 79  
G   "O4'"  O  N N 80  
G   "C3'"  C  N S 81  
G   "O3'"  O  N N 82  
G   "C2'"  C  N R 83  
G   "O2'"  O  N N 84  
G   "C1'"  C  N R 85  
G   N9     N  Y N 86  
G   C8     C  Y N 87  
G   N7     N  Y N 88  
G   C5     C  Y N 89  
G   C6     C  N N 90  
G   O6     O  N N 91  
G   N1     N  N N 92  
G   C2     C  N N 93  
G   N2     N  N N 94  
G   N3     N  N N 95  
G   C4     C  Y N 96  
G   HOP3   H  N N 97  
G   HOP2   H  N N 98  
G   "H5'"  H  N N 99  
G   "H5''" H  N N 100 
G   "H4'"  H  N N 101 
G   "H3'"  H  N N 102 
G   "HO3'" H  N N 103 
G   "H2'"  H  N N 104 
G   "HO2'" H  N N 105 
G   "H1'"  H  N N 106 
G   H8     H  N N 107 
G   H1     H  N N 108 
G   H21    H  N N 109 
G   H22    H  N N 110 
HOH O      O  N N 111 
HOH H1     H  N N 112 
HOH H2     H  N N 113 
K   K      K  N N 114 
MG  MG     MG N N 115 
U   OP3    O  N N 116 
U   P      P  N N 117 
U   OP1    O  N N 118 
U   OP2    O  N N 119 
U   "O5'"  O  N N 120 
U   "C5'"  C  N N 121 
U   "C4'"  C  N R 122 
U   "O4'"  O  N N 123 
U   "C3'"  C  N S 124 
U   "O3'"  O  N N 125 
U   "C2'"  C  N R 126 
U   "O2'"  O  N N 127 
U   "C1'"  C  N R 128 
U   N1     N  N N 129 
U   C2     C  N N 130 
U   O2     O  N N 131 
U   N3     N  N N 132 
U   C4     C  N N 133 
U   O4     O  N N 134 
U   C5     C  N N 135 
U   C6     C  N N 136 
U   HOP3   H  N N 137 
U   HOP2   H  N N 138 
U   "H5'"  H  N N 139 
U   "H5''" H  N N 140 
U   "H4'"  H  N N 141 
U   "H3'"  H  N N 142 
U   "HO3'" H  N N 143 
U   "H2'"  H  N N 144 
U   "HO2'" H  N N 145 
U   "H1'"  H  N N 146 
U   H3     H  N N 147 
U   H5     H  N N 148 
U   H6     H  N N 149 
# 
loop_
_chem_comp_bond.comp_id 
_chem_comp_bond.atom_id_1 
_chem_comp_bond.atom_id_2 
_chem_comp_bond.value_order 
_chem_comp_bond.pdbx_aromatic_flag 
_chem_comp_bond.pdbx_stereo_config 
_chem_comp_bond.pdbx_ordinal 
A   OP3   P      sing N N 1   
A   OP3   HOP3   sing N N 2   
A   P     OP1    doub N N 3   
A   P     OP2    sing N N 4   
A   P     "O5'"  sing N N 5   
A   OP2   HOP2   sing N N 6   
A   "O5'" "C5'"  sing N N 7   
A   "C5'" "C4'"  sing N N 8   
A   "C5'" "H5'"  sing N N 9   
A   "C5'" "H5''" sing N N 10  
A   "C4'" "O4'"  sing N N 11  
A   "C4'" "C3'"  sing N N 12  
A   "C4'" "H4'"  sing N N 13  
A   "O4'" "C1'"  sing N N 14  
A   "C3'" "O3'"  sing N N 15  
A   "C3'" "C2'"  sing N N 16  
A   "C3'" "H3'"  sing N N 17  
A   "O3'" "HO3'" sing N N 18  
A   "C2'" "O2'"  sing N N 19  
A   "C2'" "C1'"  sing N N 20  
A   "C2'" "H2'"  sing N N 21  
A   "O2'" "HO2'" sing N N 22  
A   "C1'" N9     sing N N 23  
A   "C1'" "H1'"  sing N N 24  
A   N9    C8     sing Y N 25  
A   N9    C4     sing Y N 26  
A   C8    N7     doub Y N 27  
A   C8    H8     sing N N 28  
A   N7    C5     sing Y N 29  
A   C5    C6     sing Y N 30  
A   C5    C4     doub Y N 31  
A   C6    N6     sing N N 32  
A   C6    N1     doub Y N 33  
A   N6    H61    sing N N 34  
A   N6    H62    sing N N 35  
A   N1    C2     sing Y N 36  
A   C2    N3     doub Y N 37  
A   C2    H2     sing N N 38  
A   N3    C4     sing Y N 39  
C   OP3   P      sing N N 40  
C   OP3   HOP3   sing N N 41  
C   P     OP1    doub N N 42  
C   P     OP2    sing N N 43  
C   P     "O5'"  sing N N 44  
C   OP2   HOP2   sing N N 45  
C   "O5'" "C5'"  sing N N 46  
C   "C5'" "C4'"  sing N N 47  
C   "C5'" "H5'"  sing N N 48  
C   "C5'" "H5''" sing N N 49  
C   "C4'" "O4'"  sing N N 50  
C   "C4'" "C3'"  sing N N 51  
C   "C4'" "H4'"  sing N N 52  
C   "O4'" "C1'"  sing N N 53  
C   "C3'" "O3'"  sing N N 54  
C   "C3'" "C2'"  sing N N 55  
C   "C3'" "H3'"  sing N N 56  
C   "O3'" "HO3'" sing N N 57  
C   "C2'" "O2'"  sing N N 58  
C   "C2'" "C1'"  sing N N 59  
C   "C2'" "H2'"  sing N N 60  
C   "O2'" "HO2'" sing N N 61  
C   "C1'" N1     sing N N 62  
C   "C1'" "H1'"  sing N N 63  
C   N1    C2     sing N N 64  
C   N1    C6     sing N N 65  
C   C2    O2     doub N N 66  
C   C2    N3     sing N N 67  
C   N3    C4     doub N N 68  
C   C4    N4     sing N N 69  
C   C4    C5     sing N N 70  
C   N4    H41    sing N N 71  
C   N4    H42    sing N N 72  
C   C5    C6     doub N N 73  
C   C5    H5     sing N N 74  
C   C6    H6     sing N N 75  
G   OP3   P      sing N N 76  
G   OP3   HOP3   sing N N 77  
G   P     OP1    doub N N 78  
G   P     OP2    sing N N 79  
G   P     "O5'"  sing N N 80  
G   OP2   HOP2   sing N N 81  
G   "O5'" "C5'"  sing N N 82  
G   "C5'" "C4'"  sing N N 83  
G   "C5'" "H5'"  sing N N 84  
G   "C5'" "H5''" sing N N 85  
G   "C4'" "O4'"  sing N N 86  
G   "C4'" "C3'"  sing N N 87  
G   "C4'" "H4'"  sing N N 88  
G   "O4'" "C1'"  sing N N 89  
G   "C3'" "O3'"  sing N N 90  
G   "C3'" "C2'"  sing N N 91  
G   "C3'" "H3'"  sing N N 92  
G   "O3'" "HO3'" sing N N 93  
G   "C2'" "O2'"  sing N N 94  
G   "C2'" "C1'"  sing N N 95  
G   "C2'" "H2'"  sing N N 96  
G   "O2'" "HO2'" sing N N 97  
G   "C1'" N9     sing N N 98  
G   "C1'" "H1'"  sing N N 99  
G   N9    C8     sing Y N 100 
G   N9    C4     sing Y N 101 
G   C8    N7     doub Y N 102 
G   C8    H8     sing N N 103 
G   N7    C5     sing Y N 104 
G   C5    C6     sing N N 105 
G   C5    C4     doub Y N 106 
G   C6    O6     doub N N 107 
G   C6    N1     sing N N 108 
G   N1    C2     sing N N 109 
G   N1    H1     sing N N 110 
G   C2    N2     sing N N 111 
G   C2    N3     doub N N 112 
G   N2    H21    sing N N 113 
G   N2    H22    sing N N 114 
G   N3    C4     sing N N 115 
HOH O     H1     sing N N 116 
HOH O     H2     sing N N 117 
U   OP3   P      sing N N 118 
U   OP3   HOP3   sing N N 119 
U   P     OP1    doub N N 120 
U   P     OP2    sing N N 121 
U   P     "O5'"  sing N N 122 
U   OP2   HOP2   sing N N 123 
U   "O5'" "C5'"  sing N N 124 
U   "C5'" "C4'"  sing N N 125 
U   "C5'" "H5'"  sing N N 126 
U   "C5'" "H5''" sing N N 127 
U   "C4'" "O4'"  sing N N 128 
U   "C4'" "C3'"  sing N N 129 
U   "C4'" "H4'"  sing N N 130 
U   "O4'" "C1'"  sing N N 131 
U   "C3'" "O3'"  sing N N 132 
U   "C3'" "C2'"  sing N N 133 
U   "C3'" "H3'"  sing N N 134 
U   "O3'" "HO3'" sing N N 135 
U   "C2'" "O2'"  sing N N 136 
U   "C2'" "C1'"  sing N N 137 
U   "C2'" "H2'"  sing N N 138 
U   "O2'" "HO2'" sing N N 139 
U   "C1'" N1     sing N N 140 
U   "C1'" "H1'"  sing N N 141 
U   N1    C2     sing N N 142 
U   N1    C6     sing N N 143 
U   C2    O2     doub N N 144 
U   C2    N3     sing N N 145 
U   N3    C4     sing N N 146 
U   N3    H3     sing N N 147 
U   C4    O4     doub N N 148 
U   C4    C5     sing N N 149 
U   C5    C6     doub N N 150 
U   C5    H5     sing N N 151 
U   C6    H6     sing N N 152 
# 
loop_
_ndb_struct_conf_na.entry_id 
_ndb_struct_conf_na.feature 
2QEK 'a-form double helix'  
2QEK 'bulge loop'           
2QEK 'mismatched base pair' 
2QEK 'internal loop'        
# 
loop_
_ndb_struct_na_base_pair.model_number 
_ndb_struct_na_base_pair.i_label_asym_id 
_ndb_struct_na_base_pair.i_label_comp_id 
_ndb_struct_na_base_pair.i_label_seq_id 
_ndb_struct_na_base_pair.i_symmetry 
_ndb_struct_na_base_pair.j_label_asym_id 
_ndb_struct_na_base_pair.j_label_comp_id 
_ndb_struct_na_base_pair.j_label_seq_id 
_ndb_struct_na_base_pair.j_symmetry 
_ndb_struct_na_base_pair.shear 
_ndb_struct_na_base_pair.stretch 
_ndb_struct_na_base_pair.stagger 
_ndb_struct_na_base_pair.buckle 
_ndb_struct_na_base_pair.propeller 
_ndb_struct_na_base_pair.opening 
_ndb_struct_na_base_pair.pair_number 
_ndb_struct_na_base_pair.pair_name 
_ndb_struct_na_base_pair.i_auth_asym_id 
_ndb_struct_na_base_pair.i_auth_seq_id 
_ndb_struct_na_base_pair.i_PDB_ins_code 
_ndb_struct_na_base_pair.j_auth_asym_id 
_ndb_struct_na_base_pair.j_auth_seq_id 
_ndb_struct_na_base_pair.j_PDB_ins_code 
_ndb_struct_na_base_pair.hbond_type_28 
_ndb_struct_na_base_pair.hbond_type_12 
1 A C 1  1_555 B G 23 1_555 0.185  -0.189 -0.046 2.272   -26.028 5.670  1  A_C1:G23_B  A 1  ? B 23 ? 19 1 
1 A U 2  1_555 B A 22 1_555 -0.185 -0.194 -0.132 -2.796  -14.407 6.080  2  A_U2:A22_B  A 2  ? B 22 ? 20 1 
1 A U 3  1_555 B A 21 1_555 -0.164 -0.036 0.083  1.827   -10.961 5.869  3  A_U3:A21_B  A 3  ? B 21 ? 20 1 
1 A G 4  1_555 B C 20 1_555 -0.271 -0.059 0.118  -1.171  -9.353  3.152  4  A_G4:C20_B  A 4  ? B 20 ? 19 1 
1 A C 5  1_555 B G 19 1_555 0.296  -0.248 -0.232 3.765   -11.525 -0.859 5  A_C5:G19_B  A 5  ? B 19 ? 19 1 
1 A U 6  1_555 B A 18 1_555 0.054  -0.032 -0.001 -2.986  -13.849 6.878  6  A_U6:A18_B  A 6  ? B 18 ? 20 1 
1 A G 7  1_555 B C 17 1_555 -0.070 -0.022 -0.065 -10.647 -12.522 2.999  7  A_G7:C17_B  A 7  ? B 17 ? 19 1 
1 A A 8  1_555 B A 16 1_555 2.176  1.695  -0.519 -14.383 -14.252 11.913 8  A_A8:A16_B  A 8  ? B 16 ? ?  1 
1 A G 10 1_555 B C 15 1_555 -0.182 -0.061 -0.266 -14.187 -16.973 5.266  9  A_G10:C15_B A 10 ? B 15 ? 19 1 
1 A U 11 1_555 B A 14 1_555 -0.041 -0.067 0.181  -5.614  -6.977  -0.379 10 A_U11:A14_B A 11 ? B 14 ? 20 1 
1 A G 12 1_555 B C 13 1_555 0.098  -0.087 0.045  -3.945  -7.877  0.051  11 A_G12:C13_B A 12 ? B 13 ? 19 1 
1 A C 13 1_555 B G 12 1_555 0.297  -0.224 0.173  1.203   -7.947  -0.327 12 A_C13:G12_B A 13 ? B 12 ? 19 1 
1 A A 14 1_555 B U 11 1_555 0.030  -0.100 0.238  -0.187  -14.615 1.234  13 A_A14:U11_B A 14 ? B 11 ? 20 1 
1 A C 15 1_555 B G 10 1_555 0.198  -0.123 0.251  -5.766  -14.817 -0.588 14 A_C15:G10_B A 15 ? B 10 ? 19 1 
1 A C 17 1_555 B G 7  1_555 0.283  -0.188 0.037  0.693   -18.264 1.641  15 A_C17:G7_B  A 17 ? B 7  ? 19 1 
1 A A 18 1_555 B U 6  1_555 0.163  -0.161 0.195  1.654   -9.373  -0.171 16 A_A18:U6_B  A 18 ? B 6  ? 20 1 
1 A G 19 1_555 B C 5  1_555 -0.298 -0.060 -0.070 0.055   -18.734 -2.114 17 A_G19:C5_B  A 19 ? B 5  ? 19 1 
1 A C 20 1_555 B G 4  1_555 0.282  -0.057 -0.150 6.562   -13.601 2.858  18 A_C20:G4_B  A 20 ? B 4  ? 19 1 
1 A A 21 1_555 B U 3  1_555 0.123  -0.214 0.065  0.194   -10.998 4.695  19 A_A21:U3_B  A 21 ? B 3  ? 20 1 
1 A A 22 1_555 B U 2  1_555 -0.032 -0.153 0.190  1.669   -9.616  2.079  20 A_A22:U2_B  A 22 ? B 2  ? 20 1 
1 A G 23 1_555 B C 1  1_555 -0.243 -0.111 -0.145 -3.334  -18.894 4.758  21 A_G23:C1_B  A 23 ? B 1  ? 19 1 
# 
loop_
_ndb_struct_na_base_pair_step.model_number 
_ndb_struct_na_base_pair_step.i_label_asym_id_1 
_ndb_struct_na_base_pair_step.i_label_comp_id_1 
_ndb_struct_na_base_pair_step.i_label_seq_id_1 
_ndb_struct_na_base_pair_step.i_symmetry_1 
_ndb_struct_na_base_pair_step.j_label_asym_id_1 
_ndb_struct_na_base_pair_step.j_label_comp_id_1 
_ndb_struct_na_base_pair_step.j_label_seq_id_1 
_ndb_struct_na_base_pair_step.j_symmetry_1 
_ndb_struct_na_base_pair_step.i_label_asym_id_2 
_ndb_struct_na_base_pair_step.i_label_comp_id_2 
_ndb_struct_na_base_pair_step.i_label_seq_id_2 
_ndb_struct_na_base_pair_step.i_symmetry_2 
_ndb_struct_na_base_pair_step.j_label_asym_id_2 
_ndb_struct_na_base_pair_step.j_label_comp_id_2 
_ndb_struct_na_base_pair_step.j_label_seq_id_2 
_ndb_struct_na_base_pair_step.j_symmetry_2 
_ndb_struct_na_base_pair_step.shift 
_ndb_struct_na_base_pair_step.slide 
_ndb_struct_na_base_pair_step.rise 
_ndb_struct_na_base_pair_step.tilt 
_ndb_struct_na_base_pair_step.roll 
_ndb_struct_na_base_pair_step.twist 
_ndb_struct_na_base_pair_step.x_displacement 
_ndb_struct_na_base_pair_step.y_displacement 
_ndb_struct_na_base_pair_step.helical_rise 
_ndb_struct_na_base_pair_step.inclination 
_ndb_struct_na_base_pair_step.tip 
_ndb_struct_na_base_pair_step.helical_twist 
_ndb_struct_na_base_pair_step.step_number 
_ndb_struct_na_base_pair_step.step_name 
_ndb_struct_na_base_pair_step.i_auth_asym_id_1 
_ndb_struct_na_base_pair_step.i_auth_seq_id_1 
_ndb_struct_na_base_pair_step.i_PDB_ins_code_1 
_ndb_struct_na_base_pair_step.j_auth_asym_id_1 
_ndb_struct_na_base_pair_step.j_auth_seq_id_1 
_ndb_struct_na_base_pair_step.j_PDB_ins_code_1 
_ndb_struct_na_base_pair_step.i_auth_asym_id_2 
_ndb_struct_na_base_pair_step.i_auth_seq_id_2 
_ndb_struct_na_base_pair_step.i_PDB_ins_code_2 
_ndb_struct_na_base_pair_step.j_auth_asym_id_2 
_ndb_struct_na_base_pair_step.j_auth_seq_id_2 
_ndb_struct_na_base_pair_step.j_PDB_ins_code_2 
1 A C 1  1_555 B G 23 1_555 A U 2  1_555 B A 22 1_555 -0.284 -1.204 3.329 -1.816 15.301 33.784 -3.842 0.216  2.576 24.792 2.943   
37.039 1  AA_C1U2:A22G23_BB   A 1  ? B 23 ? A 2  ? B 22 ? 
1 A U 2  1_555 B A 22 1_555 A U 3  1_555 B A 21 1_555 0.367  -1.236 3.193 -1.426 5.086  31.441 -3.126 -0.914 2.943 9.303  2.608   
31.871 2  AA_U2U3:A21A22_BB   A 2  ? B 22 ? A 3  ? B 21 ? 
1 A U 3  1_555 B A 21 1_555 A G 4  1_555 B C 20 1_555 -0.115 -1.754 3.141 -1.691 12.196 29.427 -5.109 -0.055 2.257 22.791 3.161   
31.847 3  AA_U3G4:C20A21_BB   A 3  ? B 21 ? A 4  ? B 20 ? 
1 A G 4  1_555 B C 20 1_555 A C 5  1_555 B G 19 1_555 -0.418 -1.607 3.056 2.426  4.481  35.085 -3.231 1.008  2.802 7.384  -3.999  
35.442 4  AA_G4C5:G19C20_BB   A 4  ? B 20 ? A 5  ? B 19 ? 
1 A C 5  1_555 B G 19 1_555 A U 6  1_555 B A 18 1_555 0.901  -1.567 3.299 2.087  10.386 31.747 -4.348 -1.241 2.718 18.357 -3.690  
33.424 5  AA_C5U6:A18G19_BB   A 5  ? B 19 ? A 6  ? B 18 ? 
1 A U 6  1_555 B A 18 1_555 A G 7  1_555 B C 17 1_555 0.377  -1.663 3.362 0.892  14.138 31.342 -4.871 -0.509 2.419 24.655 -1.555  
34.321 6  AA_U6G7:C17A18_BB   A 6  ? B 18 ? A 7  ? B 17 ? 
1 A G 7  1_555 B C 17 1_555 A A 8  1_555 B A 16 1_555 0.506  -1.412 3.363 7.399  7.697  38.517 -2.959 0.114  3.079 11.403 -10.961 
39.915 7  AA_G7A8:A16C17_BB   A 7  ? B 17 ? A 8  ? B 16 ? 
1 A A 8  1_555 B A 16 1_555 A G 10 1_555 B C 15 1_555 -2.662 -2.631 3.563 8.632  10.705 31.346 -5.936 5.708  1.818 18.726 -15.100 
34.160 8  AA_A8G10:C15A16_BB  A 8  ? B 16 ? A 10 ? B 15 ? 
1 A G 10 1_555 B C 15 1_555 A U 11 1_555 B A 14 1_555 -0.584 -1.373 3.106 -4.084 3.722  31.179 -3.161 0.364  2.976 6.857  7.525   
31.653 9  AA_G10U11:A14C15_BB A 10 ? B 15 ? A 11 ? B 14 ? 
1 A U 11 1_555 B A 14 1_555 A G 12 1_555 B C 13 1_555 0.275  -1.507 3.097 0.832  14.347 29.639 -4.746 -0.364 2.164 26.196 -1.518  
32.869 10 AA_U11G12:C13A14_BB A 11 ? B 14 ? A 12 ? B 13 ? 
1 A G 12 1_555 B C 13 1_555 A C 13 1_555 B G 12 1_555 0.257  -1.580 3.184 -0.200 3.163  32.716 -3.307 -0.486 3.021 5.599  0.354   
32.865 11 AA_G12C13:G12C13_BB A 12 ? B 13 ? A 13 ? B 12 ? 
1 A C 13 1_555 B G 12 1_555 A A 14 1_555 B U 11 1_555 -0.074 -1.469 3.074 0.435  8.206  31.777 -3.850 0.197  2.622 14.682 -0.779  
32.796 12 AA_C13A14:U11G12_BB A 13 ? B 12 ? A 14 ? B 11 ? 
1 A A 14 1_555 B U 11 1_555 A C 15 1_555 B G 10 1_555 0.295  -1.469 3.334 2.420  4.602  34.055 -3.193 -0.124 3.128 7.802  -4.103  
34.438 13 AA_A14C15:G10U11_BB A 14 ? B 11 ? A 15 ? B 10 ? 
1 A C 17 1_555 B G 7  1_555 A A 18 1_555 B U 6  1_555 -0.653 -1.252 3.076 -2.165 11.454 32.015 -3.757 0.810  2.530 19.959 3.773   
34.018 14 AA_C17A18:U6G7_BB   A 17 ? B 7  ? A 18 ? B 6  ? 
1 A A 18 1_555 B U 6  1_555 A G 19 1_555 B C 5  1_555 -0.325 -1.112 3.232 0.174  8.217  31.257 -3.379 0.614  2.854 14.930 -0.317  
32.293 15 AA_A18G19:C5U6_BB   A 18 ? B 6  ? A 19 ? B 5  ? 
1 A G 19 1_555 B C 5  1_555 A C 20 1_555 B G 4  1_555 0.688  -1.088 3.034 1.020  6.298  33.250 -2.784 -1.034 2.806 10.882 -1.762  
33.839 16 AA_G19C20:G4C5_BB   A 19 ? B 5  ? A 20 ? B 4  ? 
1 A C 20 1_555 B G 4  1_555 A A 21 1_555 B U 3  1_555 0.025  -1.474 3.363 0.214  13.161 30.601 -4.646 -0.011 2.532 23.613 -0.384  
33.250 17 AA_C20A21:U3G4_BB   A 20 ? B 4  ? A 21 ? B 3  ? 
1 A A 21 1_555 B U 3  1_555 A A 22 1_555 B U 2  1_555 -0.370 -1.456 3.129 -1.289 7.269  31.156 -3.835 0.459  2.740 13.300 2.358   
31.998 18 AA_A21A22:U2U3_BB   A 21 ? B 3  ? A 22 ? B 2  ? 
1 A A 22 1_555 B U 2  1_555 A G 23 1_555 B C 1  1_555 0.257  -1.963 3.311 3.640  14.034 29.593 -5.602 0.100  2.197 25.628 -6.647  
32.882 19 AA_A22G23:C1U2_BB   A 22 ? B 2  ? A 23 ? B 1  ? 
# 
loop_
_pdbx_entity_nonpoly.entity_id 
_pdbx_entity_nonpoly.name 
_pdbx_entity_nonpoly.comp_id 
2 'POTASSIUM ION' K   
3 'MAGNESIUM ION' MG  
4 water           HOH 
# 
_pdbx_initial_refinement_model.id               1 
_pdbx_initial_refinement_model.entity_id_list   ? 
_pdbx_initial_refinement_model.type             'experimental model' 
_pdbx_initial_refinement_model.source_name      PDB 
_pdbx_initial_refinement_model.accession_code   1Y99 
_pdbx_initial_refinement_model.details          ? 
# 
